data_6WLB
#
_entry.id   6WLB
#
_cell.length_a   1.00
_cell.length_b   1.00
_cell.length_c   1.00
_cell.angle_alpha   90.00
_cell.angle_beta   90.00
_cell.angle_gamma   90.00
#
_symmetry.space_group_name_H-M   'P 1'
#
loop_
_entity.id
_entity.type
_entity.pdbx_description
1 polymer 'Cellulose synthase'
2 branched beta-D-glucopyranose-(1-4)-beta-D-glucopyranose-(1-4)-beta-D-glucopyranose-(1-4)-beta-D-glucopyranose-(1-4)-beta-D-glucopyranose
#
_entity_poly.entity_id   1
_entity_poly.type   'polypeptide(L)'
_entity_poly.pdbx_seq_one_letter_code
;MHHHHHHHHHHHHMMESGAPICHTCGEQVGHDANGDLFVACHECNYHICKSCFEYEIKEGRKVCLRCGSPYDENLLDDVE
KKGSGNQSTMASHLNNSQDVGIHARHISSVSTVDSEMNDEYGNPIWKNRVESWKDKRNKKKKSNTKPETEPAQVPPEQQM
ENKPSAEASEPLSIVYPIPRNKLTPYRAVIIMRLIILGLFFHYRITNPVDSAFGLWLTSVICEIWFAFSWVLDQFPKWKP
VNRETFIERLSARYEREGEPSQLAAVDFFVSTVDPLKEPPLITANTVLSILAVDYPVDKVSCYVSDDGAAMLTFESLVET
AEFARKWVPFCKKFSIEPRAPEFYFSQKIDYLKDKVQPSFVKERRAMKRDYEEYKVRVNALVAKAQKTPDEGWTMQDGTP
WPGNNTRDHPGMIQVFLGNTGARDIEGNELPRLVYVSREKRPGYQHHKKAGAENALVRVSAVLTNAPYILNLDCDHYVNN
SKAVREAMCILMDPQVGRDVCYVQFPQRFDGIDRSDRYANRNIVFFDVNMKGLDGIQGPMYVGTGCVFNRQALYGYGPPS
MPRLRKGKESSSCFSCCCPTKKKPAQDPAEVYRDAKREDLNAAIFNLTEIDNYDDYERSMLISQLSFEKTFGLSPVFIES
TLMENGGVPESANSSTLIKEAIHVIGCGFEEKTEWGKEIGWIYGSVTEDILSGFKMHCRGWRSIYCMPVRPAFKGSAPIN
LSDRLHQVLRWALGSVEIFFSRHCPFWYGYGGGRLKWLQRLAYINTIVYPFTSLPLIAYCTIPAVCLLTGKFIIPTLSNL
ASMLFLGLFISIIVTAVLELRWSGVSIEDLWRNEQFWVIGGVSAHLFAVFQGFLKMLAGIDTNFTVTAKAADDTEFGELY
MVKWTTLLIPPTTLLIINIVGVVAGFSDALNKGYEAWGPLFGKVFFAFWVILHLYPFLKGLMGRQNRTPTIVVLWSVLLT
SVFSLVWVKINPFVNKVDNTLAGETCISIDC
;
_entity_poly.pdbx_strand_id   A,C,B
#
loop_
_chem_comp.id
_chem_comp.type
_chem_comp.name
_chem_comp.formula
BGC D-saccharide, beta linking beta-D-glucopyranose 'C6 H12 O6'
#
# COMPACT_ATOMS: atom_id res chain seq x y z
N GLU A 170 14.39 32.88 -36.61
CA GLU A 170 13.23 32.36 -35.91
C GLU A 170 13.45 32.41 -34.40
N PRO A 171 12.37 32.50 -33.62
CA PRO A 171 12.50 32.52 -32.15
C PRO A 171 12.66 31.10 -31.61
N LEU A 172 13.82 30.83 -31.00
CA LEU A 172 14.07 29.49 -30.48
C LEU A 172 13.27 29.24 -29.21
N SER A 173 13.00 30.27 -28.42
CA SER A 173 12.18 30.16 -27.22
C SER A 173 11.19 31.32 -27.21
N ILE A 174 10.00 31.06 -26.67
CA ILE A 174 8.96 32.09 -26.57
C ILE A 174 8.56 32.24 -25.12
N VAL A 175 8.32 33.47 -24.71
CA VAL A 175 7.95 33.83 -23.34
C VAL A 175 6.62 34.54 -23.41
N TYR A 176 5.55 33.85 -23.02
CA TYR A 176 4.21 34.44 -23.03
C TYR A 176 3.70 34.63 -21.61
N PRO A 177 3.06 35.77 -21.30
CA PRO A 177 2.54 35.96 -19.94
C PRO A 177 1.28 35.15 -19.70
N ILE A 178 0.65 35.35 -18.55
CA ILE A 178 -0.59 34.66 -18.20
C ILE A 178 -1.63 35.04 -19.25
N PRO A 179 -2.56 34.15 -19.62
CA PRO A 179 -3.51 34.48 -20.70
C PRO A 179 -4.40 35.68 -20.42
N ARG A 180 -4.25 36.31 -19.26
CA ARG A 180 -4.97 37.49 -18.81
C ARG A 180 -6.38 37.13 -18.32
N ASN A 181 -6.82 35.88 -18.46
CA ASN A 181 -8.07 35.44 -17.87
C ASN A 181 -7.92 35.09 -16.41
N LYS A 182 -6.69 34.94 -15.92
CA LYS A 182 -6.42 34.61 -14.52
C LYS A 182 -5.55 35.65 -13.82
N LEU A 183 -5.08 36.68 -14.54
CA LEU A 183 -4.16 37.66 -13.98
C LEU A 183 -4.84 38.94 -13.55
N THR A 184 -5.73 39.50 -14.39
CA THR A 184 -6.46 40.69 -13.97
C THR A 184 -7.36 40.42 -12.77
N PRO A 185 -8.09 39.31 -12.69
CA PRO A 185 -8.85 39.04 -11.45
C PRO A 185 -7.95 38.92 -10.23
N TYR A 186 -6.78 38.29 -10.38
CA TYR A 186 -5.81 38.27 -9.29
C TYR A 186 -5.42 39.67 -8.86
N ARG A 187 -5.07 40.52 -9.81
CA ARG A 187 -4.66 41.88 -9.47
C ARG A 187 -5.78 42.62 -8.75
N ALA A 188 -7.00 42.50 -9.27
CA ALA A 188 -8.13 43.19 -8.65
C ALA A 188 -8.38 42.69 -7.25
N VAL A 189 -8.34 41.38 -7.05
CA VAL A 189 -8.64 40.82 -5.73
C VAL A 189 -7.55 41.19 -4.73
N ILE A 190 -6.29 41.18 -5.15
CA ILE A 190 -5.22 41.53 -4.22
C ILE A 190 -5.28 43.01 -3.87
N ILE A 191 -5.63 43.87 -4.84
CA ILE A 191 -5.80 45.28 -4.53
C ILE A 191 -6.96 45.49 -3.56
N MET A 192 -8.05 44.75 -3.77
CA MET A 192 -9.18 44.84 -2.84
C MET A 192 -8.76 44.39 -1.45
N ARG A 193 -7.98 43.31 -1.36
CA ARG A 193 -7.48 42.85 -0.07
C ARG A 193 -6.63 43.90 0.61
N LEU A 194 -5.75 44.56 -0.15
CA LEU A 194 -4.92 45.61 0.41
C LEU A 194 -5.77 46.77 0.93
N ILE A 195 -6.79 47.17 0.17
CA ILE A 195 -7.66 48.27 0.60
C ILE A 195 -8.40 47.88 1.87
N ILE A 196 -8.91 46.66 1.92
CA ILE A 196 -9.62 46.19 3.11
C ILE A 196 -8.69 46.17 4.31
N LEU A 197 -7.45 45.71 4.13
CA LEU A 197 -6.49 45.70 5.22
C LEU A 197 -6.21 47.11 5.71
N GLY A 198 -6.04 48.06 4.79
CA GLY A 198 -5.79 49.43 5.19
C GLY A 198 -6.94 50.01 5.99
N LEU A 199 -8.17 49.81 5.51
CA LEU A 199 -9.34 50.28 6.25
C LEU A 199 -9.42 49.62 7.62
N PHE A 200 -9.19 48.32 7.67
CA PHE A 200 -9.21 47.57 8.92
C PHE A 200 -8.22 48.17 9.92
N PHE A 201 -6.99 48.43 9.47
CA PHE A 201 -5.97 48.93 10.38
C PHE A 201 -6.27 50.35 10.82
N HIS A 202 -6.78 51.19 9.91
CA HIS A 202 -7.15 52.54 10.32
C HIS A 202 -8.23 52.50 11.39
N TYR A 203 -9.27 51.69 11.17
CA TYR A 203 -10.34 51.60 12.15
C TYR A 203 -9.84 51.04 13.48
N ARG A 204 -8.98 50.01 13.43
CA ARG A 204 -8.43 49.44 14.65
C ARG A 204 -7.61 50.47 15.42
N ILE A 205 -6.78 51.24 14.70
CA ILE A 205 -5.96 52.24 15.36
C ILE A 205 -6.82 53.31 16.00
N THR A 206 -7.89 53.73 15.31
CA THR A 206 -8.63 54.89 15.79
C THR A 206 -9.68 54.52 16.85
N ASN A 207 -10.65 53.67 16.50
CA ASN A 207 -11.83 53.54 17.35
C ASN A 207 -11.61 52.71 18.60
N PRO A 208 -11.24 51.43 18.50
CA PRO A 208 -11.26 50.58 19.69
C PRO A 208 -10.08 50.81 20.63
N VAL A 209 -10.34 50.63 21.92
CA VAL A 209 -9.32 50.62 22.94
C VAL A 209 -9.19 49.24 23.59
N ASP A 210 -10.31 48.55 23.77
CA ASP A 210 -10.40 47.18 24.28
C ASP A 210 -10.22 47.08 25.80
N SER A 211 -10.20 48.21 26.51
CA SER A 211 -10.13 48.29 27.97
C SER A 211 -8.79 47.83 28.53
N ALA A 212 -7.85 47.38 27.69
CA ALA A 212 -6.52 46.98 28.14
C ALA A 212 -5.50 47.55 27.16
N PHE A 213 -4.45 48.16 27.69
CA PHE A 213 -3.50 48.86 26.84
C PHE A 213 -2.42 47.92 26.32
N GLY A 214 -1.73 47.21 27.21
CA GLY A 214 -0.58 46.41 26.79
C GLY A 214 -0.96 45.29 25.84
N LEU A 215 -2.00 44.53 26.19
CA LEU A 215 -2.43 43.41 25.36
C LEU A 215 -2.85 43.89 23.97
N TRP A 216 -3.68 44.93 23.93
CA TRP A 216 -4.16 45.44 22.65
C TRP A 216 -3.00 46.01 21.83
N LEU A 217 -2.06 46.69 22.48
CA LEU A 217 -0.91 47.24 21.77
C LEU A 217 -0.07 46.14 21.17
N THR A 218 0.18 45.07 21.93
CA THR A 218 0.94 43.95 21.39
C THR A 218 0.21 43.33 20.19
N SER A 219 -1.10 43.13 20.33
CA SER A 219 -1.86 42.54 19.23
C SER A 219 -1.80 43.40 17.99
N VAL A 220 -2.00 44.72 18.14
CA VAL A 220 -2.05 45.59 16.97
C VAL A 220 -0.68 45.72 16.34
N ILE A 221 0.39 45.81 17.15
CA ILE A 221 1.72 45.94 16.57
C ILE A 221 2.11 44.66 15.84
N CYS A 222 1.80 43.50 16.41
CA CYS A 222 2.12 42.25 15.71
C CYS A 222 1.31 42.12 14.43
N GLU A 223 0.03 42.54 14.46
CA GLU A 223 -0.78 42.49 13.24
C GLU A 223 -0.22 43.43 12.17
N ILE A 224 0.24 44.62 12.58
CA ILE A 224 0.81 45.55 11.62
C ILE A 224 2.09 45.00 11.03
N TRP A 225 2.93 44.36 11.85
CA TRP A 225 4.13 43.73 11.34
C TRP A 225 3.78 42.63 10.34
N PHE A 226 2.76 41.82 10.65
CA PHE A 226 2.31 40.80 9.71
C PHE A 226 1.83 41.42 8.42
N ALA A 227 1.10 42.53 8.50
CA ALA A 227 0.59 43.19 7.30
C ALA A 227 1.73 43.71 6.43
N PHE A 228 2.74 44.33 7.05
CA PHE A 228 3.90 44.76 6.28
C PHE A 228 4.59 43.58 5.62
N SER A 229 4.77 42.48 6.37
CA SER A 229 5.42 41.31 5.80
C SER A 229 4.63 40.77 4.62
N TRP A 230 3.30 40.68 4.76
CA TRP A 230 2.48 40.11 3.69
C TRP A 230 2.47 41.01 2.46
N VAL A 231 2.34 42.33 2.65
CA VAL A 231 2.31 43.23 1.51
C VAL A 231 3.65 43.25 0.80
N LEU A 232 4.75 43.13 1.55
CA LEU A 232 6.08 43.09 0.93
C LEU A 232 6.41 41.73 0.35
N ASP A 233 5.67 40.68 0.72
CA ASP A 233 5.89 39.35 0.17
C ASP A 233 5.01 39.03 -1.02
N GLN A 234 3.82 39.63 -1.09
CA GLN A 234 2.88 39.28 -2.16
C GLN A 234 3.15 40.03 -3.45
N PHE A 235 3.73 41.23 -3.37
CA PHE A 235 3.96 42.01 -4.59
C PHE A 235 4.87 41.31 -5.58
N PRO A 236 5.97 40.66 -5.19
CA PRO A 236 6.82 39.99 -6.18
C PRO A 236 6.07 38.99 -7.06
N LYS A 237 4.98 38.40 -6.56
CA LYS A 237 4.19 37.49 -7.37
C LYS A 237 3.46 38.20 -8.50
N TRP A 238 3.44 39.53 -8.52
CA TRP A 238 2.78 40.27 -9.58
C TRP A 238 3.41 39.97 -10.93
N LYS A 239 2.58 39.88 -11.96
CA LYS A 239 3.04 39.66 -13.33
C LYS A 239 3.76 38.34 -13.47
N PRO A 240 3.08 37.20 -13.29
CA PRO A 240 3.71 35.91 -13.59
C PRO A 240 3.93 35.75 -15.09
N VAL A 241 4.94 34.95 -15.43
CA VAL A 241 5.34 34.75 -16.81
C VAL A 241 5.68 33.29 -17.04
N ASN A 242 5.32 32.78 -18.21
CA ASN A 242 5.63 31.43 -18.63
C ASN A 242 6.59 31.46 -19.82
N ARG A 243 7.18 30.30 -20.12
CA ARG A 243 8.19 30.19 -21.16
C ARG A 243 8.17 28.79 -21.74
N GLU A 244 8.58 28.67 -23.00
CA GLU A 244 8.80 27.36 -23.60
C GLU A 244 9.93 27.47 -24.61
N THR A 245 10.61 26.34 -24.82
CA THR A 245 11.78 26.24 -25.67
C THR A 245 11.52 25.27 -26.81
N PHE A 246 12.32 25.39 -27.87
CA PHE A 246 12.12 24.66 -29.12
C PHE A 246 13.43 23.98 -29.53
N ILE A 247 13.64 22.77 -29.00
CA ILE A 247 14.85 22.01 -29.33
C ILE A 247 14.87 21.65 -30.81
N GLU A 248 13.69 21.43 -31.41
CA GLU A 248 13.64 21.11 -32.83
C GLU A 248 14.27 22.21 -33.66
N ARG A 249 13.87 23.46 -33.42
CA ARG A 249 14.45 24.59 -34.16
C ARG A 249 15.90 24.84 -33.75
N LEU A 250 16.24 24.63 -32.48
CA LEU A 250 17.65 24.73 -32.09
C LEU A 250 18.51 23.80 -32.93
N SER A 251 18.11 22.53 -33.03
CA SER A 251 18.87 21.56 -33.82
C SER A 251 18.83 21.92 -35.30
N ALA A 252 17.68 22.39 -35.79
CA ALA A 252 17.56 22.71 -37.21
C ALA A 252 18.54 23.81 -37.60
N ARG A 253 18.70 24.84 -36.76
CA ARG A 253 19.54 25.97 -37.12
C ARG A 253 21.00 25.73 -36.71
N TYR A 254 21.26 25.54 -35.42
CA TYR A 254 22.64 25.55 -34.93
C TYR A 254 23.38 24.26 -35.24
N GLU A 255 22.69 23.12 -35.32
CA GLU A 255 23.37 21.87 -35.60
C GLU A 255 24.04 21.91 -36.98
N ARG A 256 23.34 22.44 -37.98
CA ARG A 256 23.88 22.61 -39.33
C ARG A 256 24.41 21.27 -39.86
N GLU A 257 23.47 20.34 -40.06
CA GLU A 257 23.82 19.01 -40.52
C GLU A 257 24.59 19.08 -41.85
N GLY A 258 25.66 18.30 -41.94
CA GLY A 258 26.53 18.30 -43.09
C GLY A 258 27.77 19.16 -42.95
N GLU A 259 27.84 19.99 -41.91
CA GLU A 259 28.97 20.85 -41.64
C GLU A 259 29.28 20.78 -40.16
N PRO A 260 30.48 21.20 -39.75
CA PRO A 260 30.87 21.06 -38.35
C PRO A 260 29.90 21.77 -37.41
N SER A 261 29.67 21.17 -36.25
CA SER A 261 28.73 21.71 -35.29
C SER A 261 29.21 23.06 -34.77
N GLN A 262 28.26 23.91 -34.40
CA GLN A 262 28.53 25.24 -33.87
C GLN A 262 27.82 25.44 -32.55
N LEU A 263 27.97 24.47 -31.65
CA LEU A 263 27.39 24.52 -30.32
C LEU A 263 28.47 24.82 -29.30
N ALA A 264 28.13 25.68 -28.33
CA ALA A 264 29.11 26.11 -27.34
C ALA A 264 29.43 24.99 -26.36
N ALA A 265 30.63 25.06 -25.79
CA ALA A 265 31.06 24.05 -24.83
C ALA A 265 30.35 24.26 -23.49
N VAL A 266 30.27 23.17 -22.72
CA VAL A 266 29.66 23.17 -21.40
C VAL A 266 30.58 22.44 -20.44
N ASP A 267 30.75 23.00 -19.24
CA ASP A 267 31.56 22.40 -18.19
C ASP A 267 30.66 22.06 -17.02
N PHE A 268 30.38 20.77 -16.82
CA PHE A 268 29.62 20.32 -15.67
C PHE A 268 30.52 20.23 -14.45
N PHE A 269 30.01 20.67 -13.30
CA PHE A 269 30.75 20.64 -12.05
C PHE A 269 30.05 19.73 -11.04
N VAL A 270 30.84 18.92 -10.35
CA VAL A 270 30.35 18.10 -9.25
C VAL A 270 31.36 18.20 -8.11
N SER A 271 30.87 18.44 -6.89
CA SER A 271 31.73 18.60 -5.72
C SER A 271 31.31 17.64 -4.63
N THR A 272 32.30 17.02 -3.98
CA THR A 272 32.08 16.07 -2.90
C THR A 272 32.90 16.49 -1.69
N VAL A 273 32.40 16.16 -0.51
CA VAL A 273 33.05 16.52 0.75
C VAL A 273 33.78 15.34 1.37
N ASP A 274 33.10 14.19 1.48
CA ASP A 274 33.70 13.02 2.12
C ASP A 274 32.93 11.79 1.71
N PRO A 275 33.60 10.67 1.43
CA PRO A 275 32.86 9.47 0.99
C PRO A 275 32.17 8.70 2.10
N LEU A 276 32.55 8.92 3.36
CA LEU A 276 31.91 8.17 4.45
C LEU A 276 30.52 8.70 4.73
N LYS A 277 30.34 10.02 4.73
CA LYS A 277 29.03 10.58 5.05
C LYS A 277 27.99 10.18 4.01
N GLU A 278 28.37 10.22 2.73
CA GLU A 278 27.49 9.80 1.65
C GLU A 278 28.21 8.75 0.82
N PRO A 279 27.58 7.64 0.48
CA PRO A 279 28.29 6.58 -0.22
C PRO A 279 28.78 7.06 -1.58
N PRO A 280 29.92 6.56 -2.05
CA PRO A 280 30.40 6.95 -3.38
C PRO A 280 29.54 6.42 -4.52
N LEU A 281 28.60 5.52 -4.24
CA LEU A 281 27.75 4.99 -5.31
C LEU A 281 26.90 6.10 -5.91
N ILE A 282 26.36 7.00 -5.09
CA ILE A 282 25.56 8.10 -5.61
C ILE A 282 26.42 9.04 -6.44
N THR A 283 27.64 9.31 -5.99
CA THR A 283 28.54 10.16 -6.77
C THR A 283 28.85 9.52 -8.12
N ALA A 284 29.10 8.21 -8.13
CA ALA A 284 29.34 7.52 -9.39
C ALA A 284 28.11 7.57 -10.30
N ASN A 285 26.92 7.42 -9.72
CA ASN A 285 25.70 7.46 -10.50
C ASN A 285 25.52 8.82 -11.16
N THR A 286 25.71 9.89 -10.40
CA THR A 286 25.56 11.23 -10.96
C THR A 286 26.66 11.52 -11.98
N VAL A 287 27.88 11.01 -11.76
CA VAL A 287 28.94 11.18 -12.74
C VAL A 287 28.58 10.49 -14.05
N LEU A 288 28.02 9.27 -13.96
CA LEU A 288 27.59 8.57 -15.15
C LEU A 288 26.48 9.32 -15.87
N SER A 289 25.51 9.84 -15.11
CA SER A 289 24.43 10.61 -15.73
C SER A 289 24.99 11.83 -16.44
N ILE A 290 25.98 12.49 -15.83
CA ILE A 290 26.61 13.65 -16.48
C ILE A 290 27.32 13.22 -17.75
N LEU A 291 28.03 12.09 -17.71
CA LEU A 291 28.79 11.61 -18.86
C LEU A 291 27.90 11.05 -19.96
N ALA A 292 26.62 10.81 -19.68
CA ALA A 292 25.70 10.22 -20.65
C ALA A 292 24.61 11.21 -21.06
N VAL A 293 24.99 12.46 -21.30
CA VAL A 293 24.05 13.48 -21.75
C VAL A 293 24.01 13.47 -23.28
N ASP A 294 22.96 14.05 -23.85
CA ASP A 294 22.79 14.14 -25.29
C ASP A 294 23.39 15.46 -25.77
N TYR A 295 24.70 15.44 -25.97
CA TYR A 295 25.44 16.60 -26.43
C TYR A 295 26.69 16.10 -27.13
N PRO A 296 27.23 16.85 -28.10
CA PRO A 296 28.45 16.41 -28.76
C PRO A 296 29.57 16.15 -27.75
N VAL A 297 30.27 15.03 -27.95
CA VAL A 297 31.29 14.61 -26.99
C VAL A 297 32.40 15.64 -26.90
N ASP A 298 32.67 16.37 -27.99
CA ASP A 298 33.76 17.34 -27.97
C ASP A 298 33.42 18.57 -27.15
N LYS A 299 32.14 18.81 -26.86
CA LYS A 299 31.74 20.01 -26.14
C LYS A 299 31.62 19.76 -24.63
N VAL A 300 30.77 18.82 -24.24
CA VAL A 300 30.54 18.57 -22.82
C VAL A 300 31.82 18.08 -22.16
N SER A 301 32.11 18.63 -20.98
CA SER A 301 33.26 18.19 -20.19
C SER A 301 32.88 18.20 -18.72
N CYS A 302 33.16 17.10 -18.03
CA CYS A 302 32.78 16.94 -16.63
C CYS A 302 33.99 17.16 -15.73
N TYR A 303 33.75 17.78 -14.57
CA TYR A 303 34.78 18.04 -13.57
C TYR A 303 34.26 17.58 -12.22
N VAL A 304 35.09 16.84 -11.50
CA VAL A 304 34.76 16.33 -10.17
C VAL A 304 35.83 16.81 -9.20
N SER A 305 35.39 17.43 -8.11
CA SER A 305 36.27 17.95 -7.08
C SER A 305 35.93 17.31 -5.74
N ASP A 306 36.95 17.11 -4.92
CA ASP A 306 36.78 16.53 -3.59
C ASP A 306 37.59 17.32 -2.58
N ASP A 307 37.01 17.55 -1.40
CA ASP A 307 37.69 18.24 -0.32
C ASP A 307 38.36 17.31 0.65
N GLY A 308 37.86 16.07 0.79
CA GLY A 308 38.48 15.11 1.68
C GLY A 308 39.75 14.47 1.15
N ALA A 309 39.95 14.50 -0.17
CA ALA A 309 41.14 13.92 -0.79
C ALA A 309 41.30 12.46 -0.40
N ALA A 310 40.19 11.72 -0.44
CA ALA A 310 40.18 10.32 -0.05
C ALA A 310 40.44 9.43 -1.26
N MET A 311 41.20 8.36 -1.05
CA MET A 311 41.49 7.41 -2.12
C MET A 311 40.28 6.59 -2.52
N LEU A 312 39.30 6.45 -1.62
CA LEU A 312 38.09 5.70 -1.96
C LEU A 312 37.36 6.37 -3.13
N THR A 313 37.23 7.70 -3.09
CA THR A 313 36.58 8.40 -4.19
C THR A 313 37.37 8.24 -5.49
N PHE A 314 38.70 8.31 -5.41
CA PHE A 314 39.51 8.15 -6.61
C PHE A 314 39.33 6.76 -7.22
N GLU A 315 39.34 5.72 -6.39
CA GLU A 315 39.15 4.37 -6.91
C GLU A 315 37.73 4.19 -7.47
N SER A 316 36.73 4.77 -6.79
CA SER A 316 35.37 4.70 -7.31
C SER A 316 35.27 5.36 -8.67
N LEU A 317 35.92 6.51 -8.84
CA LEU A 317 35.91 7.17 -10.14
C LEU A 317 36.65 6.35 -11.18
N VAL A 318 37.75 5.69 -10.79
CA VAL A 318 38.49 4.86 -11.72
C VAL A 318 37.60 3.72 -12.24
N GLU A 319 36.87 3.07 -11.33
CA GLU A 319 35.97 2.00 -11.76
C GLU A 319 34.79 2.57 -12.57
N THR A 320 34.29 3.74 -12.18
CA THR A 320 33.21 4.37 -12.92
C THR A 320 33.64 4.72 -14.34
N ALA A 321 34.93 4.97 -14.55
CA ALA A 321 35.41 5.22 -15.91
C ALA A 321 35.17 4.01 -16.80
N GLU A 322 35.55 2.82 -16.33
CA GLU A 322 35.31 1.61 -17.10
C GLU A 322 33.81 1.34 -17.25
N PHE A 323 33.05 1.53 -16.18
CA PHE A 323 31.61 1.27 -16.27
C PHE A 323 30.96 2.22 -17.27
N ALA A 324 31.40 3.48 -17.31
CA ALA A 324 30.90 4.42 -18.30
C ALA A 324 31.31 3.99 -19.71
N ARG A 325 32.57 3.55 -19.88
CA ARG A 325 32.98 3.04 -21.17
C ARG A 325 32.05 1.94 -21.65
N LYS A 326 31.58 1.10 -20.70
CA LYS A 326 30.67 0.02 -21.07
C LYS A 326 29.24 0.53 -21.31
N TRP A 327 28.81 1.52 -20.55
CA TRP A 327 27.40 1.91 -20.49
C TRP A 327 27.00 2.98 -21.50
N VAL A 328 27.92 3.88 -21.84
CA VAL A 328 27.55 5.04 -22.67
C VAL A 328 26.99 4.61 -24.03
N PRO A 329 27.64 3.72 -24.79
CA PRO A 329 27.07 3.38 -26.11
C PRO A 329 25.67 2.81 -26.02
N PHE A 330 25.40 1.94 -25.05
CA PHE A 330 24.07 1.36 -24.90
C PHE A 330 23.03 2.44 -24.65
N CYS A 331 23.30 3.34 -23.69
CA CYS A 331 22.35 4.38 -23.35
C CYS A 331 22.13 5.33 -24.52
N LYS A 332 23.21 5.77 -25.16
CA LYS A 332 23.08 6.71 -26.26
C LYS A 332 22.45 6.08 -27.50
N LYS A 333 22.53 4.75 -27.64
CA LYS A 333 21.94 4.07 -28.78
C LYS A 333 20.46 3.78 -28.57
N PHE A 334 20.06 3.44 -27.35
CA PHE A 334 18.66 3.10 -27.08
C PHE A 334 17.86 4.24 -26.48
N SER A 335 18.48 5.41 -26.28
CA SER A 335 17.75 6.61 -25.84
C SER A 335 16.93 6.33 -24.58
N ILE A 336 17.54 5.61 -23.65
CA ILE A 336 16.87 5.30 -22.39
C ILE A 336 17.00 6.47 -21.43
N GLU A 337 16.04 6.56 -20.50
CA GLU A 337 16.05 7.61 -19.49
C GLU A 337 15.32 7.08 -18.25
N PRO A 338 15.75 7.47 -17.04
CA PRO A 338 16.86 8.37 -16.74
C PRO A 338 18.23 7.73 -16.97
N ARG A 339 19.26 8.55 -17.15
CA ARG A 339 20.58 8.03 -17.47
C ARG A 339 21.29 7.42 -16.26
N ALA A 340 20.85 7.73 -15.05
CA ALA A 340 21.48 7.17 -13.87
C ALA A 340 21.18 5.68 -13.78
N PRO A 341 22.19 4.81 -13.70
CA PRO A 341 21.92 3.36 -13.76
C PRO A 341 21.13 2.85 -12.57
N GLU A 342 21.51 3.25 -11.35
CA GLU A 342 20.78 2.78 -10.18
C GLU A 342 19.33 3.25 -10.22
N PHE A 343 19.12 4.55 -10.43
CA PHE A 343 17.78 5.14 -10.41
C PHE A 343 16.95 4.77 -11.64
N TYR A 344 17.57 4.16 -12.65
CA TYR A 344 16.86 3.66 -13.81
C TYR A 344 16.49 2.19 -13.68
N PHE A 345 17.46 1.34 -13.30
CA PHE A 345 17.17 -0.06 -13.09
C PHE A 345 16.19 -0.25 -11.93
N SER A 346 16.22 0.62 -10.94
CA SER A 346 15.28 0.51 -9.82
C SER A 346 13.99 1.26 -10.11
N GLN A 347 13.35 0.94 -11.23
CA GLN A 347 12.08 1.53 -11.64
C GLN A 347 11.08 0.43 -11.93
N LYS A 348 9.88 0.56 -11.36
CA LYS A 348 8.81 -0.40 -11.60
C LYS A 348 7.92 -0.04 -12.79
N ILE A 349 8.14 1.12 -13.41
CA ILE A 349 7.42 1.44 -14.63
C ILE A 349 7.80 0.46 -15.72
N ASP A 350 6.85 0.15 -16.60
CA ASP A 350 7.11 -0.81 -17.67
C ASP A 350 8.28 -0.36 -18.53
N TYR A 351 9.39 -1.08 -18.46
CA TYR A 351 10.58 -0.69 -19.20
C TYR A 351 10.41 -0.91 -20.71
N LEU A 352 9.59 -1.88 -21.11
CA LEU A 352 9.29 -2.12 -22.52
C LEU A 352 7.95 -1.45 -22.83
N LYS A 353 8.02 -0.13 -23.06
CA LYS A 353 6.84 0.67 -23.33
C LYS A 353 6.80 1.16 -24.77
N ASP A 354 7.84 1.87 -25.23
CA ASP A 354 7.88 2.43 -26.56
C ASP A 354 9.25 2.24 -27.19
N LYS A 355 9.83 1.05 -27.03
CA LYS A 355 11.12 0.71 -27.60
C LYS A 355 10.93 -0.17 -28.82
N VAL A 356 11.54 0.21 -29.93
CA VAL A 356 11.38 -0.48 -31.20
C VAL A 356 12.65 -1.18 -31.65
N GLN A 357 13.73 -1.07 -30.90
CA GLN A 357 14.98 -1.71 -31.30
C GLN A 357 14.84 -3.22 -31.20
N PRO A 358 15.13 -3.97 -32.28
CA PRO A 358 14.85 -5.42 -32.25
C PRO A 358 15.61 -6.17 -31.18
N SER A 359 16.85 -5.77 -30.88
CA SER A 359 17.71 -6.49 -29.96
C SER A 359 17.84 -5.76 -28.62
N PHE A 360 16.74 -5.16 -28.15
CA PHE A 360 16.80 -4.39 -26.91
C PHE A 360 16.87 -5.29 -25.68
N VAL A 361 16.15 -6.41 -25.70
CA VAL A 361 16.01 -7.22 -24.49
C VAL A 361 17.33 -7.84 -24.09
N LYS A 362 18.04 -8.46 -25.05
CA LYS A 362 19.31 -9.10 -24.73
C LYS A 362 20.33 -8.08 -24.25
N GLU A 363 20.41 -6.93 -24.93
CA GLU A 363 21.34 -5.90 -24.51
C GLU A 363 21.01 -5.39 -23.11
N ARG A 364 19.72 -5.20 -22.81
CA ARG A 364 19.34 -4.73 -21.49
C ARG A 364 19.73 -5.75 -20.43
N ARG A 365 19.49 -7.04 -20.69
CA ARG A 365 19.83 -8.06 -19.70
C ARG A 365 21.34 -8.09 -19.46
N ALA A 366 22.13 -8.07 -20.53
CA ALA A 366 23.58 -8.10 -20.39
C ALA A 366 24.08 -6.86 -19.64
N MET A 367 23.54 -5.69 -19.97
CA MET A 367 23.98 -4.47 -19.31
C MET A 367 23.56 -4.46 -17.84
N LYS A 368 22.40 -5.03 -17.52
CA LYS A 368 22.00 -5.14 -16.13
C LYS A 368 22.96 -6.04 -15.35
N ARG A 369 23.36 -7.17 -15.94
CA ARG A 369 24.32 -8.03 -15.28
C ARG A 369 25.64 -7.32 -15.07
N ASP A 370 26.11 -6.59 -16.09
CA ASP A 370 27.35 -5.83 -15.96
C ASP A 370 27.24 -4.78 -14.87
N TYR A 371 26.09 -4.11 -14.78
CA TYR A 371 25.89 -3.10 -13.75
C TYR A 371 25.91 -3.72 -12.35
N GLU A 372 25.31 -4.91 -12.20
CA GLU A 372 25.38 -5.59 -10.91
C GLU A 372 26.81 -5.94 -10.55
N GLU A 373 27.59 -6.41 -11.53
CA GLU A 373 29.00 -6.70 -11.27
C GLU A 373 29.75 -5.44 -10.85
N TYR A 374 29.50 -4.32 -11.53
CA TYR A 374 30.14 -3.06 -11.16
C TYR A 374 29.73 -2.63 -9.76
N LYS A 375 28.46 -2.81 -9.41
CA LYS A 375 28.00 -2.51 -8.06
C LYS A 375 28.75 -3.36 -7.03
N VAL A 376 28.94 -4.63 -7.33
CA VAL A 376 29.69 -5.50 -6.43
C VAL A 376 31.11 -4.99 -6.25
N ARG A 377 31.77 -4.61 -7.35
CA ARG A 377 33.13 -4.11 -7.25
C ARG A 377 33.20 -2.83 -6.44
N VAL A 378 32.26 -1.91 -6.66
CA VAL A 378 32.26 -0.66 -5.91
C VAL A 378 32.01 -0.92 -4.43
N ASN A 379 31.12 -1.86 -4.11
CA ASN A 379 30.88 -2.22 -2.72
C ASN A 379 32.14 -2.81 -2.09
N ALA A 380 32.87 -3.62 -2.85
CA ALA A 380 34.13 -4.17 -2.34
C ALA A 380 35.12 -3.05 -2.04
N LEU A 381 35.24 -2.07 -2.94
CA LEU A 381 36.13 -0.94 -2.69
C LEU A 381 35.71 -0.16 -1.45
N VAL A 382 34.40 0.07 -1.30
CA VAL A 382 33.91 0.81 -0.15
C VAL A 382 34.23 0.07 1.14
N ALA A 383 34.00 -1.24 1.15
CA ALA A 383 34.29 -2.04 2.34
C ALA A 383 35.79 -2.01 2.66
N LYS A 384 36.63 -2.11 1.63
CA LYS A 384 38.07 -2.08 1.85
C LYS A 384 38.51 -0.73 2.43
N ALA A 385 37.91 0.36 1.94
CA ALA A 385 38.35 1.69 2.37
C ALA A 385 38.19 1.92 3.86
N GLN A 386 37.31 1.16 4.53
CA GLN A 386 37.06 1.38 5.95
C GLN A 386 38.25 1.04 6.82
N LYS A 387 39.21 0.27 6.31
CA LYS A 387 40.38 -0.14 7.08
C LYS A 387 41.57 0.72 6.66
N THR A 388 42.19 1.39 7.63
CA THR A 388 43.29 2.31 7.37
C THR A 388 44.61 1.69 7.78
N PRO A 389 45.50 1.34 6.86
CA PRO A 389 46.82 0.83 7.26
C PRO A 389 47.67 1.93 7.89
N ASP A 390 48.58 1.51 8.77
CA ASP A 390 49.39 2.48 9.49
C ASP A 390 50.46 3.11 8.60
N GLU A 391 50.94 2.40 7.57
CA GLU A 391 51.84 3.03 6.62
C GLU A 391 51.16 4.05 5.73
N GLY A 392 49.83 4.05 5.69
CA GLY A 392 49.09 4.94 4.82
C GLY A 392 48.67 4.25 3.53
N TRP A 393 47.83 4.96 2.77
CA TRP A 393 47.29 4.42 1.53
C TRP A 393 48.39 4.27 0.48
N THR A 394 48.24 3.24 -0.36
CA THR A 394 49.17 2.97 -1.45
C THR A 394 48.39 2.69 -2.72
N MET A 395 48.84 3.25 -3.83
CA MET A 395 48.19 3.07 -5.11
C MET A 395 48.60 1.73 -5.73
N GLN A 396 47.86 1.33 -6.77
CA GLN A 396 48.17 0.08 -7.45
C GLN A 396 49.56 0.12 -8.07
N ASP A 397 49.95 1.27 -8.63
CA ASP A 397 51.27 1.40 -9.23
C ASP A 397 52.39 1.25 -8.21
N GLY A 398 52.09 1.41 -6.92
CA GLY A 398 53.10 1.28 -5.89
C GLY A 398 53.70 2.61 -5.48
N THR A 399 52.85 3.60 -5.26
CA THR A 399 53.28 4.93 -4.85
C THR A 399 52.40 5.40 -3.70
N PRO A 400 52.98 6.03 -2.67
CA PRO A 400 52.16 6.52 -1.56
C PRO A 400 51.14 7.55 -2.04
N TRP A 401 49.97 7.51 -1.45
CA TRP A 401 48.90 8.44 -1.82
C TRP A 401 49.27 9.84 -1.38
N PRO A 402 49.31 10.82 -2.29
CA PRO A 402 49.64 12.19 -1.86
C PRO A 402 48.69 12.74 -0.82
N GLY A 403 47.41 12.36 -0.89
CA GLY A 403 46.43 12.87 0.06
C GLY A 403 46.29 12.01 1.30
N ASN A 404 47.40 11.78 2.00
CA ASN A 404 47.37 10.99 3.23
C ASN A 404 46.77 11.80 4.38
N ASN A 405 47.38 12.94 4.69
CA ASN A 405 46.87 13.83 5.73
C ASN A 405 45.90 14.81 5.10
N THR A 406 44.67 14.85 5.61
CA THR A 406 43.65 15.73 5.04
C THR A 406 44.05 17.19 5.17
N ARG A 407 44.59 17.58 6.33
CA ARG A 407 44.95 18.98 6.54
C ARG A 407 46.07 19.41 5.60
N ASP A 408 47.07 18.56 5.41
CA ASP A 408 48.24 18.88 4.61
C ASP A 408 48.38 17.86 3.49
N HIS A 409 48.26 18.33 2.24
CA HIS A 409 48.47 17.47 1.08
C HIS A 409 48.50 18.33 -0.19
N PRO A 410 49.36 18.00 -1.15
CA PRO A 410 49.39 18.76 -2.40
C PRO A 410 48.15 18.51 -3.25
N GLY A 411 47.83 19.49 -4.09
CA GLY A 411 46.70 19.36 -4.99
C GLY A 411 47.08 18.53 -6.21
N MET A 412 46.16 17.68 -6.64
CA MET A 412 46.41 16.75 -7.73
C MET A 412 45.28 16.84 -8.76
N ILE A 413 45.66 16.74 -10.03
CA ILE A 413 44.73 16.79 -11.15
C ILE A 413 44.94 15.54 -12.01
N GLN A 414 43.84 14.87 -12.34
CA GLN A 414 43.87 13.65 -13.14
C GLN A 414 42.82 13.73 -14.23
N VAL A 415 43.06 13.02 -15.33
CA VAL A 415 42.20 13.03 -16.51
C VAL A 415 41.78 11.60 -16.82
N PHE A 416 40.50 11.42 -17.14
CA PHE A 416 39.96 10.12 -17.48
C PHE A 416 38.99 10.25 -18.65
N LEU A 417 38.84 9.15 -19.39
CA LEU A 417 37.85 9.06 -20.46
C LEU A 417 37.95 10.23 -21.44
N GLY A 418 39.14 10.83 -21.54
CA GLY A 418 39.38 11.92 -22.44
C GLY A 418 39.93 11.45 -23.78
N ASN A 419 40.19 12.43 -24.65
CA ASN A 419 40.81 12.11 -25.94
C ASN A 419 42.17 11.45 -25.74
N THR A 420 42.90 11.82 -24.68
CA THR A 420 44.17 11.19 -24.37
C THR A 420 43.99 9.81 -23.75
N GLY A 421 42.88 9.59 -23.05
CA GLY A 421 42.68 8.35 -22.31
C GLY A 421 41.95 7.28 -23.09
N ALA A 422 41.06 6.56 -22.41
CA ALA A 422 40.37 5.44 -23.02
C ALA A 422 39.31 5.91 -24.00
N ARG A 423 38.77 4.96 -24.77
CA ARG A 423 37.76 5.22 -25.76
C ARG A 423 36.65 4.18 -25.63
N ASP A 424 35.53 4.44 -26.31
CA ASP A 424 34.39 3.55 -26.23
C ASP A 424 34.67 2.24 -26.95
N ILE A 425 33.82 1.24 -26.68
CA ILE A 425 33.98 -0.06 -27.33
C ILE A 425 33.83 0.08 -28.84
N GLU A 426 32.84 0.85 -29.29
CA GLU A 426 32.65 1.07 -30.71
C GLU A 426 33.76 1.91 -31.34
N GLY A 427 34.61 2.51 -30.52
CA GLY A 427 35.70 3.35 -31.01
C GLY A 427 35.46 4.84 -30.86
N ASN A 428 34.23 5.26 -30.57
CA ASN A 428 33.95 6.66 -30.37
C ASN A 428 34.53 7.15 -29.04
N GLU A 429 34.90 8.42 -29.01
CA GLU A 429 35.45 9.01 -27.79
C GLU A 429 34.33 9.34 -26.81
N LEU A 430 34.72 9.55 -25.56
CA LEU A 430 33.82 9.89 -24.48
C LEU A 430 34.22 11.23 -23.87
N PRO A 431 33.28 11.93 -23.23
CA PRO A 431 33.63 13.22 -22.62
C PRO A 431 34.74 13.07 -21.58
N ARG A 432 35.64 14.04 -21.56
CA ARG A 432 36.74 14.03 -20.60
C ARG A 432 36.21 14.30 -19.20
N LEU A 433 36.75 13.59 -18.22
CA LEU A 433 36.43 13.79 -16.81
C LEU A 433 37.71 14.20 -16.09
N VAL A 434 37.67 15.33 -15.41
CA VAL A 434 38.82 15.87 -14.71
C VAL A 434 38.56 15.76 -13.21
N TYR A 435 39.47 15.11 -12.50
CA TYR A 435 39.39 14.93 -11.06
C TYR A 435 40.43 15.85 -10.42
N VAL A 436 39.97 16.85 -9.68
CA VAL A 436 40.82 17.86 -9.09
C VAL A 436 40.66 17.82 -7.58
N SER A 437 41.78 17.78 -6.86
CA SER A 437 41.81 17.94 -5.42
C SER A 437 42.73 19.11 -5.10
N ARG A 438 42.21 20.05 -4.30
CA ARG A 438 42.92 21.28 -4.02
C ARG A 438 44.09 21.01 -3.07
N GLU A 439 44.96 22.01 -2.95
CA GLU A 439 46.09 21.97 -2.04
C GLU A 439 45.71 22.69 -0.76
N LYS A 440 45.78 22.00 0.37
CA LYS A 440 45.44 22.54 1.67
C LYS A 440 46.63 22.38 2.61
N ARG A 441 46.87 23.40 3.42
CA ARG A 441 47.97 23.40 4.38
C ARG A 441 47.46 23.89 5.73
N PRO A 442 48.10 23.46 6.82
CA PRO A 442 47.69 23.97 8.13
C PRO A 442 47.95 25.47 8.25
N GLY A 443 47.05 26.16 8.96
CA GLY A 443 47.14 27.59 9.10
C GLY A 443 46.61 28.38 7.93
N TYR A 444 46.09 27.73 6.90
CA TYR A 444 45.52 28.38 5.73
C TYR A 444 44.00 28.26 5.79
N GLN A 445 43.32 29.39 5.62
CA GLN A 445 41.86 29.42 5.69
C GLN A 445 41.29 28.95 4.37
N HIS A 446 40.50 27.89 4.41
CA HIS A 446 39.84 27.34 3.24
C HIS A 446 38.32 27.33 3.47
N HIS A 447 37.57 27.76 2.46
CA HIS A 447 36.13 27.82 2.56
C HIS A 447 35.53 26.45 2.23
N LYS A 448 34.34 26.20 2.79
CA LYS A 448 33.71 24.90 2.65
C LYS A 448 33.50 24.54 1.18
N LYS A 449 32.69 25.33 0.48
CA LYS A 449 32.34 25.08 -0.91
C LYS A 449 32.66 26.23 -1.84
N ALA A 450 32.72 27.47 -1.33
CA ALA A 450 33.07 28.59 -2.19
C ALA A 450 34.47 28.46 -2.75
N GLY A 451 35.40 27.97 -1.93
CA GLY A 451 36.78 27.78 -2.38
C GLY A 451 36.99 26.56 -3.24
N ALA A 452 36.00 25.68 -3.35
CA ALA A 452 36.08 24.52 -4.21
C ALA A 452 35.54 24.81 -5.60
N GLU A 453 34.36 25.45 -5.67
CA GLU A 453 33.79 25.79 -6.97
C GLU A 453 34.61 26.86 -7.67
N ASN A 454 35.15 27.81 -6.91
CA ASN A 454 36.01 28.83 -7.50
C ASN A 454 37.28 28.20 -8.08
N ALA A 455 37.88 27.27 -7.34
CA ALA A 455 39.05 26.56 -7.85
C ALA A 455 38.69 25.73 -9.08
N LEU A 456 37.50 25.13 -9.08
CA LEU A 456 37.04 24.40 -10.26
C LEU A 456 36.92 25.34 -11.46
N VAL A 457 36.37 26.54 -11.25
CA VAL A 457 36.25 27.50 -12.34
C VAL A 457 37.62 27.86 -12.88
N ARG A 458 38.58 28.12 -11.99
CA ARG A 458 39.93 28.49 -12.43
C ARG A 458 40.58 27.35 -13.22
N VAL A 459 40.53 26.12 -12.67
CA VAL A 459 41.19 25.00 -13.32
C VAL A 459 40.52 24.68 -14.65
N SER A 460 39.19 24.84 -14.72
CA SER A 460 38.51 24.67 -16.00
C SER A 460 38.92 25.76 -16.99
N ALA A 461 39.06 27.00 -16.51
CA ALA A 461 39.51 28.07 -17.38
C ALA A 461 40.86 27.75 -17.98
N VAL A 462 41.72 27.05 -17.25
CA VAL A 462 43.01 26.66 -17.80
C VAL A 462 42.89 25.44 -18.72
N LEU A 463 42.17 24.40 -18.29
CA LEU A 463 42.13 23.16 -19.05
C LEU A 463 41.26 23.28 -20.29
N THR A 464 39.96 23.51 -20.10
CA THR A 464 39.00 23.60 -21.21
C THR A 464 38.11 24.80 -20.93
N ASN A 465 38.44 25.93 -21.55
CA ASN A 465 37.71 27.18 -21.34
C ASN A 465 36.34 27.07 -22.00
N ALA A 466 35.32 26.77 -21.19
CA ALA A 466 33.95 26.67 -21.69
C ALA A 466 33.16 27.89 -21.28
N PRO A 467 32.47 28.57 -22.21
CA PRO A 467 31.72 29.77 -21.81
C PRO A 467 30.64 29.51 -20.78
N TYR A 468 30.15 28.28 -20.66
CA TYR A 468 29.00 27.95 -19.81
C TYR A 468 29.38 26.86 -18.82
N ILE A 469 29.06 27.12 -17.54
CA ILE A 469 29.42 26.21 -16.45
C ILE A 469 28.13 25.78 -15.77
N LEU A 470 27.83 24.49 -15.84
CA LEU A 470 26.60 23.93 -15.25
C LEU A 470 26.96 23.34 -13.90
N ASN A 471 26.43 23.94 -12.83
CA ASN A 471 26.74 23.51 -11.47
C ASN A 471 25.70 22.53 -10.97
N LEU A 472 26.15 21.56 -10.18
CA LEU A 472 25.27 20.51 -9.66
C LEU A 472 25.80 20.04 -8.31
N ASP A 473 25.09 19.09 -7.72
CA ASP A 473 25.46 18.48 -6.44
C ASP A 473 25.50 16.97 -6.60
N CYS A 474 26.09 16.31 -5.60
CA CYS A 474 26.20 14.85 -5.65
C CYS A 474 24.84 14.19 -5.73
N ASP A 475 23.91 14.59 -4.86
CA ASP A 475 22.61 13.93 -4.79
C ASP A 475 21.84 14.08 -6.10
N HIS A 476 21.86 15.28 -6.68
CA HIS A 476 21.07 15.55 -7.87
C HIS A 476 21.78 15.03 -9.12
N TYR A 477 21.01 14.37 -9.97
CA TYR A 477 21.50 13.86 -11.24
C TYR A 477 20.63 14.37 -12.38
N VAL A 478 21.09 14.16 -13.60
CA VAL A 478 20.36 14.62 -14.78
C VAL A 478 19.28 13.59 -15.11
N ASN A 479 18.02 14.02 -15.07
CA ASN A 479 16.91 13.11 -15.35
C ASN A 479 16.82 12.80 -16.83
N ASN A 480 16.59 13.82 -17.65
CA ASN A 480 16.49 13.67 -19.11
C ASN A 480 17.72 14.28 -19.77
N SER A 481 18.11 13.69 -20.89
CA SER A 481 19.29 14.17 -21.61
C SER A 481 18.91 15.29 -22.57
N LYS A 482 18.21 16.31 -22.05
CA LYS A 482 17.87 17.47 -22.85
C LYS A 482 18.04 18.79 -22.10
N ALA A 483 18.45 18.75 -20.83
CA ALA A 483 18.64 19.99 -20.08
C ALA A 483 19.71 20.85 -20.71
N VAL A 484 20.83 20.25 -21.13
CA VAL A 484 21.89 21.02 -21.76
C VAL A 484 21.40 21.65 -23.05
N ARG A 485 20.65 20.90 -23.86
CA ARG A 485 20.14 21.44 -25.12
C ARG A 485 19.17 22.60 -24.86
N GLU A 486 18.32 22.47 -23.86
CA GLU A 486 17.40 23.56 -23.53
C GLU A 486 18.15 24.79 -23.02
N ALA A 487 19.21 24.57 -22.24
CA ALA A 487 20.02 25.69 -21.79
C ALA A 487 20.68 26.40 -22.97
N MET A 488 21.19 25.63 -23.94
CA MET A 488 21.74 26.23 -25.14
C MET A 488 20.67 27.01 -25.90
N CYS A 489 19.46 26.45 -25.98
CA CYS A 489 18.37 27.15 -26.65
C CYS A 489 18.09 28.49 -25.98
N ILE A 490 18.07 28.51 -24.65
CA ILE A 490 17.82 29.76 -23.94
C ILE A 490 18.96 30.75 -24.16
N LEU A 491 20.21 30.28 -24.11
CA LEU A 491 21.36 31.17 -24.06
C LEU A 491 21.95 31.52 -25.43
N MET A 492 21.45 30.92 -26.51
CA MET A 492 22.03 31.15 -27.84
C MET A 492 21.33 32.25 -28.62
N ASP A 493 20.11 32.60 -28.27
CA ASP A 493 19.38 33.59 -29.04
C ASP A 493 20.08 34.95 -28.95
N PRO A 494 20.39 35.59 -30.08
CA PRO A 494 20.98 36.94 -29.99
C PRO A 494 20.11 37.91 -29.20
N GLN A 495 18.79 37.72 -29.21
CA GLN A 495 17.88 38.63 -28.53
C GLN A 495 17.71 38.27 -27.06
N VAL A 496 17.29 37.03 -26.79
CA VAL A 496 17.01 36.60 -25.42
C VAL A 496 18.15 35.74 -24.87
N GLY A 497 19.35 35.86 -25.43
CA GLY A 497 20.49 35.12 -24.94
C GLY A 497 21.68 36.01 -24.65
N ARG A 498 21.53 37.31 -24.88
CA ARG A 498 22.63 38.25 -24.66
C ARG A 498 22.75 38.65 -23.19
N ASP A 499 21.64 39.07 -22.59
CA ASP A 499 21.63 39.54 -21.21
C ASP A 499 21.45 38.42 -20.19
N VAL A 500 21.24 37.18 -20.64
CA VAL A 500 21.04 36.08 -19.71
C VAL A 500 22.35 35.74 -19.03
N CYS A 501 22.30 35.56 -17.71
CA CYS A 501 23.47 35.16 -16.93
C CYS A 501 23.40 33.72 -16.46
N TYR A 502 22.22 33.25 -16.03
CA TYR A 502 22.07 31.84 -15.68
C TYR A 502 20.61 31.44 -15.88
N VAL A 503 20.42 30.14 -16.16
CA VAL A 503 19.09 29.58 -16.36
C VAL A 503 18.78 28.64 -15.22
N GLN A 504 18.12 29.15 -14.18
CA GLN A 504 17.79 28.32 -13.03
C GLN A 504 16.78 27.25 -13.43
N PHE A 505 16.98 26.04 -12.90
CA PHE A 505 16.09 24.92 -13.16
C PHE A 505 15.37 24.51 -11.88
N PRO A 506 14.16 23.97 -11.98
CA PRO A 506 13.44 23.53 -10.77
C PRO A 506 14.00 22.21 -10.27
N GLN A 507 14.50 22.21 -9.03
CA GLN A 507 15.07 21.00 -8.43
C GLN A 507 13.93 20.19 -7.81
N ARG A 508 13.53 19.12 -8.50
CA ARG A 508 12.48 18.24 -8.04
C ARG A 508 13.09 17.03 -7.34
N PHE A 509 12.35 16.50 -6.37
CA PHE A 509 12.82 15.39 -5.55
C PHE A 509 11.98 14.15 -5.82
N ASP A 510 12.47 13.02 -5.34
CA ASP A 510 11.84 11.71 -5.55
C ASP A 510 11.71 11.00 -4.20
N GLY A 511 11.18 9.79 -4.24
CA GLY A 511 11.02 8.98 -3.05
C GLY A 511 10.09 9.61 -2.03
N ILE A 512 8.93 10.08 -2.49
CA ILE A 512 7.95 10.76 -1.64
C ILE A 512 6.79 9.80 -1.38
N ASP A 513 6.38 9.71 -0.13
CA ASP A 513 5.22 8.91 0.23
C ASP A 513 3.93 9.71 -0.02
N ARG A 514 2.81 9.01 0.04
CA ARG A 514 1.52 9.66 -0.14
C ARG A 514 1.30 10.74 0.92
N SER A 515 1.64 10.44 2.18
CA SER A 515 1.53 11.40 3.27
C SER A 515 2.85 12.15 3.38
N ASP A 516 2.92 13.28 2.68
CA ASP A 516 4.13 14.12 2.67
C ASP A 516 4.09 15.13 3.82
N ARG A 517 3.93 14.58 5.03
CA ARG A 517 3.80 15.44 6.20
C ARG A 517 4.98 16.38 6.35
N TYR A 518 6.18 15.95 5.93
CA TYR A 518 7.37 16.77 6.10
C TYR A 518 7.36 18.01 5.20
N ALA A 519 6.58 18.00 4.12
CA ALA A 519 6.53 19.12 3.19
C ALA A 519 7.91 19.41 2.60
N ASN A 520 8.73 18.37 2.45
CA ASN A 520 10.05 18.52 1.86
C ASN A 520 9.98 18.91 0.40
N ARG A 521 8.82 18.71 -0.24
CA ARG A 521 8.68 19.03 -1.66
C ARG A 521 8.85 20.53 -1.90
N ASN A 522 8.11 21.37 -1.17
CA ASN A 522 8.26 22.82 -1.25
C ASN A 522 8.22 23.32 -2.69
N ILE A 523 7.15 22.96 -3.41
CA ILE A 523 6.97 23.44 -4.78
C ILE A 523 6.10 24.68 -4.91
N VAL A 524 5.37 25.07 -3.86
CA VAL A 524 4.64 26.33 -3.96
C VAL A 524 5.62 27.47 -4.18
N PHE A 525 6.76 27.43 -3.50
CA PHE A 525 7.81 28.43 -3.72
C PHE A 525 8.40 28.31 -5.11
N PHE A 526 8.65 27.07 -5.58
CA PHE A 526 9.33 26.87 -6.85
C PHE A 526 8.44 27.15 -8.06
N ASP A 527 7.12 27.17 -7.89
CA ASP A 527 6.19 27.35 -8.99
C ASP A 527 5.42 28.67 -8.87
N VAL A 528 4.73 28.90 -7.76
CA VAL A 528 3.91 30.10 -7.63
C VAL A 528 4.79 31.33 -7.52
N ASN A 529 5.84 31.25 -6.70
CA ASN A 529 6.68 32.41 -6.42
C ASN A 529 7.81 32.58 -7.43
N MET A 530 8.49 31.48 -7.78
CA MET A 530 9.62 31.58 -8.70
C MET A 530 9.17 32.07 -10.07
N LYS A 531 8.08 31.52 -10.59
CA LYS A 531 7.56 31.97 -11.87
C LYS A 531 7.10 33.43 -11.79
N GLY A 532 6.47 33.80 -10.67
CA GLY A 532 6.05 35.18 -10.50
C GLY A 532 7.24 36.14 -10.55
N LEU A 533 8.35 35.76 -9.92
CA LEU A 533 9.53 36.60 -9.93
C LEU A 533 10.22 36.57 -11.29
N ASP A 534 10.02 35.49 -12.06
CA ASP A 534 10.67 35.38 -13.37
C ASP A 534 10.36 36.58 -14.26
N GLY A 535 9.16 37.17 -14.11
CA GLY A 535 8.76 38.23 -15.02
C GLY A 535 9.64 39.45 -14.94
N ILE A 536 10.12 39.79 -13.74
CA ILE A 536 10.79 41.06 -13.53
C ILE A 536 12.28 40.93 -13.82
N GLN A 537 12.98 40.09 -13.05
CA GLN A 537 14.43 40.00 -13.18
C GLN A 537 14.94 38.55 -13.11
N GLY A 538 14.06 37.56 -13.05
CA GLY A 538 14.46 36.18 -13.02
C GLY A 538 14.61 35.66 -11.60
N PRO A 539 14.82 34.36 -11.47
CA PRO A 539 14.89 33.72 -10.15
C PRO A 539 16.22 33.98 -9.46
N MET A 540 16.39 33.36 -8.30
CA MET A 540 17.62 33.46 -7.51
C MET A 540 18.38 32.15 -7.59
N TYR A 541 19.71 32.24 -7.57
CA TYR A 541 20.54 31.05 -7.49
C TYR A 541 20.24 30.30 -6.19
N VAL A 542 20.00 28.99 -6.31
CA VAL A 542 19.65 28.17 -5.16
C VAL A 542 20.76 27.19 -4.78
N GLY A 543 21.60 26.78 -5.72
CA GLY A 543 22.73 25.92 -5.40
C GLY A 543 22.80 24.66 -6.23
N THR A 544 21.89 24.51 -7.19
CA THR A 544 21.87 23.31 -8.02
C THR A 544 21.16 23.61 -9.33
N GLY A 545 21.64 23.00 -10.40
CA GLY A 545 21.00 23.13 -11.71
C GLY A 545 20.99 24.55 -12.23
N CYS A 546 22.16 25.10 -12.50
CA CYS A 546 22.27 26.44 -13.06
C CYS A 546 23.44 26.49 -14.03
N VAL A 547 23.20 27.05 -15.20
CA VAL A 547 24.22 27.20 -16.24
C VAL A 547 24.69 28.65 -16.17
N PHE A 548 25.72 28.90 -15.38
CA PHE A 548 26.29 30.23 -15.26
C PHE A 548 27.12 30.57 -16.49
N ASN A 549 27.09 31.84 -16.87
CA ASN A 549 27.96 32.35 -17.92
C ASN A 549 29.34 32.63 -17.34
N ARG A 550 30.38 32.15 -18.03
CA ARG A 550 31.74 32.26 -17.50
C ARG A 550 32.12 33.73 -17.32
N GLN A 551 31.85 34.56 -18.32
CA GLN A 551 32.15 35.98 -18.20
C GLN A 551 31.35 36.62 -17.07
N ALA A 552 30.09 36.22 -16.91
CA ALA A 552 29.29 36.74 -15.81
C ALA A 552 29.89 36.33 -14.47
N LEU A 553 30.35 35.09 -14.35
CA LEU A 553 30.97 34.65 -13.11
C LEU A 553 32.23 35.44 -12.80
N TYR A 554 33.07 35.69 -13.82
CA TYR A 554 34.27 36.49 -13.59
C TYR A 554 33.91 37.92 -13.21
N GLY A 555 32.86 38.46 -13.82
CA GLY A 555 32.39 39.81 -13.51
C GLY A 555 32.82 40.82 -14.54
N TYR A 556 31.92 41.12 -15.48
CA TYR A 556 32.18 42.13 -16.50
C TYR A 556 30.98 43.04 -16.78
N GLY A 557 29.79 42.69 -16.31
CA GLY A 557 28.59 43.43 -16.66
C GLY A 557 28.03 42.93 -17.97
N PRO A 558 26.76 43.19 -18.23
CA PRO A 558 26.13 42.70 -19.46
C PRO A 558 26.82 43.29 -20.68
N PRO A 559 27.02 42.50 -21.74
CA PRO A 559 27.61 43.07 -22.96
C PRO A 559 26.72 44.14 -23.55
N SER A 560 27.33 45.17 -24.10
CA SER A 560 26.61 46.33 -24.60
C SER A 560 25.69 46.90 -23.52
N MET A 561 26.31 47.26 -22.41
CA MET A 561 25.58 47.74 -21.25
C MET A 561 24.90 49.08 -21.55
N PRO A 562 23.80 49.39 -20.83
CA PRO A 562 23.28 48.52 -19.78
C PRO A 562 22.33 47.46 -20.31
N SER A 623 44.10 47.73 -17.26
CA SER A 623 45.53 47.59 -17.48
C SER A 623 46.00 46.19 -17.09
N GLN A 624 47.22 45.83 -17.52
CA GLN A 624 47.76 44.51 -17.21
C GLN A 624 47.91 44.32 -15.71
N LEU A 625 48.41 45.34 -15.01
CA LEU A 625 48.55 45.24 -13.56
C LEU A 625 47.19 45.13 -12.88
N SER A 626 46.20 45.88 -13.38
CA SER A 626 44.85 45.77 -12.84
C SER A 626 44.30 44.36 -13.06
N PHE A 627 44.55 43.77 -14.24
CA PHE A 627 44.13 42.40 -14.48
C PHE A 627 44.80 41.45 -13.50
N GLU A 628 46.10 41.63 -13.28
CA GLU A 628 46.80 40.79 -12.29
C GLU A 628 46.12 40.91 -10.93
N LYS A 629 45.91 42.14 -10.47
CA LYS A 629 45.31 42.34 -9.15
C LYS A 629 43.94 41.68 -9.05
N THR A 630 43.10 41.87 -10.06
CA THR A 630 41.71 41.42 -9.96
C THR A 630 41.57 39.91 -10.14
N PHE A 631 42.31 39.32 -11.09
CA PHE A 631 42.13 37.91 -11.40
C PHE A 631 43.12 37.01 -10.67
N GLY A 632 44.39 37.36 -10.64
CA GLY A 632 45.39 36.52 -10.02
C GLY A 632 46.75 36.76 -10.62
N LEU A 633 47.76 36.18 -9.97
CA LEU A 633 49.14 36.37 -10.42
C LEU A 633 49.43 35.55 -11.67
N SER A 634 48.72 34.46 -11.88
CA SER A 634 49.00 33.61 -13.04
C SER A 634 48.67 34.35 -14.33
N PRO A 635 49.59 34.44 -15.28
CA PRO A 635 49.29 35.13 -16.54
C PRO A 635 48.53 34.26 -17.53
N VAL A 636 48.72 32.94 -17.41
CA VAL A 636 48.04 32.01 -18.32
C VAL A 636 46.53 32.11 -18.14
N PHE A 637 46.07 32.16 -16.88
CA PHE A 637 44.63 32.28 -16.64
C PHE A 637 44.08 33.59 -17.19
N ILE A 638 44.83 34.68 -17.02
CA ILE A 638 44.38 35.97 -17.54
C ILE A 638 44.26 35.92 -19.06
N GLU A 639 45.26 35.33 -19.71
CA GLU A 639 45.23 35.22 -21.17
C GLU A 639 44.05 34.36 -21.61
N SER A 640 43.80 33.26 -20.91
CA SER A 640 42.69 32.38 -21.27
C SER A 640 41.35 33.07 -21.11
N THR A 641 41.17 33.80 -20.00
CA THR A 641 39.89 34.45 -19.75
C THR A 641 39.71 35.70 -20.61
N LEU A 642 40.79 36.24 -21.19
CA LEU A 642 40.65 37.38 -22.07
C LEU A 642 39.87 37.03 -23.35
N MET A 643 39.71 35.74 -23.65
CA MET A 643 39.01 35.32 -24.85
C MET A 643 37.52 35.22 -24.57
N GLU A 644 36.73 35.91 -25.39
CA GLU A 644 35.27 35.86 -25.23
C GLU A 644 34.70 34.54 -25.74
N ASN A 645 35.18 34.06 -26.89
CA ASN A 645 34.62 32.85 -27.47
C ASN A 645 34.89 31.64 -26.59
N GLY A 646 36.11 31.52 -26.06
CA GLY A 646 36.50 30.40 -25.23
C GLY A 646 37.54 29.54 -25.89
N GLY A 647 37.71 28.33 -25.34
CA GLY A 647 38.68 27.39 -25.85
C GLY A 647 40.08 27.66 -25.33
N VAL A 648 41.02 26.88 -25.84
CA VAL A 648 42.44 26.98 -25.49
C VAL A 648 43.16 27.62 -26.68
N PRO A 649 43.79 28.78 -26.51
CA PRO A 649 44.45 29.40 -27.67
C PRO A 649 45.72 28.70 -28.09
N GLU A 650 46.56 28.30 -27.14
CA GLU A 650 47.81 27.63 -27.49
C GLU A 650 47.55 26.31 -28.20
N SER A 651 46.60 25.52 -27.68
CA SER A 651 46.23 24.24 -28.29
C SER A 651 47.46 23.34 -28.46
N ALA A 652 48.36 23.37 -27.48
CA ALA A 652 49.56 22.56 -27.53
C ALA A 652 50.13 22.41 -26.13
N ASN A 653 51.01 21.43 -25.96
CA ASN A 653 51.69 21.18 -24.69
C ASN A 653 50.66 20.92 -23.58
N SER A 654 49.93 19.82 -23.73
CA SER A 654 48.90 19.47 -22.76
C SER A 654 49.49 19.20 -21.39
N SER A 655 50.66 18.54 -21.33
CA SER A 655 51.30 18.28 -20.04
C SER A 655 51.68 19.58 -19.34
N THR A 656 52.22 20.54 -20.09
CA THR A 656 52.51 21.85 -19.52
C THR A 656 51.23 22.53 -19.06
N LEU A 657 50.12 22.31 -19.76
CA LEU A 657 48.84 22.85 -19.32
C LEU A 657 48.40 22.20 -18.01
N ILE A 658 48.66 20.91 -17.85
CA ILE A 658 48.35 20.24 -16.58
C ILE A 658 49.17 20.84 -15.46
N LYS A 659 50.46 21.08 -15.71
CA LYS A 659 51.30 21.70 -14.69
C LYS A 659 50.80 23.10 -14.36
N GLU A 660 50.40 23.87 -15.38
CA GLU A 660 49.88 25.20 -15.16
C GLU A 660 48.61 25.16 -14.33
N ALA A 661 47.74 24.19 -14.60
CA ALA A 661 46.53 24.03 -13.79
C ALA A 661 46.88 23.72 -12.34
N ILE A 662 47.83 22.81 -12.12
CA ILE A 662 48.26 22.48 -10.77
C ILE A 662 48.75 23.73 -10.06
N HIS A 663 49.53 24.56 -10.76
CA HIS A 663 49.98 25.82 -10.17
C HIS A 663 48.79 26.73 -9.86
N VAL A 664 47.81 26.78 -10.76
CA VAL A 664 46.68 27.68 -10.58
C VAL A 664 45.81 27.26 -9.40
N ILE A 665 45.82 25.99 -9.04
CA ILE A 665 44.98 25.53 -7.93
C ILE A 665 45.78 25.58 -6.63
N GLY A 666 46.87 26.34 -6.62
CA GLY A 666 47.68 26.46 -5.41
C GLY A 666 46.89 27.09 -4.28
N CYS A 667 47.31 26.77 -3.04
CA CYS A 667 46.61 27.26 -1.87
C CYS A 667 46.70 28.77 -1.76
N GLY A 668 47.87 29.35 -2.04
CA GLY A 668 48.09 30.77 -1.89
C GLY A 668 47.67 31.62 -3.06
N PHE A 669 46.93 31.06 -4.02
CA PHE A 669 46.52 31.83 -5.18
C PHE A 669 45.63 33.00 -4.79
N GLU A 670 44.68 32.76 -3.87
CA GLU A 670 43.72 33.79 -3.45
C GLU A 670 44.20 34.34 -2.11
N GLU A 671 45.09 35.34 -2.17
CA GLU A 671 45.60 35.99 -0.98
C GLU A 671 45.16 37.46 -0.90
N LYS A 672 45.43 38.25 -1.95
CA LYS A 672 45.02 39.64 -1.99
C LYS A 672 44.21 39.95 -3.25
N THR A 673 43.86 38.95 -4.04
CA THR A 673 43.05 39.17 -5.24
C THR A 673 41.60 39.42 -4.85
N GLU A 674 40.79 39.74 -5.86
CA GLU A 674 39.36 39.94 -5.68
C GLU A 674 38.56 38.67 -5.88
N TRP A 675 39.19 37.51 -5.71
CA TRP A 675 38.49 36.23 -5.88
C TRP A 675 37.52 36.02 -4.72
N GLY A 676 36.25 35.81 -5.05
CA GLY A 676 35.23 35.58 -4.04
C GLY A 676 34.71 36.87 -3.43
N LYS A 677 35.61 37.80 -3.11
CA LYS A 677 35.18 39.05 -2.50
C LYS A 677 34.20 39.80 -3.40
N GLU A 678 34.55 39.95 -4.68
CA GLU A 678 33.68 40.65 -5.61
C GLU A 678 33.64 40.01 -7.00
N ILE A 679 34.19 38.80 -7.18
CA ILE A 679 34.29 38.20 -8.50
C ILE A 679 33.52 36.88 -8.55
N GLY A 680 33.96 35.90 -7.77
CA GLY A 680 33.42 34.56 -7.81
C GLY A 680 32.34 34.34 -6.77
N TRP A 681 32.21 33.09 -6.32
CA TRP A 681 31.27 32.76 -5.27
C TRP A 681 31.52 33.65 -4.06
N ILE A 682 30.53 34.48 -3.72
CA ILE A 682 30.70 35.44 -2.64
C ILE A 682 31.02 34.69 -1.36
N TYR A 683 32.21 34.94 -0.81
CA TYR A 683 32.61 34.30 0.43
C TYR A 683 31.61 34.62 1.54
N GLY A 684 31.16 33.59 2.24
CA GLY A 684 30.25 33.76 3.34
C GLY A 684 30.45 32.66 4.35
N SER A 685 30.05 32.94 5.59
CA SER A 685 30.26 31.98 6.67
C SER A 685 29.50 30.68 6.39
N VAL A 686 28.24 30.79 5.99
CA VAL A 686 27.40 29.61 5.79
C VAL A 686 26.79 29.59 4.40
N THR A 687 25.98 30.61 4.07
CA THR A 687 25.18 30.62 2.86
C THR A 687 25.72 31.67 1.89
N GLU A 688 25.93 31.25 0.63
CA GLU A 688 26.47 32.15 -0.38
C GLU A 688 25.78 32.09 -1.74
N ASP A 689 24.92 31.11 -2.01
CA ASP A 689 24.30 31.01 -3.33
C ASP A 689 23.43 32.23 -3.62
N ILE A 690 22.54 32.57 -2.70
CA ILE A 690 21.67 33.72 -2.90
C ILE A 690 22.49 34.99 -2.93
N LEU A 691 23.55 35.06 -2.12
CA LEU A 691 24.40 36.25 -2.12
C LEU A 691 25.07 36.44 -3.47
N SER A 692 25.61 35.36 -4.05
CA SER A 692 26.24 35.47 -5.36
C SER A 692 25.23 35.87 -6.42
N GLY A 693 24.04 35.27 -6.39
CA GLY A 693 23.01 35.63 -7.36
C GLY A 693 22.62 37.09 -7.25
N PHE A 694 22.41 37.57 -6.02
CA PHE A 694 22.07 38.97 -5.81
C PHE A 694 23.20 39.89 -6.28
N LYS A 695 24.44 39.55 -5.96
CA LYS A 695 25.57 40.40 -6.34
C LYS A 695 25.67 40.49 -7.86
N MET A 696 25.50 39.38 -8.56
CA MET A 696 25.63 39.41 -10.01
C MET A 696 24.38 39.97 -10.69
N HIS A 697 23.24 39.99 -10.01
CA HIS A 697 22.08 40.69 -10.53
C HIS A 697 22.20 42.20 -10.36
N CYS A 698 22.86 42.65 -9.29
CA CYS A 698 23.01 44.08 -9.06
C CYS A 698 23.82 44.75 -10.16
N ARG A 699 24.57 43.98 -10.96
CA ARG A 699 25.41 44.52 -12.01
C ARG A 699 24.67 44.70 -13.33
N GLY A 700 23.38 44.39 -13.37
CA GLY A 700 22.58 44.54 -14.57
C GLY A 700 22.30 43.25 -15.32
N TRP A 701 22.74 42.12 -14.81
CA TRP A 701 22.48 40.85 -15.47
C TRP A 701 21.01 40.44 -15.31
N ARG A 702 20.59 39.50 -16.14
CA ARG A 702 19.24 38.94 -16.08
C ARG A 702 19.34 37.42 -16.11
N SER A 703 18.45 36.77 -15.38
CA SER A 703 18.41 35.32 -15.29
C SER A 703 17.08 34.79 -15.79
N ILE A 704 17.10 33.52 -16.21
CA ILE A 704 15.92 32.88 -16.79
C ILE A 704 15.49 31.73 -15.89
N TYR A 705 14.21 31.37 -15.99
CA TYR A 705 13.64 30.24 -15.26
C TYR A 705 12.91 29.36 -16.27
N CYS A 706 13.44 28.16 -16.51
CA CYS A 706 12.88 27.23 -17.47
C CYS A 706 12.37 26.00 -16.75
N MET A 707 11.13 25.61 -17.05
CA MET A 707 10.51 24.43 -16.43
C MET A 707 10.17 23.42 -17.53
N PRO A 708 11.03 22.43 -17.78
CA PRO A 708 10.69 21.42 -18.79
C PRO A 708 9.58 20.51 -18.32
N VAL A 709 8.97 19.80 -19.28
CA VAL A 709 7.92 18.86 -18.93
C VAL A 709 8.45 17.80 -17.96
N ARG A 710 9.64 17.27 -18.24
CA ARG A 710 10.33 16.43 -17.28
C ARG A 710 11.14 17.30 -16.32
N PRO A 711 11.31 16.88 -15.07
CA PRO A 711 12.11 17.69 -14.14
C PRO A 711 13.51 17.98 -14.66
N ALA A 712 14.14 16.99 -15.29
CA ALA A 712 15.44 17.10 -15.92
C ALA A 712 16.58 17.16 -14.91
N PHE A 713 16.26 17.39 -13.64
CA PHE A 713 17.20 17.45 -12.51
C PHE A 713 16.45 16.85 -11.31
N LYS A 714 16.70 15.57 -11.03
CA LYS A 714 16.07 14.88 -9.92
C LYS A 714 17.15 14.39 -8.96
N GLY A 715 16.91 14.58 -7.68
CA GLY A 715 17.88 14.19 -6.66
C GLY A 715 17.19 13.70 -5.41
N SER A 716 17.91 12.87 -4.65
CA SER A 716 17.38 12.35 -3.41
C SER A 716 17.23 13.47 -2.38
N ALA A 717 16.18 13.38 -1.57
CA ALA A 717 15.87 14.37 -0.56
C ALA A 717 15.99 13.77 0.83
N PRO A 718 16.23 14.59 1.85
CA PRO A 718 16.22 14.07 3.23
C PRO A 718 14.87 13.45 3.56
N ILE A 719 14.92 12.36 4.31
CA ILE A 719 13.71 11.61 4.65
C ILE A 719 13.37 11.71 6.13
N ASN A 720 14.31 12.10 6.98
CA ASN A 720 14.05 12.24 8.41
C ASN A 720 13.79 13.70 8.74
N LEU A 721 13.52 13.97 10.03
CA LEU A 721 13.16 15.31 10.46
C LEU A 721 14.35 16.12 10.95
N SER A 722 15.33 15.48 11.58
CA SER A 722 16.47 16.21 12.09
C SER A 722 17.23 16.92 10.97
N ASP A 723 17.45 16.23 9.85
CA ASP A 723 18.15 16.84 8.73
C ASP A 723 17.37 18.02 8.16
N ARG A 724 16.05 17.88 8.03
CA ARG A 724 15.24 18.97 7.51
C ARG A 724 15.28 20.18 8.43
N LEU A 725 15.17 19.94 9.74
CA LEU A 725 15.22 21.05 10.70
C LEU A 725 16.58 21.73 10.65
N HIS A 726 17.65 20.95 10.58
CA HIS A 726 18.99 21.54 10.50
C HIS A 726 19.15 22.35 9.22
N GLN A 727 18.61 21.85 8.11
CA GLN A 727 18.70 22.56 6.84
C GLN A 727 17.96 23.89 6.89
N VAL A 728 16.75 23.90 7.43
CA VAL A 728 15.99 25.15 7.51
C VAL A 728 16.68 26.12 8.48
N LEU A 729 17.23 25.59 9.57
CA LEU A 729 17.97 26.45 10.49
C LEU A 729 19.19 27.06 9.81
N ARG A 730 19.89 26.26 8.99
CA ARG A 730 21.04 26.79 8.26
C ARG A 730 20.61 27.88 7.29
N TRP A 731 19.49 27.67 6.58
CA TRP A 731 19.01 28.70 5.67
C TRP A 731 18.69 29.99 6.41
N ALA A 732 18.00 29.87 7.56
CA ALA A 732 17.67 31.06 8.33
C ALA A 732 18.91 31.77 8.84
N LEU A 733 19.89 31.01 9.32
CA LEU A 733 21.14 31.61 9.80
C LEU A 733 21.86 32.33 8.67
N GLY A 734 21.91 31.72 7.48
CA GLY A 734 22.54 32.37 6.36
C GLY A 734 21.83 33.65 5.95
N SER A 735 20.50 33.63 5.96
CA SER A 735 19.74 34.84 5.64
C SER A 735 20.02 35.95 6.64
N VAL A 736 20.05 35.60 7.93
CA VAL A 736 20.32 36.61 8.96
C VAL A 736 21.74 37.16 8.80
N GLU A 737 22.70 36.29 8.51
CA GLU A 737 24.07 36.74 8.29
C GLU A 737 24.16 37.68 7.11
N ILE A 738 23.46 37.36 6.02
CA ILE A 738 23.46 38.25 4.86
C ILE A 738 22.84 39.59 5.22
N PHE A 739 21.75 39.57 5.98
CA PHE A 739 21.12 40.81 6.40
C PHE A 739 22.08 41.67 7.22
N PHE A 740 22.79 41.05 8.16
CA PHE A 740 23.68 41.80 9.04
C PHE A 740 25.04 42.10 8.42
N SER A 741 25.33 41.55 7.24
CA SER A 741 26.63 41.76 6.61
C SER A 741 26.61 43.03 5.76
N ARG A 742 27.72 43.29 5.07
CA ARG A 742 27.82 44.47 4.22
C ARG A 742 26.81 44.43 3.09
N HIS A 743 26.60 43.25 2.49
CA HIS A 743 25.70 43.10 1.35
C HIS A 743 24.26 43.02 1.86
N CYS A 744 23.77 44.17 2.33
CA CYS A 744 22.41 44.30 2.81
C CYS A 744 21.57 45.02 1.78
N PRO A 745 20.51 44.41 1.24
CA PRO A 745 19.74 45.09 0.18
C PRO A 745 19.20 46.44 0.61
N PHE A 746 18.95 46.65 1.90
CA PHE A 746 18.39 47.92 2.36
C PHE A 746 19.29 49.10 2.02
N TRP A 747 20.60 48.88 1.99
CA TRP A 747 21.53 49.97 1.70
C TRP A 747 22.68 49.51 0.81
N TYR A 748 22.45 48.51 -0.04
CA TYR A 748 23.46 48.01 -0.96
C TYR A 748 22.92 48.01 -2.38
N GLY A 749 23.83 48.17 -3.33
CA GLY A 749 23.45 48.21 -4.73
C GLY A 749 22.58 49.40 -5.09
N TYR A 750 22.89 50.57 -4.54
CA TYR A 750 22.10 51.77 -4.77
C TYR A 750 22.82 52.77 -5.69
N GLY A 751 23.91 52.37 -6.32
CA GLY A 751 24.64 53.23 -7.22
C GLY A 751 24.58 52.75 -8.66
N GLY A 752 24.09 53.60 -9.56
CA GLY A 752 23.96 53.25 -10.96
C GLY A 752 22.73 52.48 -11.32
N GLY A 753 21.83 52.24 -10.36
CA GLY A 753 20.61 51.50 -10.67
C GLY A 753 20.93 50.08 -11.11
N ARG A 754 20.41 49.71 -12.28
CA ARG A 754 20.59 48.38 -12.85
C ARG A 754 19.93 47.29 -12.00
N LEU A 755 18.99 47.68 -11.14
CA LEU A 755 18.26 46.72 -10.31
C LEU A 755 16.83 47.20 -10.19
N LYS A 756 15.88 46.37 -10.62
CA LYS A 756 14.48 46.75 -10.57
C LYS A 756 14.03 46.94 -9.13
N TRP A 757 13.15 47.92 -8.92
CA TRP A 757 12.65 48.17 -7.57
C TRP A 757 11.86 46.96 -7.05
N LEU A 758 11.05 46.34 -7.91
CA LEU A 758 10.32 45.16 -7.48
C LEU A 758 11.26 44.01 -7.16
N GLN A 759 12.32 43.86 -7.95
CA GLN A 759 13.31 42.81 -7.66
C GLN A 759 14.00 43.06 -6.33
N ARG A 760 14.32 44.33 -6.05
CA ARG A 760 14.92 44.66 -4.75
C ARG A 760 13.95 44.37 -3.61
N LEU A 761 12.66 44.66 -3.82
CA LEU A 761 11.66 44.33 -2.81
C LEU A 761 11.60 42.83 -2.58
N ALA A 762 11.65 42.04 -3.65
CA ALA A 762 11.66 40.59 -3.50
C ALA A 762 12.91 40.11 -2.75
N TYR A 763 14.06 40.73 -3.04
CA TYR A 763 15.27 40.38 -2.33
C TYR A 763 15.15 40.71 -0.84
N ILE A 764 14.56 41.87 -0.52
CA ILE A 764 14.34 42.22 0.87
C ILE A 764 13.44 41.18 1.53
N ASN A 765 12.38 40.76 0.84
CA ASN A 765 11.51 39.72 1.36
C ASN A 765 12.29 38.45 1.66
N THR A 766 13.13 38.02 0.71
CA THR A 766 13.87 36.78 0.87
C THR A 766 14.95 36.88 1.93
N ILE A 767 15.41 38.08 2.25
CA ILE A 767 16.48 38.26 3.23
C ILE A 767 15.94 38.41 4.64
N VAL A 768 14.84 39.15 4.82
CA VAL A 768 14.35 39.45 6.17
C VAL A 768 13.07 38.68 6.46
N TYR A 769 12.90 37.52 5.83
CA TYR A 769 11.75 36.68 6.14
C TYR A 769 11.84 36.05 7.53
N PRO A 770 13.02 35.63 8.01
CA PRO A 770 13.05 35.02 9.35
C PRO A 770 12.64 35.96 10.47
N PHE A 771 12.77 37.28 10.26
CA PHE A 771 12.43 38.23 11.31
C PHE A 771 10.96 38.19 11.67
N THR A 772 10.09 37.71 10.78
CA THR A 772 8.68 37.61 11.10
C THR A 772 8.42 36.62 12.22
N SER A 773 9.38 35.73 12.51
CA SER A 773 9.21 34.77 13.59
C SER A 773 9.13 35.46 14.94
N LEU A 774 9.88 36.55 15.11
CA LEU A 774 9.86 37.26 16.40
C LEU A 774 8.47 37.79 16.75
N PRO A 775 7.72 38.41 15.84
CA PRO A 775 6.33 38.75 16.15
C PRO A 775 5.38 37.56 16.09
N LEU A 776 5.70 36.56 15.27
CA LEU A 776 4.82 35.41 15.13
C LEU A 776 4.73 34.63 16.43
N ILE A 777 5.86 34.44 17.11
CA ILE A 777 5.86 33.72 18.38
C ILE A 777 4.95 34.43 19.38
N ALA A 778 5.10 35.76 19.49
CA ALA A 778 4.27 36.52 20.41
C ALA A 778 2.80 36.43 20.02
N TYR A 779 2.49 36.56 18.73
CA TYR A 779 1.10 36.53 18.29
C TYR A 779 0.45 35.19 18.62
N CYS A 780 1.13 34.09 18.30
CA CYS A 780 0.56 32.78 18.61
C CYS A 780 0.53 32.52 20.11
N THR A 781 1.34 33.23 20.89
CA THR A 781 1.21 33.16 22.35
C THR A 781 0.01 33.97 22.85
N ILE A 782 -0.40 35.00 22.11
CA ILE A 782 -1.47 35.88 22.60
C ILE A 782 -2.72 35.11 23.00
N PRO A 783 -3.28 34.22 22.19
CA PRO A 783 -4.57 33.62 22.56
C PRO A 783 -4.54 32.88 23.88
N ALA A 784 -3.42 32.24 24.22
CA ALA A 784 -3.34 31.51 25.48
C ALA A 784 -3.56 32.45 26.67
N VAL A 785 -2.96 33.63 26.63
CA VAL A 785 -3.14 34.60 27.71
C VAL A 785 -4.51 35.26 27.62
N CYS A 786 -4.96 35.59 26.41
CA CYS A 786 -6.26 36.24 26.26
C CYS A 786 -7.38 35.36 26.79
N LEU A 787 -7.23 34.04 26.68
CA LEU A 787 -8.28 33.12 27.09
C LEU A 787 -8.25 32.79 28.58
N LEU A 788 -7.17 33.16 29.29
CA LEU A 788 -7.05 32.86 30.72
C LEU A 788 -7.08 34.12 31.57
N THR A 789 -6.19 35.06 31.32
CA THR A 789 -6.08 36.26 32.16
C THR A 789 -6.99 37.38 31.65
N GLY A 790 -6.78 37.82 30.41
CA GLY A 790 -7.59 38.91 29.88
C GLY A 790 -9.06 38.53 29.75
N LYS A 791 -9.33 37.39 29.11
CA LYS A 791 -10.69 36.92 28.87
C LYS A 791 -11.43 37.83 27.90
N PHE A 792 -10.72 38.46 26.97
CA PHE A 792 -11.34 39.31 25.97
C PHE A 792 -10.45 39.36 24.74
N ILE A 793 -11.05 39.73 23.61
CA ILE A 793 -10.32 39.90 22.36
C ILE A 793 -10.52 41.32 21.84
N ILE A 794 -11.76 41.66 21.53
CA ILE A 794 -12.09 42.96 20.96
C ILE A 794 -13.61 43.13 20.95
N PRO A 795 -14.15 44.30 21.30
CA PRO A 795 -15.60 44.48 21.19
C PRO A 795 -16.07 44.33 19.76
N THR A 796 -17.26 43.75 19.61
CA THR A 796 -17.85 43.47 18.30
C THR A 796 -18.97 44.46 18.02
N LEU A 797 -18.88 45.14 16.88
CA LEU A 797 -19.92 46.06 16.42
C LEU A 797 -20.52 45.50 15.13
N SER A 798 -21.85 45.42 15.10
CA SER A 798 -22.53 44.80 13.96
C SER A 798 -22.28 45.57 12.68
N ASN A 799 -22.32 46.90 12.75
CA ASN A 799 -22.33 47.70 11.52
C ASN A 799 -21.02 47.59 10.75
N LEU A 800 -19.89 47.79 11.43
CA LEU A 800 -18.61 47.96 10.75
C LEU A 800 -17.55 46.95 11.12
N ALA A 801 -17.39 46.62 12.41
CA ALA A 801 -16.31 45.73 12.81
C ALA A 801 -16.50 44.33 12.25
N SER A 802 -17.70 43.78 12.43
CA SER A 802 -17.98 42.44 11.92
C SER A 802 -17.91 42.42 10.40
N MET A 803 -18.37 43.49 9.74
CA MET A 803 -18.31 43.54 8.29
C MET A 803 -16.86 43.53 7.80
N LEU A 804 -15.98 44.28 8.49
CA LEU A 804 -14.57 44.26 8.11
C LEU A 804 -13.96 42.89 8.35
N PHE A 805 -14.31 42.24 9.47
CA PHE A 805 -13.81 40.89 9.72
C PHE A 805 -14.21 39.95 8.59
N LEU A 806 -15.49 40.01 8.20
CA LEU A 806 -15.97 39.16 7.12
C LEU A 806 -15.24 39.47 5.81
N GLY A 807 -15.05 40.75 5.53
CA GLY A 807 -14.37 41.12 4.30
C GLY A 807 -12.97 40.53 4.24
N LEU A 808 -12.21 40.68 5.33
CA LEU A 808 -10.86 40.13 5.36
C LEU A 808 -10.90 38.61 5.21
N PHE A 809 -11.79 37.95 5.97
CA PHE A 809 -11.82 36.49 5.97
C PHE A 809 -12.16 35.92 4.61
N ILE A 810 -13.14 36.52 3.92
CA ILE A 810 -13.51 36.02 2.61
C ILE A 810 -12.46 36.40 1.57
N SER A 811 -11.86 37.60 1.71
CA SER A 811 -10.87 38.04 0.75
C SER A 811 -9.65 37.14 0.74
N ILE A 812 -9.17 36.74 1.92
CA ILE A 812 -7.97 35.90 1.97
C ILE A 812 -8.22 34.57 1.27
N ILE A 813 -9.37 33.94 1.54
CA ILE A 813 -9.63 32.63 0.97
C ILE A 813 -9.87 32.72 -0.53
N VAL A 814 -10.61 33.73 -0.98
CA VAL A 814 -10.83 33.86 -2.42
C VAL A 814 -9.52 34.17 -3.14
N THR A 815 -8.66 34.98 -2.51
CA THR A 815 -7.36 35.26 -3.11
C THR A 815 -6.54 33.99 -3.21
N ALA A 816 -6.53 33.16 -2.17
CA ALA A 816 -5.78 31.92 -2.22
C ALA A 816 -6.29 31.00 -3.32
N VAL A 817 -7.61 30.87 -3.42
CA VAL A 817 -8.17 29.98 -4.45
C VAL A 817 -7.82 30.50 -5.84
N LEU A 818 -7.97 31.81 -6.06
CA LEU A 818 -7.73 32.36 -7.38
C LEU A 818 -6.26 32.24 -7.75
N GLU A 819 -5.36 32.46 -6.79
CA GLU A 819 -3.94 32.26 -7.03
C GLU A 819 -3.66 30.82 -7.41
N LEU A 820 -4.24 29.87 -6.67
CA LEU A 820 -4.03 28.47 -7.00
C LEU A 820 -4.56 28.13 -8.38
N ARG A 821 -5.57 28.85 -8.85
CA ARG A 821 -6.19 28.53 -10.13
C ARG A 821 -5.15 28.53 -11.25
N TRP A 822 -4.30 29.54 -11.31
CA TRP A 822 -3.40 29.72 -12.45
C TRP A 822 -2.06 29.02 -12.28
N SER A 823 -1.80 28.40 -11.13
CA SER A 823 -0.52 27.76 -10.87
C SER A 823 -0.57 26.24 -10.89
N GLY A 824 -1.76 25.65 -10.97
CA GLY A 824 -1.86 24.20 -11.00
C GLY A 824 -1.34 23.53 -9.75
N VAL A 825 -1.50 24.17 -8.59
CA VAL A 825 -1.07 23.62 -7.31
C VAL A 825 -2.26 22.99 -6.62
N SER A 826 -2.05 21.86 -5.97
CA SER A 826 -3.12 21.23 -5.20
C SER A 826 -3.44 22.07 -3.97
N ILE A 827 -4.73 22.11 -3.62
CA ILE A 827 -5.18 22.97 -2.53
C ILE A 827 -4.52 22.56 -1.22
N GLU A 828 -4.39 21.25 -0.98
CA GLU A 828 -3.79 20.78 0.26
C GLU A 828 -2.33 21.21 0.37
N ASP A 829 -1.66 21.40 -0.77
CA ASP A 829 -0.24 21.77 -0.73
C ASP A 829 -0.05 23.13 -0.09
N LEU A 830 -0.92 24.09 -0.41
CA LEU A 830 -0.79 25.43 0.18
C LEU A 830 -0.95 25.38 1.70
N TRP A 831 -1.96 24.63 2.17
CA TRP A 831 -2.17 24.51 3.61
C TRP A 831 -0.98 23.84 4.28
N ARG A 832 -0.47 22.77 3.67
CA ARG A 832 0.69 22.08 4.24
C ARG A 832 1.89 23.01 4.32
N ASN A 833 2.14 23.77 3.25
CA ASN A 833 3.28 24.67 3.23
C ASN A 833 3.13 25.77 4.28
N GLU A 834 1.93 26.33 4.44
CA GLU A 834 1.77 27.42 5.39
C GLU A 834 1.92 26.91 6.82
N GLN A 835 1.40 25.71 7.11
CA GLN A 835 1.60 25.17 8.46
C GLN A 835 3.08 24.87 8.71
N PHE A 836 3.79 24.36 7.70
CA PHE A 836 5.23 24.15 7.85
C PHE A 836 5.96 25.47 8.09
N TRP A 837 5.54 26.52 7.39
CA TRP A 837 6.16 27.84 7.59
C TRP A 837 5.89 28.35 9.01
N VAL A 838 4.67 28.14 9.52
CA VAL A 838 4.37 28.53 10.89
C VAL A 838 5.27 27.78 11.86
N ILE A 839 5.45 26.47 11.63
CA ILE A 839 6.32 25.69 12.51
C ILE A 839 7.74 26.24 12.48
N GLY A 840 8.27 26.47 11.28
CA GLY A 840 9.62 27.00 11.16
C GLY A 840 9.78 28.34 11.84
N GLY A 841 8.80 29.22 11.68
CA GLY A 841 8.82 30.48 12.41
C GLY A 841 8.79 30.28 13.91
N VAL A 842 8.03 29.27 14.37
CA VAL A 842 7.91 29.03 15.79
C VAL A 842 9.27 28.64 16.38
N SER A 843 9.99 27.74 15.70
CA SER A 843 11.24 27.20 16.26
C SER A 843 12.46 27.59 15.44
N ALA A 844 12.51 27.20 14.17
CA ALA A 844 13.75 27.31 13.41
C ALA A 844 14.16 28.77 13.24
N HIS A 845 13.25 29.60 12.76
CA HIS A 845 13.57 31.01 12.53
C HIS A 845 13.88 31.71 13.85
N LEU A 846 13.15 31.38 14.92
CA LEU A 846 13.39 32.02 16.21
C LEU A 846 14.82 31.74 16.68
N PHE A 847 15.21 30.46 16.70
CA PHE A 847 16.56 30.14 17.15
C PHE A 847 17.61 30.72 16.21
N ALA A 848 17.35 30.70 14.91
CA ALA A 848 18.31 31.26 13.96
C ALA A 848 18.51 32.75 14.20
N VAL A 849 17.42 33.50 14.42
CA VAL A 849 17.54 34.93 14.59
C VAL A 849 18.22 35.27 15.92
N PHE A 850 17.92 34.50 16.98
CA PHE A 850 18.64 34.72 18.23
C PHE A 850 20.13 34.45 18.07
N GLN A 851 20.49 33.37 17.38
CA GLN A 851 21.91 33.10 17.11
C GLN A 851 22.51 34.21 16.28
N GLY A 852 21.73 34.79 15.37
CA GLY A 852 22.22 35.91 14.59
C GLY A 852 22.52 37.13 15.43
N PHE A 853 21.61 37.46 16.36
CA PHE A 853 21.90 38.56 17.29
C PHE A 853 23.16 38.29 18.08
N LEU A 854 23.30 37.06 18.59
CA LEU A 854 24.49 36.75 19.38
C LEU A 854 25.76 36.89 18.56
N LYS A 855 25.75 36.37 17.33
CA LYS A 855 26.94 36.46 16.49
C LYS A 855 27.26 37.90 16.14
N MET A 856 26.23 38.71 15.82
CA MET A 856 26.48 40.11 15.50
C MET A 856 27.05 40.85 16.70
N LEU A 857 26.52 40.59 17.90
CA LEU A 857 27.05 41.23 19.09
C LEU A 857 28.50 40.81 19.33
N ALA A 858 28.80 39.52 19.14
CA ALA A 858 30.17 39.06 19.33
C ALA A 858 31.12 39.73 18.33
N GLY A 859 30.69 39.86 17.08
CA GLY A 859 31.51 40.49 16.05
C GLY A 859 31.70 39.60 14.85
N VAL A 882 23.18 22.92 17.43
CA VAL A 882 22.06 22.69 18.33
C VAL A 882 21.37 21.38 17.97
N LYS A 883 20.80 20.73 18.98
CA LYS A 883 20.12 19.45 18.80
C LYS A 883 18.65 19.67 18.46
N TRP A 884 18.06 18.67 17.79
CA TRP A 884 16.65 18.75 17.43
C TRP A 884 15.77 18.80 18.67
N THR A 885 16.16 18.11 19.74
CA THR A 885 15.37 18.15 20.97
C THR A 885 15.31 19.57 21.52
N THR A 886 16.45 20.28 21.52
CA THR A 886 16.44 21.68 21.91
C THR A 886 15.62 22.52 20.93
N LEU A 887 15.73 22.21 19.63
CA LEU A 887 14.97 22.96 18.63
C LEU A 887 13.47 22.81 18.84
N LEU A 888 13.04 21.71 19.43
CA LEU A 888 11.62 21.44 19.61
C LEU A 888 11.06 22.01 20.92
N ILE A 889 11.90 22.61 21.76
CA ILE A 889 11.42 23.15 23.03
C ILE A 889 10.36 24.23 22.82
N PRO A 890 10.53 25.19 21.92
CA PRO A 890 9.52 26.24 21.77
C PRO A 890 8.20 25.69 21.26
N PRO A 891 8.21 24.85 20.22
CA PRO A 891 6.94 24.22 19.80
C PRO A 891 6.26 23.43 20.90
N THR A 892 7.01 22.61 21.65
CA THR A 892 6.39 21.84 22.72
C THR A 892 5.81 22.76 23.80
N THR A 893 6.56 23.79 24.19
CA THR A 893 6.08 24.71 25.19
C THR A 893 4.81 25.42 24.74
N LEU A 894 4.79 25.88 23.49
CA LEU A 894 3.60 26.56 22.99
C LEU A 894 2.41 25.62 22.93
N LEU A 895 2.62 24.38 22.48
CA LEU A 895 1.52 23.42 22.42
C LEU A 895 0.94 23.18 23.81
N ILE A 896 1.81 22.93 24.79
CA ILE A 896 1.32 22.63 26.14
C ILE A 896 0.62 23.84 26.74
N ILE A 897 1.21 25.03 26.61
CA ILE A 897 0.59 26.21 27.20
C ILE A 897 -0.76 26.49 26.56
N ASN A 898 -0.84 26.38 25.23
CA ASN A 898 -2.10 26.64 24.55
C ASN A 898 -3.17 25.64 24.95
N ILE A 899 -2.81 24.35 25.03
CA ILE A 899 -3.82 23.34 25.34
C ILE A 899 -4.30 23.48 26.79
N VAL A 900 -3.37 23.68 27.72
CA VAL A 900 -3.78 23.84 29.13
C VAL A 900 -4.61 25.10 29.28
N GLY A 901 -4.21 26.19 28.62
CA GLY A 901 -4.98 27.42 28.71
C GLY A 901 -6.39 27.26 28.15
N VAL A 902 -6.51 26.63 26.98
CA VAL A 902 -7.83 26.49 26.37
C VAL A 902 -8.73 25.63 27.24
N VAL A 903 -8.20 24.51 27.77
CA VAL A 903 -9.06 23.65 28.59
C VAL A 903 -9.45 24.36 29.87
N ALA A 904 -8.50 25.03 30.54
CA ALA A 904 -8.82 25.72 31.79
C ALA A 904 -9.84 26.83 31.56
N GLY A 905 -9.67 27.62 30.50
CA GLY A 905 -10.62 28.67 30.20
C GLY A 905 -11.98 28.12 29.79
N PHE A 906 -12.00 26.98 29.11
CA PHE A 906 -13.26 26.33 28.80
C PHE A 906 -14.01 25.96 30.07
N SER A 907 -13.30 25.37 31.04
CA SER A 907 -13.94 25.05 32.31
C SER A 907 -14.41 26.32 33.02
N ASP A 908 -13.59 27.37 33.01
CA ASP A 908 -13.95 28.61 33.69
C ASP A 908 -15.15 29.28 33.03
N ALA A 909 -15.30 29.14 31.71
CA ALA A 909 -16.47 29.68 31.03
C ALA A 909 -17.70 28.84 31.29
N LEU A 910 -17.54 27.52 31.38
CA LEU A 910 -18.66 26.65 31.72
C LEU A 910 -19.18 26.97 33.11
N ASN A 911 -18.29 27.24 34.07
CA ASN A 911 -18.77 27.56 35.41
C ASN A 911 -19.65 28.79 35.40
N LYS A 912 -19.44 29.70 34.46
CA LYS A 912 -20.24 30.91 34.36
C LYS A 912 -21.65 30.57 33.86
N GLY A 913 -22.57 31.52 34.07
CA GLY A 913 -23.96 31.32 33.70
C GLY A 913 -24.26 31.69 32.26
N TYR A 914 -23.60 31.01 31.31
CA TYR A 914 -23.88 31.19 29.89
C TYR A 914 -23.68 32.64 29.44
N GLU A 915 -22.78 33.36 30.09
CA GLU A 915 -22.47 34.73 29.73
C GLU A 915 -21.33 34.85 28.73
N ALA A 916 -20.72 33.74 28.33
CA ALA A 916 -19.60 33.74 27.40
C ALA A 916 -19.99 33.20 26.03
N TRP A 917 -21.28 33.21 25.70
CA TRP A 917 -21.74 32.56 24.48
C TRP A 917 -21.05 33.10 23.23
N GLY A 918 -20.66 34.37 23.22
CA GLY A 918 -19.91 34.93 22.12
C GLY A 918 -18.41 34.93 22.34
N PRO A 919 -17.98 35.53 23.46
CA PRO A 919 -16.55 35.66 23.71
C PRO A 919 -15.81 34.34 23.82
N LEU A 920 -16.44 33.29 24.35
CA LEU A 920 -15.74 32.01 24.45
C LEU A 920 -15.41 31.46 23.07
N PHE A 921 -16.37 31.49 22.15
CA PHE A 921 -16.08 31.06 20.78
C PHE A 921 -15.02 31.94 20.15
N GLY A 922 -15.12 33.27 20.35
CA GLY A 922 -14.15 34.15 19.75
C GLY A 922 -12.73 33.88 20.25
N LYS A 923 -12.58 33.62 21.55
CA LYS A 923 -11.27 33.36 22.12
C LYS A 923 -10.77 31.96 21.77
N VAL A 924 -11.68 31.00 21.62
CA VAL A 924 -11.27 29.62 21.36
C VAL A 924 -10.92 29.39 19.89
N PHE A 925 -11.48 30.19 18.97
CA PHE A 925 -11.19 29.96 17.56
C PHE A 925 -9.70 30.16 17.26
N PHE A 926 -9.10 31.21 17.80
CA PHE A 926 -7.67 31.45 17.54
C PHE A 926 -6.81 30.34 18.13
N ALA A 927 -7.12 29.91 19.36
CA ALA A 927 -6.37 28.82 19.96
C ALA A 927 -6.52 27.54 19.16
N PHE A 928 -7.73 27.26 18.66
CA PHE A 928 -7.92 26.08 17.82
C PHE A 928 -7.12 26.17 16.54
N TRP A 929 -7.08 27.36 15.93
CA TRP A 929 -6.27 27.56 14.73
C TRP A 929 -4.80 27.24 15.01
N VAL A 930 -4.26 27.82 16.07
CA VAL A 930 -2.84 27.61 16.40
C VAL A 930 -2.59 26.13 16.68
N ILE A 931 -3.45 25.50 17.46
CA ILE A 931 -3.24 24.12 17.85
C ILE A 931 -3.36 23.19 16.66
N LEU A 932 -4.29 23.48 15.74
CA LEU A 932 -4.43 22.64 14.56
C LEU A 932 -3.25 22.80 13.63
N HIS A 933 -2.67 24.00 13.54
CA HIS A 933 -1.46 24.16 12.74
C HIS A 933 -0.27 23.44 13.38
N LEU A 934 -0.18 23.46 14.71
CA LEU A 934 1.00 22.91 15.38
C LEU A 934 0.99 21.41 15.68
N TYR A 935 -0.16 20.86 16.07
CA TYR A 935 -0.22 19.47 16.54
C TYR A 935 0.19 18.45 15.49
N PRO A 936 -0.23 18.54 14.23
CA PRO A 936 0.11 17.46 13.28
C PRO A 936 1.60 17.23 13.17
N PHE A 937 2.42 18.28 13.23
CA PHE A 937 3.87 18.12 13.16
C PHE A 937 4.40 17.39 14.37
N LEU A 938 4.02 17.83 15.58
CA LEU A 938 4.54 17.21 16.79
C LEU A 938 4.10 15.76 16.91
N LYS A 939 2.91 15.42 16.42
CA LYS A 939 2.40 14.06 16.53
C LYS A 939 3.31 13.08 15.80
N GLY A 940 3.75 13.44 14.59
CA GLY A 940 4.58 12.53 13.82
C GLY A 940 5.93 12.28 14.47
N LEU A 941 6.59 13.34 14.95
CA LEU A 941 7.90 13.15 15.57
C LEU A 941 7.78 12.41 16.88
N MET A 942 6.70 12.64 17.64
CA MET A 942 6.46 11.88 18.86
C MET A 942 5.57 10.65 18.62
N GLY A 943 5.15 10.41 17.38
CA GLY A 943 4.35 9.25 17.06
C GLY A 943 5.09 8.30 16.13
N ARG A 944 4.72 7.02 16.16
CA ARG A 944 5.36 6.04 15.30
C ARG A 944 4.80 6.04 13.89
N GLN A 945 3.62 6.61 13.68
CA GLN A 945 3.02 6.65 12.35
C GLN A 945 2.08 7.84 12.27
N ASN A 946 1.90 8.36 11.06
CA ASN A 946 0.98 9.46 10.81
C ASN A 946 -0.41 8.99 10.40
N ARG A 947 -0.53 7.73 9.96
CA ARG A 947 -1.84 7.21 9.59
C ARG A 947 -2.79 7.24 10.79
N THR A 948 -2.37 6.69 11.91
CA THR A 948 -3.14 6.70 13.16
C THR A 948 -2.22 7.22 14.25
N PRO A 949 -2.51 8.37 14.85
CA PRO A 949 -1.59 8.88 15.89
C PRO A 949 -1.42 7.86 17.00
N THR A 950 -2.51 7.60 17.72
CA THR A 950 -2.68 6.54 18.72
C THR A 950 -4.13 6.58 19.15
N ILE A 951 -4.52 5.62 19.97
CA ILE A 951 -5.78 5.67 20.71
C ILE A 951 -5.57 5.90 22.20
N VAL A 952 -4.37 5.64 22.72
CA VAL A 952 -4.11 5.85 24.13
C VAL A 952 -4.12 7.33 24.49
N VAL A 953 -3.59 8.18 23.59
CA VAL A 953 -3.55 9.61 23.88
C VAL A 953 -4.96 10.16 23.99
N LEU A 954 -5.91 9.65 23.21
CA LEU A 954 -7.30 10.08 23.36
C LEU A 954 -7.82 9.72 24.75
N TRP A 955 -7.55 8.50 25.21
CA TRP A 955 -7.98 8.10 26.55
C TRP A 955 -7.37 9.04 27.59
N SER A 956 -6.07 9.33 27.46
CA SER A 956 -5.41 10.19 28.42
C SER A 956 -6.00 11.60 28.40
N VAL A 957 -6.33 12.10 27.21
CA VAL A 957 -6.87 13.45 27.09
C VAL A 957 -8.26 13.52 27.73
N LEU A 958 -9.11 12.53 27.47
CA LEU A 958 -10.43 12.53 28.10
C LEU A 958 -10.32 12.38 29.62
N LEU A 959 -9.42 11.52 30.10
CA LEU A 959 -9.24 11.38 31.54
C LEU A 959 -8.72 12.67 32.16
N THR A 960 -7.83 13.39 31.46
CA THR A 960 -7.33 14.65 31.98
C THR A 960 -8.42 15.71 31.97
N SER A 961 -9.29 15.69 30.96
CA SER A 961 -10.45 16.59 30.98
C SER A 961 -11.36 16.30 32.16
N VAL A 962 -11.60 15.01 32.45
CA VAL A 962 -12.35 14.64 33.63
C VAL A 962 -11.66 15.14 34.89
N PHE A 963 -10.32 15.03 34.92
CA PHE A 963 -9.56 15.52 36.07
C PHE A 963 -9.77 17.01 36.28
N SER A 964 -9.63 17.79 35.21
CA SER A 964 -9.81 19.23 35.33
C SER A 964 -11.24 19.57 35.76
N LEU A 965 -12.22 18.90 35.18
CA LEU A 965 -13.62 19.16 35.54
C LEU A 965 -13.88 18.84 37.01
N VAL A 966 -13.37 17.69 37.48
CA VAL A 966 -13.58 17.31 38.87
C VAL A 966 -12.88 18.29 39.81
N TRP A 967 -11.66 18.71 39.46
CA TRP A 967 -10.94 19.66 40.29
C TRP A 967 -11.70 20.98 40.36
N VAL A 968 -12.24 21.44 39.24
CA VAL A 968 -13.00 22.69 39.24
C VAL A 968 -14.25 22.54 40.09
N LYS A 969 -14.96 21.41 39.96
CA LYS A 969 -16.16 21.19 40.76
C LYS A 969 -15.84 21.16 42.25
N ILE A 970 -14.72 20.54 42.61
CA ILE A 970 -14.39 20.37 44.03
C ILE A 970 -13.75 21.62 44.63
N ASN A 971 -13.16 22.48 43.81
CA ASN A 971 -12.48 23.68 44.30
C ASN A 971 -13.12 24.93 43.74
N GLU B 170 38.46 -13.95 30.95
CA GLU B 170 37.63 -12.81 30.58
C GLU B 170 36.14 -13.19 30.60
N PRO B 171 35.27 -12.21 30.84
CA PRO B 171 33.82 -12.49 30.85
C PRO B 171 33.26 -12.54 29.44
N LEU B 172 32.79 -13.72 29.05
CA LEU B 172 32.24 -13.88 27.70
C LEU B 172 30.89 -13.20 27.54
N SER B 173 30.10 -13.16 28.61
CA SER B 173 28.80 -12.51 28.60
C SER B 173 28.68 -11.60 29.82
N ILE B 174 28.03 -10.46 29.65
CA ILE B 174 27.85 -9.49 30.74
C ILE B 174 26.36 -9.31 31.00
N VAL B 175 26.00 -9.23 32.27
CA VAL B 175 24.62 -9.05 32.72
C VAL B 175 24.60 -7.79 33.58
N TYR B 176 24.03 -6.70 33.04
CA TYR B 176 23.90 -5.46 33.77
C TYR B 176 22.43 -5.13 34.02
N PRO B 177 22.07 -4.64 35.20
CA PRO B 177 20.66 -4.27 35.44
C PRO B 177 20.27 -2.98 34.73
N ILE B 178 19.07 -2.49 34.99
CA ILE B 178 18.60 -1.23 34.43
C ILE B 178 19.54 -0.13 34.93
N PRO B 179 19.79 0.92 34.14
CA PRO B 179 20.78 1.93 34.57
C PRO B 179 20.42 2.65 35.87
N ARG B 180 19.28 2.32 36.46
CA ARG B 180 18.77 2.87 37.71
C ARG B 180 18.13 4.25 37.50
N ASN B 181 18.24 4.83 36.30
CA ASN B 181 17.51 6.06 36.00
C ASN B 181 16.05 5.80 35.64
N LYS B 182 15.69 4.54 35.37
CA LYS B 182 14.32 4.17 35.04
C LYS B 182 13.74 3.13 35.99
N LEU B 183 14.53 2.61 36.92
CA LEU B 183 14.09 1.52 37.80
C LEU B 183 13.62 2.02 39.16
N THR B 184 14.37 2.91 39.81
CA THR B 184 13.90 3.47 41.08
C THR B 184 12.62 4.27 40.91
N PRO B 185 12.44 5.11 39.89
CA PRO B 185 11.14 5.76 39.71
C PRO B 185 10.02 4.75 39.53
N TYR B 186 10.26 3.68 38.78
CA TYR B 186 9.27 2.60 38.67
C TYR B 186 8.91 2.04 40.03
N ARG B 187 9.91 1.70 40.84
CA ARG B 187 9.64 1.12 42.15
C ARG B 187 8.81 2.10 42.99
N ALA B 188 9.19 3.38 42.98
CA ALA B 188 8.48 4.37 43.78
C ALA B 188 7.03 4.49 43.33
N VAL B 189 6.81 4.58 42.02
CA VAL B 189 5.45 4.79 41.52
C VAL B 189 4.58 3.56 41.77
N ILE B 190 5.14 2.36 41.62
CA ILE B 190 4.34 1.16 41.85
C ILE B 190 4.01 1.03 43.33
N ILE B 191 4.94 1.38 44.22
CA ILE B 191 4.64 1.36 45.64
C ILE B 191 3.56 2.39 45.97
N MET B 192 3.63 3.57 45.35
CA MET B 192 2.59 4.58 45.56
C MET B 192 1.24 4.06 45.08
N ARG B 193 1.22 3.39 43.93
CA ARG B 193 -0.02 2.82 43.42
C ARG B 193 -0.58 1.78 44.37
N LEU B 194 0.29 0.93 44.93
CA LEU B 194 -0.17 -0.07 45.90
C LEU B 194 -0.76 0.61 47.14
N ILE B 195 -0.10 1.64 47.64
CA ILE B 195 -0.61 2.34 48.82
C ILE B 195 -1.95 2.99 48.51
N ILE B 196 -2.08 3.61 47.35
CA ILE B 196 -3.34 4.24 46.96
C ILE B 196 -4.44 3.20 46.86
N LEU B 197 -4.14 2.05 46.27
CA LEU B 197 -5.13 0.99 46.16
C LEU B 197 -5.56 0.50 47.54
N GLY B 198 -4.61 0.33 48.45
CA GLY B 198 -4.97 -0.09 49.80
C GLY B 198 -5.88 0.90 50.50
N LEU B 199 -5.53 2.19 50.43
CA LEU B 199 -6.37 3.22 51.03
C LEU B 199 -7.75 3.24 50.39
N PHE B 200 -7.79 3.14 49.06
CA PHE B 200 -9.06 3.11 48.34
C PHE B 200 -9.94 1.96 48.82
N PHE B 201 -9.36 0.77 48.94
CA PHE B 201 -10.15 -0.40 49.33
C PHE B 201 -10.60 -0.29 50.77
N HIS B 202 -9.75 0.20 51.66
CA HIS B 202 -10.18 0.39 53.04
C HIS B 202 -11.35 1.35 53.13
N TYR B 203 -11.24 2.50 52.44
CA TYR B 203 -12.31 3.48 52.47
C TYR B 203 -13.59 2.92 51.86
N ARG B 204 -13.48 2.19 50.75
CA ARG B 204 -14.65 1.59 50.13
C ARG B 204 -15.32 0.60 51.06
N ILE B 205 -14.52 -0.25 51.72
CA ILE B 205 -15.09 -1.24 52.62
C ILE B 205 -15.81 -0.57 53.78
N THR B 206 -15.22 0.50 54.32
CA THR B 206 -15.75 1.08 55.55
C THR B 206 -16.89 2.08 55.31
N ASN B 207 -16.63 3.18 54.57
CA ASN B 207 -17.63 4.24 54.54
C ASN B 207 -18.82 3.95 53.62
N PRO B 208 -18.67 3.76 52.31
CA PRO B 208 -19.85 3.63 51.46
C PRO B 208 -20.70 2.40 51.79
N VAL B 209 -22.01 2.56 51.60
CA VAL B 209 -22.94 1.45 51.51
C VAL B 209 -23.60 1.39 50.14
N ASP B 210 -23.91 2.54 49.55
CA ASP B 210 -24.45 2.70 48.20
C ASP B 210 -25.93 2.37 48.11
N SER B 211 -26.62 2.16 49.22
CA SER B 211 -28.07 1.93 49.29
C SER B 211 -28.49 0.60 48.70
N ALA B 212 -27.58 -0.18 48.13
CA ALA B 212 -27.90 -1.50 47.60
C ALA B 212 -26.80 -2.47 48.04
N PHE B 213 -27.20 -3.64 48.52
CA PHE B 213 -26.25 -4.58 49.10
C PHE B 213 -25.63 -5.49 48.05
N GLY B 214 -26.46 -6.19 47.27
CA GLY B 214 -25.93 -7.19 46.36
C GLY B 214 -25.05 -6.60 45.28
N LEU B 215 -25.52 -5.52 44.65
CA LEU B 215 -24.76 -4.90 43.57
C LEU B 215 -23.42 -4.39 44.07
N TRP B 216 -23.44 -3.67 45.21
CA TRP B 216 -22.21 -3.12 45.76
C TRP B 216 -21.27 -4.24 46.20
N LEU B 217 -21.81 -5.31 46.78
CA LEU B 217 -20.97 -6.42 47.19
C LEU B 217 -20.29 -7.08 46.00
N THR B 218 -21.05 -7.29 44.91
CA THR B 218 -20.44 -7.86 43.72
C THR B 218 -19.35 -6.95 43.17
N SER B 219 -19.62 -5.64 43.11
CA SER B 219 -18.62 -4.71 42.60
C SER B 219 -17.35 -4.74 43.44
N VAL B 220 -17.51 -4.70 44.77
CA VAL B 220 -16.34 -4.61 45.64
C VAL B 220 -15.56 -5.92 45.61
N ILE B 221 -16.25 -7.06 45.60
CA ILE B 221 -15.54 -8.34 45.58
C ILE B 221 -14.79 -8.52 44.26
N CYS B 222 -15.42 -8.14 43.14
CA CYS B 222 -14.71 -8.25 41.87
C CYS B 222 -13.52 -7.30 41.82
N GLU B 223 -13.66 -6.09 42.37
CA GLU B 223 -12.55 -5.16 42.40
C GLU B 223 -11.41 -5.70 43.28
N ILE B 224 -11.74 -6.33 44.40
CA ILE B 224 -10.70 -6.88 45.26
C ILE B 224 -10.00 -8.04 44.57
N TRP B 225 -10.76 -8.88 43.85
CA TRP B 225 -10.13 -9.95 43.08
C TRP B 225 -9.19 -9.39 42.02
N PHE B 226 -9.62 -8.33 41.33
CA PHE B 226 -8.75 -7.68 40.36
C PHE B 226 -7.49 -7.14 41.02
N ALA B 227 -7.63 -6.54 42.20
CA ALA B 227 -6.47 -5.99 42.90
C ALA B 227 -5.48 -7.10 43.27
N PHE B 228 -5.98 -8.22 43.79
CA PHE B 228 -5.09 -9.34 44.09
C PHE B 228 -4.41 -9.84 42.83
N SER B 229 -5.15 -9.96 41.73
CA SER B 229 -4.55 -10.43 40.49
C SER B 229 -3.45 -9.49 40.01
N TRP B 230 -3.70 -8.18 40.10
CA TRP B 230 -2.73 -7.20 39.61
C TRP B 230 -1.49 -7.17 40.50
N VAL B 231 -1.68 -7.12 41.82
CA VAL B 231 -0.54 -7.04 42.73
C VAL B 231 0.29 -8.31 42.63
N LEU B 232 -0.36 -9.45 42.44
CA LEU B 232 0.35 -10.70 42.22
C LEU B 232 0.91 -10.83 40.80
N ASP B 233 0.54 -9.91 39.90
CA ASP B 233 1.03 -9.93 38.52
C ASP B 233 2.07 -8.86 38.23
N GLN B 234 2.10 -7.77 39.01
CA GLN B 234 3.04 -6.68 38.78
C GLN B 234 4.38 -6.89 39.48
N PHE B 235 4.41 -7.66 40.57
CA PHE B 235 5.66 -7.88 41.28
C PHE B 235 6.73 -8.57 40.46
N PRO B 236 6.46 -9.64 39.70
CA PRO B 236 7.55 -10.33 39.00
C PRO B 236 8.29 -9.43 38.01
N LYS B 237 7.67 -8.35 37.55
CA LYS B 237 8.38 -7.38 36.73
C LYS B 237 9.45 -6.62 37.50
N TRP B 238 9.46 -6.74 38.83
CA TRP B 238 10.47 -6.06 39.64
C TRP B 238 11.86 -6.52 39.25
N LYS B 239 12.82 -5.58 39.26
CA LYS B 239 14.22 -5.86 39.00
C LYS B 239 14.42 -6.43 37.60
N PRO B 240 14.15 -5.65 36.54
CA PRO B 240 14.49 -6.11 35.19
C PRO B 240 15.99 -6.15 34.98
N VAL B 241 16.43 -7.03 34.07
CA VAL B 241 17.84 -7.27 33.83
C VAL B 241 18.07 -7.41 32.32
N ASN B 242 19.20 -6.90 31.85
CA ASN B 242 19.62 -7.03 30.47
C ASN B 242 20.90 -7.86 30.40
N ARG B 243 21.27 -8.23 29.16
CA ARG B 243 22.42 -9.11 28.95
C ARG B 243 23.01 -8.85 27.58
N GLU B 244 24.31 -9.10 27.45
CA GLU B 244 24.97 -9.10 26.15
C GLU B 244 25.98 -10.24 26.09
N THR B 245 26.14 -10.80 24.89
CA THR B 245 27.05 -11.90 24.62
C THR B 245 28.13 -11.43 23.65
N PHE B 246 29.28 -12.09 23.71
CA PHE B 246 30.49 -11.66 22.98
C PHE B 246 31.07 -12.82 22.19
N ILE B 247 30.58 -12.97 20.96
CA ILE B 247 31.05 -14.05 20.07
C ILE B 247 32.52 -13.84 19.73
N GLU B 248 32.97 -12.58 19.67
CA GLU B 248 34.37 -12.33 19.34
C GLU B 248 35.30 -12.99 20.35
N ARG B 249 35.07 -12.74 21.64
CA ARG B 249 35.89 -13.38 22.66
C ARG B 249 35.60 -14.88 22.78
N LEU B 250 34.36 -15.31 22.54
CA LEU B 250 34.11 -16.75 22.50
C LEU B 250 35.02 -17.42 21.49
N SER B 251 35.05 -16.91 20.26
CA SER B 251 35.91 -17.49 19.22
C SER B 251 37.38 -17.32 19.58
N ALA B 252 37.76 -16.17 20.15
CA ALA B 252 39.16 -15.95 20.46
C ALA B 252 39.68 -16.97 21.45
N ARG B 253 38.88 -17.31 22.46
CA ARG B 253 39.34 -18.25 23.50
C ARG B 253 39.09 -19.70 23.10
N TYR B 254 37.83 -20.07 22.88
CA TYR B 254 37.49 -21.48 22.74
C TYR B 254 37.85 -22.05 21.38
N GLU B 255 37.82 -21.23 20.32
CA GLU B 255 38.16 -21.76 19.00
C GLU B 255 39.60 -22.27 18.97
N ARG B 256 40.53 -21.52 19.57
CA ARG B 256 41.92 -21.94 19.66
C ARG B 256 42.50 -22.26 18.28
N GLU B 257 42.57 -21.22 17.45
CA GLU B 257 43.05 -21.38 16.08
C GLU B 257 44.45 -22.00 16.08
N GLY B 258 44.64 -22.98 15.19
CA GLY B 258 45.88 -23.71 15.11
C GLY B 258 45.88 -25.04 15.83
N GLU B 259 44.87 -25.31 16.65
CA GLU B 259 44.73 -26.56 17.38
C GLU B 259 43.28 -27.01 17.29
N PRO B 260 43.01 -28.28 17.57
CA PRO B 260 41.64 -28.79 17.39
C PRO B 260 40.63 -28.00 18.20
N SER B 261 39.44 -27.83 17.62
CA SER B 261 38.39 -27.05 18.27
C SER B 261 37.94 -27.73 19.56
N GLN B 262 37.50 -26.91 20.51
CA GLN B 262 37.03 -27.37 21.82
C GLN B 262 35.63 -26.83 22.09
N LEU B 263 34.75 -26.96 21.11
CA LEU B 263 33.36 -26.52 21.22
C LEU B 263 32.46 -27.74 21.42
N ALA B 264 31.48 -27.60 22.30
CA ALA B 264 30.61 -28.72 22.64
C ALA B 264 29.65 -29.01 21.49
N ALA B 265 29.20 -30.26 21.43
CA ALA B 265 28.27 -30.68 20.40
C ALA B 265 26.87 -30.15 20.68
N VAL B 266 26.08 -30.04 19.62
CA VAL B 266 24.69 -29.57 19.70
C VAL B 266 23.82 -30.50 18.87
N ASP B 267 22.66 -30.86 19.42
CA ASP B 267 21.69 -31.71 18.74
C ASP B 267 20.42 -30.91 18.50
N PHE B 268 20.18 -30.52 17.26
CA PHE B 268 18.94 -29.85 16.90
C PHE B 268 17.83 -30.85 16.73
N PHE B 269 16.64 -30.52 17.22
CA PHE B 269 15.47 -31.37 17.13
C PHE B 269 14.38 -30.69 16.31
N VAL B 270 13.76 -31.46 15.41
CA VAL B 270 12.59 -31.01 14.66
C VAL B 270 11.57 -32.14 14.67
N SER B 271 10.31 -31.80 14.95
CA SER B 271 9.23 -32.78 15.03
C SER B 271 8.09 -32.38 14.12
N THR B 272 7.54 -33.36 13.41
CA THR B 272 6.43 -33.15 12.49
C THR B 272 5.31 -34.13 12.82
N VAL B 273 4.08 -33.71 12.57
CA VAL B 273 2.90 -34.51 12.89
C VAL B 273 2.31 -35.16 11.65
N ASP B 274 2.11 -34.39 10.58
CA ASP B 274 1.52 -34.92 9.36
C ASP B 274 1.83 -33.98 8.21
N PRO B 275 2.17 -34.50 7.02
CA PRO B 275 2.52 -33.60 5.92
C PRO B 275 1.33 -32.97 5.21
N LEU B 276 0.12 -33.50 5.38
CA LEU B 276 -1.04 -32.90 4.71
C LEU B 276 -1.46 -31.61 5.38
N LYS B 277 -1.47 -31.57 6.72
CA LYS B 277 -1.90 -30.37 7.42
C LYS B 277 -0.98 -29.20 7.13
N GLU B 278 0.34 -29.44 7.12
CA GLU B 278 1.32 -28.41 6.79
C GLU B 278 2.20 -28.94 5.67
N PRO B 279 2.45 -28.15 4.62
CA PRO B 279 3.20 -28.68 3.49
C PRO B 279 4.61 -29.06 3.90
N PRO B 280 5.18 -30.10 3.29
CA PRO B 280 6.57 -30.47 3.61
C PRO B 280 7.60 -29.45 3.18
N LEU B 281 7.21 -28.45 2.37
CA LEU B 281 8.17 -27.44 1.93
C LEU B 281 8.70 -26.65 3.12
N ILE B 282 7.82 -26.27 4.05
CA ILE B 282 8.26 -25.51 5.22
C ILE B 282 9.20 -26.35 6.07
N THR B 283 8.89 -27.63 6.25
CA THR B 283 9.78 -28.52 6.99
C THR B 283 11.13 -28.62 6.32
N ALA B 284 11.15 -28.72 4.98
CA ALA B 284 12.42 -28.78 4.26
C ALA B 284 13.21 -27.49 4.43
N ASN B 285 12.53 -26.35 4.38
CA ASN B 285 13.22 -25.08 4.59
C ASN B 285 13.83 -25.01 5.98
N THR B 286 13.08 -25.43 7.00
CA THR B 286 13.61 -25.44 8.36
C THR B 286 14.80 -26.38 8.48
N VAL B 287 14.72 -27.54 7.84
CA VAL B 287 15.83 -28.51 7.88
C VAL B 287 17.07 -27.91 7.22
N LEU B 288 16.90 -27.24 6.09
CA LEU B 288 18.02 -26.60 5.42
C LEU B 288 18.63 -25.51 6.30
N SER B 289 17.78 -24.69 6.92
CA SER B 289 18.29 -23.65 7.81
C SER B 289 19.08 -24.26 8.97
N ILE B 290 18.58 -25.37 9.51
CA ILE B 290 19.28 -26.05 10.60
C ILE B 290 20.63 -26.56 10.11
N LEU B 291 20.65 -27.14 8.90
CA LEU B 291 21.87 -27.73 8.36
C LEU B 291 22.87 -26.68 7.89
N ALA B 292 22.46 -25.42 7.76
CA ALA B 292 23.32 -24.35 7.26
C ALA B 292 23.66 -23.34 8.35
N VAL B 293 23.91 -23.81 9.57
CA VAL B 293 24.31 -22.95 10.66
C VAL B 293 25.82 -22.75 10.62
N ASP B 294 26.29 -21.72 11.35
CA ASP B 294 27.72 -21.41 11.43
C ASP B 294 28.29 -22.08 12.67
N TYR B 295 28.63 -23.36 12.52
CA TYR B 295 29.18 -24.17 13.59
C TYR B 295 30.00 -25.28 12.95
N PRO B 296 31.03 -25.79 13.64
CA PRO B 296 31.82 -26.88 13.05
C PRO B 296 30.92 -28.06 12.68
N VAL B 297 31.18 -28.62 11.50
CA VAL B 297 30.32 -29.68 10.98
C VAL B 297 30.36 -30.90 11.87
N ASP B 298 31.46 -31.12 12.58
CA ASP B 298 31.59 -32.30 13.43
C ASP B 298 30.76 -32.20 14.70
N LYS B 299 30.32 -30.99 15.08
CA LYS B 299 29.58 -30.78 16.32
C LYS B 299 28.07 -30.80 16.09
N VAL B 300 27.57 -29.91 15.24
CA VAL B 300 26.13 -29.80 15.02
C VAL B 300 25.60 -31.09 14.40
N SER B 301 24.46 -31.55 14.92
CA SER B 301 23.80 -32.72 14.36
C SER B 301 22.29 -32.50 14.42
N CYS B 302 21.60 -32.73 13.30
CA CYS B 302 20.17 -32.49 13.19
C CYS B 302 19.41 -33.80 13.29
N TYR B 303 18.24 -33.76 13.93
CA TYR B 303 17.36 -34.91 14.07
C TYR B 303 15.95 -34.49 13.68
N VAL B 304 15.30 -35.30 12.87
CA VAL B 304 13.94 -35.07 12.41
C VAL B 304 13.09 -36.28 12.78
N SER B 305 11.97 -36.03 13.46
CA SER B 305 11.06 -37.07 13.88
C SER B 305 9.67 -36.79 13.30
N ASP B 306 8.96 -37.86 12.99
CA ASP B 306 7.60 -37.77 12.46
C ASP B 306 6.70 -38.76 13.18
N ASP B 307 5.48 -38.32 13.47
CA ASP B 307 4.48 -39.18 14.11
C ASP B 307 3.57 -39.87 13.11
N GLY B 308 3.36 -39.25 11.94
CA GLY B 308 2.52 -39.86 10.92
C GLY B 308 3.18 -40.99 10.15
N ALA B 309 4.51 -41.05 10.16
CA ALA B 309 5.23 -42.11 9.45
C ALA B 309 4.85 -42.14 7.97
N ALA B 310 4.74 -40.96 7.37
CA ALA B 310 4.33 -40.83 5.99
C ALA B 310 5.55 -40.87 5.05
N MET B 311 5.37 -41.50 3.90
CA MET B 311 6.46 -41.58 2.92
C MET B 311 6.72 -40.24 2.23
N LEU B 312 5.73 -39.35 2.21
CA LEU B 312 5.95 -38.04 1.60
C LEU B 312 7.04 -37.28 2.33
N THR B 313 7.02 -37.31 3.66
CA THR B 313 8.07 -36.64 4.44
C THR B 313 9.42 -37.26 4.17
N PHE B 314 9.48 -38.60 4.10
CA PHE B 314 10.76 -39.26 3.84
C PHE B 314 11.32 -38.88 2.48
N GLU B 315 10.48 -38.86 1.45
CA GLU B 315 10.95 -38.47 0.12
C GLU B 315 11.36 -37.00 0.09
N SER B 316 10.61 -36.14 0.79
CA SER B 316 10.98 -34.74 0.85
C SER B 316 12.34 -34.56 1.51
N LEU B 317 12.59 -35.30 2.59
CA LEU B 317 13.90 -35.24 3.24
C LEU B 317 14.99 -35.78 2.33
N VAL B 318 14.70 -36.83 1.57
CA VAL B 318 15.70 -37.38 0.64
C VAL B 318 16.09 -36.33 -0.38
N GLU B 319 15.10 -35.63 -0.96
CA GLU B 319 15.41 -34.57 -1.92
C GLU B 319 16.11 -33.40 -1.24
N THR B 320 15.70 -33.07 -0.02
CA THR B 320 16.33 -31.97 0.71
C THR B 320 17.79 -32.29 1.00
N ALA B 321 18.14 -33.57 1.12
CA ALA B 321 19.55 -33.94 1.31
C ALA B 321 20.39 -33.48 0.12
N GLU B 322 19.93 -33.78 -1.10
CA GLU B 322 20.65 -33.34 -2.29
C GLU B 322 20.65 -31.81 -2.39
N PHE B 323 19.50 -31.19 -2.12
CA PHE B 323 19.44 -29.73 -2.22
C PHE B 323 20.40 -29.08 -1.22
N ALA B 324 20.50 -29.63 -0.02
CA ALA B 324 21.46 -29.13 0.97
C ALA B 324 22.89 -29.37 0.49
N ARG B 325 23.17 -30.53 -0.07
CA ARG B 325 24.49 -30.77 -0.64
C ARG B 325 24.84 -29.68 -1.64
N LYS B 326 23.86 -29.23 -2.41
CA LYS B 326 24.12 -28.17 -3.39
C LYS B 326 24.24 -26.79 -2.73
N TRP B 327 23.43 -26.54 -1.70
CA TRP B 327 23.23 -25.18 -1.17
C TRP B 327 24.20 -24.81 -0.06
N VAL B 328 24.65 -25.76 0.74
CA VAL B 328 25.46 -25.44 1.92
C VAL B 328 26.74 -24.70 1.55
N PRO B 329 27.55 -25.17 0.59
CA PRO B 329 28.80 -24.43 0.30
C PRO B 329 28.56 -22.99 -0.11
N PHE B 330 27.55 -22.74 -0.94
CA PHE B 330 27.25 -21.38 -1.37
C PHE B 330 26.92 -20.48 -0.18
N CYS B 331 26.00 -20.95 0.68
CA CYS B 331 25.58 -20.14 1.81
C CYS B 331 26.74 -19.91 2.78
N LYS B 332 27.49 -20.96 3.10
CA LYS B 332 28.60 -20.82 4.04
C LYS B 332 29.74 -20.00 3.46
N LYS B 333 29.86 -19.92 2.13
CA LYS B 333 30.93 -19.15 1.52
C LYS B 333 30.58 -17.68 1.40
N PHE B 334 29.31 -17.37 1.12
CA PHE B 334 28.89 -15.99 0.93
C PHE B 334 28.21 -15.37 2.15
N SER B 335 28.10 -16.11 3.25
CA SER B 335 27.60 -15.57 4.51
C SER B 335 26.26 -14.86 4.32
N ILE B 336 25.37 -15.49 3.56
CA ILE B 336 24.05 -14.92 3.30
C ILE B 336 23.12 -15.28 4.47
N GLU B 337 22.10 -14.44 4.67
CA GLU B 337 21.11 -14.66 5.71
C GLU B 337 19.81 -14.01 5.27
N PRO B 338 18.65 -14.60 5.62
CA PRO B 338 18.49 -15.84 6.40
C PRO B 338 18.84 -17.08 5.59
N ARG B 339 19.15 -18.18 6.30
CA ARG B 339 19.61 -19.39 5.64
C ARG B 339 18.48 -20.15 4.96
N ALA B 340 17.22 -19.90 5.33
CA ALA B 340 16.11 -20.59 4.70
C ALA B 340 15.94 -20.10 3.27
N PRO B 341 15.96 -20.98 2.26
CA PRO B 341 15.88 -20.48 0.88
C PRO B 341 14.53 -19.89 0.53
N GLU B 342 13.44 -20.52 0.94
CA GLU B 342 12.12 -19.98 0.63
C GLU B 342 11.92 -18.60 1.25
N PHE B 343 12.38 -18.43 2.49
CA PHE B 343 12.21 -17.15 3.18
C PHE B 343 13.33 -16.16 2.87
N TYR B 344 14.35 -16.57 2.12
CA TYR B 344 15.43 -15.67 1.71
C TYR B 344 15.24 -15.14 0.30
N PHE B 345 14.99 -16.03 -0.67
CA PHE B 345 14.78 -15.59 -2.04
C PHE B 345 13.57 -14.67 -2.16
N SER B 346 12.57 -14.86 -1.31
CA SER B 346 11.36 -14.04 -1.33
C SER B 346 11.51 -12.84 -0.39
N GLN B 347 12.57 -12.07 -0.64
CA GLN B 347 12.84 -10.85 0.12
C GLN B 347 13.02 -9.70 -0.86
N LYS B 348 12.31 -8.60 -0.61
CA LYS B 348 12.41 -7.42 -1.45
C LYS B 348 13.50 -6.46 -0.99
N ILE B 349 14.17 -6.75 0.13
CA ILE B 349 15.32 -5.94 0.52
C ILE B 349 16.43 -6.12 -0.51
N ASP B 350 17.20 -5.06 -0.73
CA ASP B 350 18.27 -5.10 -1.72
C ASP B 350 19.25 -6.21 -1.40
N TYR B 351 19.30 -7.23 -2.26
CA TYR B 351 20.17 -8.37 -2.00
C TYR B 351 21.63 -8.04 -2.24
N LEU B 352 21.93 -7.04 -3.07
CA LEU B 352 23.29 -6.55 -3.27
C LEU B 352 23.46 -5.28 -2.44
N LYS B 353 23.72 -5.47 -1.15
CA LYS B 353 23.89 -4.37 -0.21
C LYS B 353 25.31 -4.24 0.28
N ASP B 354 25.89 -5.31 0.85
CA ASP B 354 27.24 -5.27 1.40
C ASP B 354 27.99 -6.55 1.05
N LYS B 355 27.86 -7.01 -0.18
CA LYS B 355 28.55 -8.20 -0.65
C LYS B 355 29.73 -7.79 -1.52
N VAL B 356 30.91 -8.33 -1.21
CA VAL B 356 32.15 -7.97 -1.87
C VAL B 356 32.72 -9.11 -2.71
N GLN B 357 32.09 -10.27 -2.73
CA GLN B 357 32.61 -11.39 -3.50
C GLN B 357 32.47 -11.09 -4.99
N PRO B 358 33.55 -11.18 -5.77
CA PRO B 358 33.47 -10.75 -7.18
C PRO B 358 32.46 -11.54 -7.99
N SER B 359 32.31 -12.83 -7.73
CA SER B 359 31.47 -13.72 -8.53
C SER B 359 30.17 -14.07 -7.82
N PHE B 360 29.60 -13.12 -7.09
CA PHE B 360 28.39 -13.39 -6.32
C PHE B 360 27.15 -13.49 -7.21
N VAL B 361 27.07 -12.66 -8.24
CA VAL B 361 25.83 -12.56 -9.02
C VAL B 361 25.57 -13.86 -9.77
N LYS B 362 26.58 -14.38 -10.46
CA LYS B 362 26.40 -15.61 -11.23
C LYS B 362 26.04 -16.78 -10.33
N GLU B 363 26.74 -16.91 -9.20
CA GLU B 363 26.44 -17.98 -8.27
C GLU B 363 25.02 -17.85 -7.72
N ARG B 364 24.60 -16.63 -7.40
CA ARG B 364 23.25 -16.43 -6.88
C ARG B 364 22.21 -16.82 -7.93
N ARG B 365 22.43 -16.43 -9.19
CA ARG B 365 21.46 -16.77 -10.23
C ARG B 365 21.38 -18.28 -10.43
N ALA B 366 22.53 -18.95 -10.49
CA ALA B 366 22.54 -20.39 -10.68
C ALA B 366 21.86 -21.09 -9.50
N MET B 367 22.14 -20.63 -8.28
CA MET B 367 21.53 -21.27 -7.11
C MET B 367 20.03 -21.01 -7.07
N LYS B 368 19.59 -19.83 -7.51
CA LYS B 368 18.15 -19.57 -7.57
C LYS B 368 17.48 -20.51 -8.56
N ARG B 369 18.09 -20.70 -9.74
CA ARG B 369 17.52 -21.64 -10.70
C ARG B 369 17.46 -23.05 -10.13
N ASP B 370 18.53 -23.48 -9.46
CA ASP B 370 18.54 -24.81 -8.85
C ASP B 370 17.46 -24.93 -7.78
N TYR B 371 17.27 -23.87 -6.99
CA TYR B 371 16.24 -23.90 -5.94
C TYR B 371 14.85 -23.97 -6.55
N GLU B 372 14.61 -23.26 -7.66
CA GLU B 372 13.32 -23.40 -8.33
C GLU B 372 13.10 -24.81 -8.85
N GLU B 373 14.15 -25.43 -9.40
CA GLU B 373 14.02 -26.82 -9.86
C GLU B 373 13.70 -27.74 -8.68
N TYR B 374 14.37 -27.54 -7.54
CA TYR B 374 14.10 -28.34 -6.36
C TYR B 374 12.67 -28.13 -5.87
N LYS B 375 12.19 -26.90 -5.91
CA LYS B 375 10.80 -26.61 -5.55
C LYS B 375 9.84 -27.37 -6.47
N VAL B 376 10.14 -27.38 -7.77
CA VAL B 376 9.30 -28.13 -8.71
C VAL B 376 9.28 -29.60 -8.35
N ARG B 377 10.44 -30.18 -8.05
CA ARG B 377 10.50 -31.60 -7.71
C ARG B 377 9.72 -31.89 -6.43
N VAL B 378 9.84 -31.03 -5.42
CA VAL B 378 9.12 -31.24 -4.17
C VAL B 378 7.62 -31.12 -4.40
N ASN B 379 7.20 -30.16 -5.23
CA ASN B 379 5.79 -30.04 -5.55
C ASN B 379 5.29 -31.29 -6.27
N ALA B 380 6.10 -31.84 -7.17
CA ALA B 380 5.72 -33.09 -7.84
C ALA B 380 5.54 -34.21 -6.83
N LEU B 381 6.47 -34.34 -5.88
CA LEU B 381 6.33 -35.38 -4.86
C LEU B 381 5.07 -35.17 -4.03
N VAL B 382 4.79 -33.92 -3.64
CA VAL B 382 3.60 -33.63 -2.85
C VAL B 382 2.34 -34.01 -3.62
N ALA B 383 2.28 -33.64 -4.90
CA ALA B 383 1.11 -33.97 -5.71
C ALA B 383 0.95 -35.48 -5.84
N LYS B 384 2.07 -36.20 -6.04
CA LYS B 384 1.99 -37.65 -6.16
C LYS B 384 1.48 -38.28 -4.86
N ALA B 385 1.92 -37.76 -3.71
CA ALA B 385 1.57 -38.37 -2.43
C ALA B 385 0.07 -38.38 -2.18
N GLN B 386 -0.69 -37.52 -2.85
CA GLN B 386 -2.12 -37.43 -2.58
C GLN B 386 -2.88 -38.66 -3.05
N LYS B 387 -2.29 -39.48 -3.93
CA LYS B 387 -2.93 -40.68 -4.45
C LYS B 387 -2.39 -41.89 -3.71
N THR B 388 -3.28 -42.67 -3.11
CA THR B 388 -2.88 -43.83 -2.31
C THR B 388 -3.17 -45.12 -3.07
N PRO B 389 -2.16 -45.86 -3.49
CA PRO B 389 -2.43 -47.15 -4.16
C PRO B 389 -2.99 -48.17 -3.18
N ASP B 390 -3.77 -49.11 -3.72
CA ASP B 390 -4.39 -50.13 -2.89
C ASP B 390 -3.34 -51.03 -2.24
N GLU B 391 -2.28 -51.37 -3.00
CA GLU B 391 -1.26 -52.27 -2.48
C GLU B 391 -0.34 -51.60 -1.46
N GLY B 392 -0.45 -50.29 -1.29
CA GLY B 392 0.37 -49.56 -0.34
C GLY B 392 1.59 -48.93 -0.99
N TRP B 393 2.27 -48.10 -0.21
CA TRP B 393 3.43 -47.38 -0.71
C TRP B 393 4.59 -48.35 -0.97
N THR B 394 5.36 -48.03 -2.01
CA THR B 394 6.52 -48.82 -2.39
C THR B 394 7.72 -47.90 -2.61
N MET B 395 8.88 -48.31 -2.11
CA MET B 395 10.08 -47.51 -2.24
C MET B 395 10.71 -47.71 -3.60
N GLN B 396 11.65 -46.81 -3.95
CA GLN B 396 12.34 -46.91 -5.22
C GLN B 396 13.12 -48.23 -5.32
N ASP B 397 13.69 -48.69 -4.20
CA ASP B 397 14.42 -49.95 -4.21
C ASP B 397 13.51 -51.14 -4.47
N GLY B 398 12.21 -51.00 -4.27
CA GLY B 398 11.28 -52.09 -4.50
C GLY B 398 10.95 -52.85 -3.24
N THR B 399 10.68 -52.13 -2.15
CA THR B 399 10.34 -52.73 -0.88
C THR B 399 9.12 -52.03 -0.30
N PRO B 400 8.16 -52.77 0.26
CA PRO B 400 6.98 -52.11 0.84
C PRO B 400 7.38 -51.16 1.97
N TRP B 401 6.65 -50.06 2.06
CA TRP B 401 6.93 -49.06 3.09
C TRP B 401 6.56 -49.63 4.46
N PRO B 402 7.49 -49.68 5.42
CA PRO B 402 7.11 -50.20 6.75
C PRO B 402 5.98 -49.43 7.40
N GLY B 403 5.90 -48.12 7.17
CA GLY B 403 4.86 -47.31 7.77
C GLY B 403 3.61 -47.22 6.93
N ASN B 404 3.02 -48.37 6.59
CA ASN B 404 1.79 -48.37 5.81
C ASN B 404 0.59 -48.00 6.67
N ASN B 405 0.40 -48.72 7.77
CA ASN B 405 -0.67 -48.43 8.72
C ASN B 405 -0.13 -47.50 9.80
N THR B 406 -0.78 -46.34 9.97
CA THR B 406 -0.31 -45.37 10.95
C THR B 406 -0.37 -45.94 12.36
N ARG B 407 -1.47 -46.63 12.69
CA ARG B 407 -1.62 -47.16 14.04
C ARG B 407 -0.57 -48.22 14.35
N ASP B 408 -0.29 -49.10 13.39
CA ASP B 408 0.64 -50.21 13.58
C ASP B 408 1.75 -50.11 12.55
N HIS B 409 2.98 -49.92 13.02
CA HIS B 409 4.15 -49.93 12.14
C HIS B 409 5.41 -49.92 12.98
N PRO B 410 6.47 -50.61 12.57
CA PRO B 410 7.72 -50.57 13.32
C PRO B 410 8.40 -49.21 13.22
N GLY B 411 9.16 -48.87 14.24
CA GLY B 411 9.91 -47.62 14.23
C GLY B 411 11.19 -47.78 13.43
N MET B 412 11.54 -46.75 12.67
CA MET B 412 12.63 -46.83 11.71
C MET B 412 13.59 -45.65 11.87
N ILE B 413 14.87 -45.91 11.69
CA ILE B 413 15.91 -44.89 11.82
C ILE B 413 16.74 -44.88 10.55
N GLN B 414 16.96 -43.69 9.99
CA GLN B 414 17.75 -43.52 8.77
C GLN B 414 18.73 -42.37 8.97
N VAL B 415 19.83 -42.42 8.22
CA VAL B 415 20.91 -41.45 8.31
C VAL B 415 21.16 -40.85 6.93
N PHE B 416 21.37 -39.54 6.89
CA PHE B 416 21.65 -38.83 5.65
C PHE B 416 22.71 -37.77 5.88
N LEU B 417 23.40 -37.41 4.80
CA LEU B 417 24.38 -36.31 4.81
C LEU B 417 25.37 -36.45 5.96
N GLY B 418 25.60 -37.68 6.42
CA GLY B 418 26.55 -37.92 7.50
C GLY B 418 27.92 -38.29 6.96
N ASN B 419 28.83 -38.56 7.89
CA ASN B 419 30.17 -39.01 7.51
C ASN B 419 30.09 -40.30 6.71
N THR B 420 29.12 -41.16 7.01
CA THR B 420 28.93 -42.39 6.25
C THR B 420 28.26 -42.14 4.90
N GLY B 421 27.48 -41.06 4.79
CA GLY B 421 26.71 -40.81 3.59
C GLY B 421 27.38 -39.89 2.60
N ALA B 422 26.61 -39.00 1.98
CA ALA B 422 27.11 -38.14 0.93
C ALA B 422 28.00 -37.04 1.52
N ARG B 423 28.68 -36.34 0.62
CA ARG B 423 29.57 -35.24 0.99
C ARG B 423 29.30 -34.06 0.07
N ASP B 424 29.87 -32.90 0.44
CA ASP B 424 29.66 -31.69 -0.32
C ASP B 424 30.38 -31.75 -1.66
N ILE B 425 30.00 -30.85 -2.56
CA ILE B 425 30.64 -30.79 -3.88
C ILE B 425 32.13 -30.52 -3.74
N GLU B 426 32.48 -29.56 -2.87
CA GLU B 426 33.89 -29.24 -2.64
C GLU B 426 34.64 -30.36 -1.93
N GLY B 427 33.94 -31.37 -1.42
CA GLY B 427 34.54 -32.46 -0.71
C GLY B 427 34.40 -32.41 0.80
N ASN B 428 33.99 -31.26 1.35
CA ASN B 428 33.79 -31.16 2.79
C ASN B 428 32.53 -31.92 3.20
N GLU B 429 32.55 -32.41 4.44
CA GLU B 429 31.42 -33.15 4.97
C GLU B 429 30.32 -32.19 5.42
N LEU B 430 29.12 -32.72 5.59
CA LEU B 430 27.96 -31.98 6.03
C LEU B 430 27.42 -32.57 7.33
N PRO B 431 26.69 -31.79 8.12
CA PRO B 431 26.13 -32.34 9.37
C PRO B 431 25.22 -33.53 9.09
N ARG B 432 25.30 -34.52 9.98
CA ARG B 432 24.46 -35.70 9.85
C ARG B 432 23.02 -35.36 10.18
N LEU B 433 22.08 -35.95 9.43
CA LEU B 433 20.65 -35.78 9.67
C LEU B 433 20.07 -37.16 9.94
N VAL B 434 19.40 -37.31 11.08
CA VAL B 434 18.83 -38.58 11.49
C VAL B 434 17.31 -38.47 11.42
N TYR B 435 16.69 -39.39 10.69
CA TYR B 435 15.25 -39.45 10.54
C TYR B 435 14.74 -40.63 11.35
N VAL B 436 13.99 -40.35 12.40
CA VAL B 436 13.50 -41.36 13.33
C VAL B 436 11.97 -41.38 13.30
N SER B 437 11.41 -42.59 13.25
CA SER B 437 9.97 -42.80 13.33
C SER B 437 9.68 -43.76 14.48
N ARG B 438 8.81 -43.32 15.38
CA ARG B 438 8.47 -44.08 16.58
C ARG B 438 7.70 -45.35 16.23
N GLU B 439 8.00 -46.42 16.96
CA GLU B 439 7.18 -47.62 16.86
C GLU B 439 5.86 -47.40 17.57
N LYS B 440 4.76 -47.72 16.90
CA LYS B 440 3.42 -47.52 17.43
C LYS B 440 2.57 -48.75 17.16
N ARG B 441 1.79 -49.16 18.15
CA ARG B 441 0.96 -50.35 18.06
C ARG B 441 -0.43 -50.04 18.62
N PRO B 442 -1.46 -50.74 18.16
CA PRO B 442 -2.79 -50.53 18.73
C PRO B 442 -2.84 -50.95 20.19
N GLY B 443 -3.64 -50.23 20.97
CA GLY B 443 -3.75 -50.49 22.39
C GLY B 443 -2.63 -49.93 23.23
N TYR B 444 -1.67 -49.24 22.63
CA TYR B 444 -0.56 -48.64 23.34
C TYR B 444 -0.77 -47.13 23.40
N GLN B 445 -0.67 -46.56 24.59
CA GLN B 445 -0.87 -45.14 24.78
C GLN B 445 0.38 -44.37 24.37
N HIS B 446 0.24 -43.48 23.39
CA HIS B 446 1.33 -42.64 22.92
C HIS B 446 0.93 -41.18 23.08
N HIS B 447 1.87 -40.38 23.59
CA HIS B 447 1.61 -38.97 23.80
C HIS B 447 1.86 -38.19 22.51
N LYS B 448 1.18 -37.05 22.39
CA LYS B 448 1.23 -36.26 21.15
C LYS B 448 2.67 -35.87 20.82
N LYS B 449 3.29 -35.07 21.69
CA LYS B 449 4.63 -34.56 21.47
C LYS B 449 5.61 -34.92 22.58
N ALA B 450 5.12 -35.21 23.79
CA ALA B 450 6.01 -35.61 24.87
C ALA B 450 6.74 -36.90 24.54
N GLY B 451 6.02 -37.88 23.97
CA GLY B 451 6.61 -39.15 23.62
C GLY B 451 7.46 -39.12 22.37
N ALA B 452 7.43 -38.02 21.62
CA ALA B 452 8.27 -37.87 20.44
C ALA B 452 9.59 -37.19 20.79
N GLU B 453 9.54 -36.10 21.57
CA GLU B 453 10.78 -35.44 21.97
C GLU B 453 11.57 -36.30 22.95
N ASN B 454 10.88 -37.01 23.84
CA ASN B 454 11.58 -37.92 24.75
C ASN B 454 12.27 -39.04 23.97
N ALA B 455 11.57 -39.59 22.98
CA ALA B 455 12.18 -40.62 22.14
C ALA B 455 13.36 -40.06 21.37
N LEU B 456 13.25 -38.81 20.90
CA LEU B 456 14.37 -38.17 20.21
C LEU B 456 15.57 -38.05 21.14
N VAL B 457 15.33 -37.64 22.39
CA VAL B 457 16.42 -37.53 23.35
C VAL B 457 17.07 -38.89 23.57
N ARG B 458 16.24 -39.92 23.74
CA ARG B 458 16.78 -41.26 24.00
C ARG B 458 17.61 -41.76 22.83
N VAL B 459 17.12 -41.56 21.60
CA VAL B 459 17.84 -42.06 20.43
C VAL B 459 19.10 -41.26 20.18
N SER B 460 19.06 -39.94 20.45
CA SER B 460 20.26 -39.13 20.32
C SER B 460 21.31 -39.55 21.32
N ALA B 461 20.90 -39.89 22.55
CA ALA B 461 21.85 -40.34 23.56
C ALA B 461 22.66 -41.53 23.06
N VAL B 462 22.08 -42.36 22.20
CA VAL B 462 22.77 -43.53 21.66
C VAL B 462 23.57 -43.18 20.42
N LEU B 463 22.97 -42.43 19.50
CA LEU B 463 23.64 -42.14 18.23
C LEU B 463 24.78 -41.14 18.42
N THR B 464 24.45 -39.93 18.89
CA THR B 464 25.45 -38.88 19.10
C THR B 464 25.11 -38.18 20.41
N ASN B 465 25.79 -38.56 21.49
CA ASN B 465 25.52 -38.00 22.80
C ASN B 465 26.04 -36.56 22.84
N ALA B 466 25.13 -35.60 22.67
CA ALA B 466 25.47 -34.19 22.72
C ALA B 466 25.00 -33.58 24.02
N PRO B 467 25.86 -32.87 24.76
CA PRO B 467 25.41 -32.29 26.04
C PRO B 467 24.28 -31.30 25.90
N TYR B 468 24.11 -30.68 24.73
CA TYR B 468 23.14 -29.61 24.53
C TYR B 468 22.16 -29.98 23.42
N ILE B 469 20.87 -29.85 23.72
CA ILE B 469 19.80 -30.22 22.80
C ILE B 469 18.99 -28.96 22.51
N LEU B 470 19.01 -28.51 21.26
CA LEU B 470 18.29 -27.32 20.84
C LEU B 470 16.97 -27.75 20.22
N ASN B 471 15.87 -27.45 20.91
CA ASN B 471 14.55 -27.85 20.45
C ASN B 471 13.94 -26.77 19.56
N LEU B 472 13.17 -27.21 18.57
CA LEU B 472 12.60 -26.30 17.58
C LEU B 472 11.32 -26.92 17.02
N ASP B 473 10.61 -26.13 16.22
CA ASP B 473 9.37 -26.54 15.59
C ASP B 473 9.50 -26.39 14.08
N CYS B 474 8.53 -26.97 13.36
CA CYS B 474 8.56 -26.93 11.90
C CYS B 474 8.48 -25.50 11.39
N ASP B 475 7.52 -24.72 11.91
CA ASP B 475 7.30 -23.38 11.39
C ASP B 475 8.52 -22.49 11.62
N HIS B 476 9.12 -22.58 12.81
CA HIS B 476 10.24 -21.71 13.16
C HIS B 476 11.53 -22.23 12.56
N TYR B 477 12.32 -21.31 11.99
CA TYR B 477 13.61 -21.62 11.40
C TYR B 477 14.67 -20.70 12.00
N VAL B 478 15.93 -20.99 11.70
CA VAL B 478 17.05 -20.20 12.21
C VAL B 478 17.21 -18.97 11.32
N ASN B 479 17.07 -17.78 11.91
CA ASN B 479 17.19 -16.55 11.16
C ASN B 479 18.66 -16.24 10.85
N ASN B 480 19.47 -16.07 11.88
CA ASN B 480 20.90 -15.80 11.73
C ASN B 480 21.70 -17.00 12.20
N SER B 481 22.85 -17.22 11.56
CA SER B 481 23.72 -18.35 11.90
C SER B 481 24.65 -18.00 13.05
N LYS B 482 24.08 -17.48 14.14
CA LYS B 482 24.85 -17.17 15.33
C LYS B 482 24.13 -17.56 16.62
N ALA B 483 22.91 -18.10 16.54
CA ALA B 483 22.20 -18.50 17.75
C ALA B 483 22.95 -19.60 18.49
N VAL B 484 23.48 -20.57 17.76
CA VAL B 484 24.22 -21.66 18.40
C VAL B 484 25.47 -21.10 19.08
N ARG B 485 26.19 -20.20 18.42
CA ARG B 485 27.39 -19.63 19.02
C ARG B 485 27.06 -18.83 20.27
N GLU B 486 25.97 -18.06 20.23
CA GLU B 486 25.57 -17.29 21.42
C GLU B 486 25.16 -18.23 22.55
N ALA B 487 24.47 -19.33 22.23
CA ALA B 487 24.12 -20.30 23.26
C ALA B 487 25.37 -20.91 23.88
N MET B 488 26.37 -21.23 23.05
CA MET B 488 27.63 -21.74 23.59
C MET B 488 28.29 -20.69 24.49
N CYS B 489 28.25 -19.43 24.07
CA CYS B 489 28.82 -18.37 24.89
C CYS B 489 28.15 -18.30 26.25
N ILE B 490 26.82 -18.40 26.27
CA ILE B 490 26.08 -18.34 27.53
C ILE B 490 26.42 -19.55 28.40
N LEU B 491 26.49 -20.74 27.80
CA LEU B 491 26.57 -21.99 28.56
C LEU B 491 28.00 -22.45 28.82
N MET B 492 29.01 -21.75 28.32
CA MET B 492 30.39 -22.20 28.43
C MET B 492 31.15 -21.56 29.59
N ASP B 493 30.70 -20.42 30.09
CA ASP B 493 31.42 -19.73 31.16
C ASP B 493 31.41 -20.60 32.42
N PRO B 494 32.57 -20.88 33.02
CA PRO B 494 32.56 -21.61 34.30
C PRO B 494 31.69 -20.94 35.35
N GLN B 495 31.59 -19.62 35.33
CA GLN B 495 30.82 -18.89 36.34
C GLN B 495 29.33 -18.84 35.99
N VAL B 496 29.01 -18.30 34.82
CA VAL B 496 27.61 -18.12 34.41
C VAL B 496 27.17 -19.21 33.44
N GLY B 497 27.87 -20.34 33.40
CA GLY B 497 27.50 -21.44 32.54
C GLY B 497 27.36 -22.75 33.29
N ARG B 498 27.56 -22.71 34.61
CA ARG B 498 27.48 -23.93 35.41
C ARG B 498 26.04 -24.24 35.80
N ASP B 499 25.33 -23.26 36.37
CA ASP B 499 23.98 -23.48 36.86
C ASP B 499 22.92 -23.32 35.77
N VAL B 500 23.30 -22.88 34.57
CA VAL B 500 22.32 -22.66 33.52
C VAL B 500 21.77 -23.99 33.04
N CYS B 501 20.45 -24.06 32.85
CA CYS B 501 19.78 -25.24 32.33
C CYS B 501 19.28 -25.06 30.90
N TYR B 502 18.75 -23.91 30.55
CA TYR B 502 18.36 -23.63 29.17
C TYR B 502 18.39 -22.13 28.92
N VAL B 503 18.64 -21.77 27.67
CA VAL B 503 18.70 -20.37 27.25
C VAL B 503 17.50 -20.09 26.35
N GLN B 504 16.42 -19.59 26.93
CA GLN B 504 15.22 -19.30 26.15
C GLN B 504 15.49 -18.16 25.18
N PHE B 505 14.96 -18.29 23.97
CA PHE B 505 15.10 -17.28 22.94
C PHE B 505 13.75 -16.66 22.61
N PRO B 506 13.72 -15.40 22.16
CA PRO B 506 12.43 -14.77 21.80
C PRO B 506 11.96 -15.25 20.44
N GLN B 507 10.77 -15.85 20.40
CA GLN B 507 10.19 -16.35 19.16
C GLN B 507 9.45 -15.20 18.49
N ARG B 508 10.06 -14.63 17.45
CA ARG B 508 9.49 -13.53 16.69
C ARG B 508 8.84 -14.07 15.42
N PHE B 509 7.80 -13.38 14.97
CA PHE B 509 6.99 -13.81 13.83
C PHE B 509 7.11 -12.83 12.67
N ASP B 510 6.60 -13.25 11.52
CA ASP B 510 6.63 -12.47 10.30
C ASP B 510 5.27 -12.52 9.59
N GLY B 511 5.22 -12.07 8.33
CA GLY B 511 3.99 -12.10 7.55
C GLY B 511 2.88 -11.25 8.12
N ILE B 512 3.19 -10.00 8.47
CA ILE B 512 2.29 -9.13 9.22
C ILE B 512 1.88 -7.94 8.37
N ASP B 513 0.64 -7.51 8.55
CA ASP B 513 0.15 -6.27 7.99
C ASP B 513 0.40 -5.11 8.96
N ARG B 514 0.20 -3.88 8.46
CA ARG B 514 0.34 -2.70 9.32
C ARG B 514 -0.67 -2.71 10.45
N SER B 515 -1.92 -3.09 10.15
CA SER B 515 -2.98 -3.17 11.17
C SER B 515 -2.93 -4.57 11.78
N ASP B 516 -2.22 -4.68 12.90
CA ASP B 516 -2.06 -5.95 13.60
C ASP B 516 -3.18 -6.13 14.62
N ARG B 517 -4.42 -6.04 14.13
CA ARG B 517 -5.58 -6.11 15.01
C ARG B 517 -5.60 -7.39 15.83
N TYR B 518 -5.13 -8.51 15.26
CA TYR B 518 -5.15 -9.77 15.98
C TYR B 518 -4.18 -9.77 17.16
N ALA B 519 -3.22 -8.85 17.20
CA ALA B 519 -2.22 -8.79 18.26
C ALA B 519 -1.45 -10.10 18.39
N ASN B 520 -1.21 -10.77 17.26
CA ASN B 520 -0.54 -12.06 17.27
C ASN B 520 0.92 -11.97 17.68
N ARG B 521 1.54 -10.79 17.61
CA ARG B 521 2.92 -10.66 18.10
C ARG B 521 3.02 -11.08 19.56
N ASN B 522 2.23 -10.45 20.42
CA ASN B 522 2.33 -10.65 21.86
C ASN B 522 3.77 -10.46 22.34
N ILE B 523 4.38 -9.33 21.96
CA ILE B 523 5.75 -9.04 22.34
C ILE B 523 5.88 -8.29 23.66
N VAL B 524 4.79 -7.70 24.17
CA VAL B 524 4.86 -7.09 25.49
C VAL B 524 5.20 -8.16 26.53
N PHE B 525 4.60 -9.34 26.41
CA PHE B 525 4.94 -10.44 27.31
C PHE B 525 6.38 -10.88 27.12
N PHE B 526 6.86 -10.91 25.87
CA PHE B 526 8.19 -11.41 25.58
C PHE B 526 9.30 -10.43 25.96
N ASP B 527 8.98 -9.15 26.10
CA ASP B 527 9.98 -8.13 26.40
C ASP B 527 9.83 -7.53 27.78
N VAL B 528 8.65 -6.97 28.09
CA VAL B 528 8.46 -6.32 29.40
C VAL B 528 8.47 -7.35 30.51
N ASN B 529 7.75 -8.46 30.33
CA ASN B 529 7.56 -9.44 31.39
C ASN B 529 8.69 -10.47 31.44
N MET B 530 9.10 -10.99 30.28
CA MET B 530 10.14 -12.01 30.27
C MET B 530 11.46 -11.47 30.80
N LYS B 531 11.84 -10.27 30.38
CA LYS B 531 13.07 -9.67 30.89
C LYS B 531 12.97 -9.41 32.38
N GLY B 532 11.81 -8.95 32.85
CA GLY B 532 11.63 -8.74 34.27
C GLY B 532 11.79 -10.02 35.07
N LEU B 533 11.24 -11.13 34.56
CA LEU B 533 11.39 -12.41 35.22
C LEU B 533 12.82 -12.95 35.12
N ASP B 534 13.57 -12.53 34.08
CA ASP B 534 14.94 -13.01 33.91
C ASP B 534 15.79 -12.74 35.15
N GLY B 535 15.55 -11.62 35.83
CA GLY B 535 16.43 -11.23 36.91
C GLY B 535 16.47 -12.22 38.06
N ILE B 536 15.33 -12.84 38.36
CA ILE B 536 15.21 -13.67 39.56
C ILE B 536 15.66 -15.10 39.26
N GLN B 537 14.95 -15.78 38.36
CA GLN B 537 15.22 -17.19 38.11
C GLN B 537 15.18 -17.54 36.61
N GLY B 538 15.06 -16.56 35.73
CA GLY B 538 15.03 -16.83 34.31
C GLY B 538 13.63 -17.02 33.79
N PRO B 539 13.48 -17.13 32.47
CA PRO B 539 12.15 -17.26 31.87
C PRO B 539 11.58 -18.66 32.01
N MET B 540 10.42 -18.89 31.39
CA MET B 540 9.75 -20.19 31.42
C MET B 540 9.77 -20.80 30.03
N TYR B 541 9.95 -22.12 29.97
CA TYR B 541 9.96 -22.82 28.69
C TYR B 541 8.64 -22.60 27.96
N VAL B 542 8.73 -22.22 26.69
CA VAL B 542 7.55 -21.92 25.89
C VAL B 542 7.29 -22.96 24.80
N GLY B 543 8.31 -23.65 24.32
CA GLY B 543 8.12 -24.73 23.36
C GLY B 543 8.92 -24.56 22.08
N THR B 544 9.78 -23.55 22.02
CA THR B 544 10.54 -23.28 20.82
C THR B 544 11.80 -22.50 21.17
N GLY B 545 12.89 -22.81 20.47
CA GLY B 545 14.13 -22.08 20.63
C GLY B 545 14.69 -22.15 22.05
N CYS B 546 15.08 -23.34 22.49
CA CYS B 546 15.68 -23.53 23.79
C CYS B 546 16.77 -24.58 23.72
N VAL B 547 17.93 -24.27 24.29
CA VAL B 547 19.07 -25.18 24.33
C VAL B 547 19.08 -25.81 25.72
N PHE B 548 18.40 -26.93 25.87
CA PHE B 548 18.36 -27.65 27.13
C PHE B 548 19.68 -28.38 27.37
N ASN B 549 20.07 -28.46 28.63
CA ASN B 549 21.22 -29.27 29.03
C ASN B 549 20.78 -30.72 29.16
N ARG B 550 21.56 -31.62 28.57
CA ARG B 550 21.19 -33.03 28.55
C ARG B 550 21.06 -33.58 29.96
N GLN B 551 22.04 -33.30 30.81
CA GLN B 551 21.98 -33.77 32.19
C GLN B 551 20.79 -33.16 32.92
N ALA B 552 20.50 -31.88 32.66
CA ALA B 552 19.32 -31.26 33.26
C ALA B 552 18.05 -31.95 32.82
N LEU B 553 17.96 -32.29 31.52
CA LEU B 553 16.77 -32.98 31.02
C LEU B 553 16.61 -34.34 31.68
N TYR B 554 17.71 -35.09 31.82
CA TYR B 554 17.62 -36.39 32.49
C TYR B 554 17.24 -36.23 33.96
N GLY B 555 17.75 -35.19 34.61
CA GLY B 555 17.41 -34.90 35.99
C GLY B 555 18.50 -35.33 36.96
N TYR B 556 19.34 -34.37 37.35
CA TYR B 556 20.39 -34.63 38.32
C TYR B 556 20.56 -33.53 39.35
N GLY B 557 19.97 -32.36 39.16
CA GLY B 557 20.21 -31.22 40.00
C GLY B 557 21.44 -30.47 39.56
N PRO B 558 21.56 -29.20 39.96
CA PRO B 558 22.70 -28.40 39.53
C PRO B 558 24.00 -29.01 40.02
N PRO B 559 25.06 -29.01 39.21
CA PRO B 559 26.35 -29.51 39.68
C PRO B 559 26.86 -28.67 40.83
N SER B 560 27.51 -29.34 41.79
CA SER B 560 27.96 -28.69 43.03
C SER B 560 26.80 -27.96 43.70
N MET B 561 25.77 -28.74 44.02
CA MET B 561 24.55 -28.17 44.57
C MET B 561 24.81 -27.60 45.96
N PRO B 562 23.99 -26.63 46.40
CA PRO B 562 22.87 -26.13 45.60
C PRO B 562 23.28 -25.02 44.63
N SER B 623 22.51 -46.88 42.57
CA SER B 623 22.86 -48.26 42.27
C SER B 623 22.50 -48.61 40.84
N GLN B 624 23.04 -49.74 40.35
CA GLN B 624 22.76 -50.16 38.98
C GLN B 624 21.28 -50.44 38.79
N LEU B 625 20.66 -51.12 39.76
CA LEU B 625 19.23 -51.41 39.65
C LEU B 625 18.41 -50.13 39.71
N SER B 626 18.83 -49.16 40.52
CA SER B 626 18.15 -47.87 40.54
C SER B 626 18.26 -47.18 39.18
N PHE B 627 19.43 -47.25 38.56
CA PHE B 627 19.59 -46.69 37.22
C PHE B 627 18.67 -47.38 36.22
N GLU B 628 18.57 -48.71 36.31
CA GLU B 628 17.67 -49.45 35.42
C GLU B 628 16.23 -49.00 35.63
N LYS B 629 15.82 -48.85 36.89
CA LYS B 629 14.45 -48.42 37.17
C LYS B 629 14.17 -47.03 36.64
N THR B 630 15.10 -46.09 36.83
CA THR B 630 14.82 -44.70 36.55
C THR B 630 15.00 -44.35 35.07
N PHE B 631 16.09 -44.83 34.45
CA PHE B 631 16.39 -44.47 33.07
C PHE B 631 15.77 -45.43 32.07
N GLY B 632 15.79 -46.72 32.34
CA GLY B 632 15.23 -47.71 31.44
C GLY B 632 15.98 -49.01 31.52
N LEU B 633 15.42 -50.01 30.83
CA LEU B 633 16.00 -51.35 30.84
C LEU B 633 17.26 -51.43 29.99
N SER B 634 17.38 -50.60 28.96
CA SER B 634 18.53 -50.67 28.07
C SER B 634 19.80 -50.29 28.82
N PRO B 635 20.85 -51.12 28.79
CA PRO B 635 22.09 -50.77 29.50
C PRO B 635 22.97 -49.82 28.71
N VAL B 636 22.85 -49.87 27.37
CA VAL B 636 23.67 -49.00 26.53
C VAL B 636 23.32 -47.54 26.78
N PHE B 637 22.04 -47.23 26.90
CA PHE B 637 21.63 -45.85 27.17
C PHE B 637 22.14 -45.39 28.53
N ILE B 638 22.07 -46.26 29.54
CA ILE B 638 22.57 -45.90 30.87
C ILE B 638 24.06 -45.61 30.81
N GLU B 639 24.81 -46.48 30.12
CA GLU B 639 26.25 -46.26 30.01
C GLU B 639 26.55 -44.97 29.28
N SER B 640 25.81 -44.67 28.21
CA SER B 640 26.05 -43.45 27.45
C SER B 640 25.73 -42.21 28.30
N THR B 641 24.63 -42.23 29.04
CA THR B 641 24.25 -41.06 29.84
C THR B 641 25.12 -40.92 31.08
N LEU B 642 25.81 -41.98 31.50
CA LEU B 642 26.70 -41.87 32.65
C LEU B 642 27.89 -40.95 32.36
N MET B 643 28.15 -40.60 31.11
CA MET B 643 29.27 -39.75 30.74
C MET B 643 28.84 -38.28 30.82
N GLU B 644 29.58 -37.49 31.59
CA GLU B 644 29.27 -36.07 31.70
C GLU B 644 29.70 -35.31 30.44
N ASN B 645 30.89 -35.61 29.92
CA ASN B 645 31.39 -34.87 28.77
C ASN B 645 30.52 -35.11 27.54
N GLY B 646 30.12 -36.34 27.30
CA GLY B 646 29.31 -36.70 26.15
C GLY B 646 30.08 -37.56 25.17
N GLY B 647 29.51 -37.70 23.97
CA GLY B 647 30.10 -38.49 22.93
C GLY B 647 29.76 -39.97 23.06
N VAL B 648 30.32 -40.76 22.16
CA VAL B 648 30.12 -42.20 22.12
C VAL B 648 31.39 -42.86 22.65
N PRO B 649 31.31 -43.63 23.75
CA PRO B 649 32.55 -44.22 24.29
C PRO B 649 33.09 -45.36 23.45
N GLU B 650 32.22 -46.25 22.97
CA GLU B 650 32.69 -47.39 22.18
C GLU B 650 33.37 -46.92 20.90
N SER B 651 32.76 -45.96 20.20
CA SER B 651 33.31 -45.41 18.96
C SER B 651 33.64 -46.51 17.96
N ALA B 652 32.77 -47.52 17.90
CA ALA B 652 32.97 -48.63 16.98
C ALA B 652 31.63 -49.31 16.76
N ASN B 653 31.57 -50.12 15.70
CA ASN B 653 30.37 -50.89 15.36
C ASN B 653 29.17 -49.96 15.15
N SER B 654 29.26 -49.14 14.10
CA SER B 654 28.22 -48.14 13.86
C SER B 654 26.86 -48.79 13.60
N SER B 655 26.83 -49.86 12.83
CA SER B 655 25.54 -50.51 12.53
C SER B 655 24.89 -51.06 13.79
N THR B 656 25.68 -51.70 14.66
CA THR B 656 25.12 -52.19 15.91
C THR B 656 24.56 -51.05 16.75
N LEU B 657 25.13 -49.84 16.62
CA LEU B 657 24.53 -48.69 17.29
C LEU B 657 23.18 -48.34 16.69
N ILE B 658 23.02 -48.48 15.38
CA ILE B 658 21.71 -48.26 14.78
C ILE B 658 20.70 -49.28 15.32
N LYS B 659 21.11 -50.54 15.41
CA LYS B 659 20.20 -51.55 15.96
C LYS B 659 19.86 -51.24 17.41
N GLU B 660 20.86 -50.82 18.18
CA GLU B 660 20.63 -50.46 19.59
C GLU B 660 19.65 -49.31 19.70
N ALA B 661 19.80 -48.30 18.84
CA ALA B 661 18.87 -47.18 18.84
C ALA B 661 17.46 -47.64 18.49
N ILE B 662 17.32 -48.49 17.48
CA ILE B 662 16.01 -49.03 17.13
C ILE B 662 15.38 -49.73 18.32
N HIS B 663 16.18 -50.49 19.07
CA HIS B 663 15.68 -51.12 20.28
C HIS B 663 15.25 -50.08 21.31
N VAL B 664 16.03 -49.01 21.44
CA VAL B 664 15.74 -47.99 22.44
C VAL B 664 14.45 -47.26 22.13
N ILE B 665 14.07 -47.16 20.86
CA ILE B 665 12.87 -46.40 20.48
C ILE B 665 11.66 -47.34 20.45
N GLY B 666 11.78 -48.49 21.09
CA GLY B 666 10.66 -49.42 21.13
C GLY B 666 9.47 -48.84 21.86
N CYS B 667 8.28 -49.34 21.51
CA CYS B 667 7.05 -48.82 22.08
C CYS B 667 6.99 -49.08 23.59
N GLY B 668 7.40 -50.27 24.02
CA GLY B 668 7.32 -50.65 25.42
C GLY B 668 8.45 -50.20 26.30
N PHE B 669 9.32 -49.31 25.80
CA PHE B 669 10.45 -48.86 26.61
C PHE B 669 9.98 -48.12 27.85
N GLU B 670 8.98 -47.27 27.71
CA GLU B 670 8.45 -46.48 28.83
C GLU B 670 7.18 -47.16 29.33
N GLU B 671 7.36 -48.12 30.24
CA GLU B 671 6.24 -48.85 30.85
C GLU B 671 6.14 -48.57 32.34
N LYS B 672 7.22 -48.80 33.10
CA LYS B 672 7.25 -48.53 34.53
C LYS B 672 8.42 -47.65 34.93
N THR B 673 9.17 -47.12 33.97
CA THR B 673 10.29 -46.23 34.27
C THR B 673 9.76 -44.86 34.69
N GLU B 674 10.69 -43.98 35.06
CA GLU B 674 10.36 -42.60 35.42
C GLU B 674 10.44 -41.66 34.23
N TRP B 675 10.31 -42.18 33.01
CA TRP B 675 10.38 -41.35 31.82
C TRP B 675 9.12 -40.49 31.71
N GLY B 676 9.30 -39.18 31.63
CA GLY B 676 8.19 -38.27 31.52
C GLY B 676 7.54 -37.95 32.86
N LYS B 677 7.35 -38.96 33.70
CA LYS B 677 6.72 -38.75 34.99
C LYS B 677 7.52 -37.74 35.83
N GLU B 678 8.84 -37.97 35.95
CA GLU B 678 9.69 -37.07 36.72
C GLU B 678 11.05 -36.83 36.08
N ILE B 679 11.26 -37.22 34.82
CA ILE B 679 12.58 -37.10 34.20
C ILE B 679 12.52 -36.20 32.98
N GLY B 680 11.78 -36.60 31.96
CA GLY B 680 11.75 -35.91 30.69
C GLY B 680 10.60 -34.94 30.58
N TRP B 681 10.15 -34.72 29.36
CA TRP B 681 8.98 -33.86 29.14
C TRP B 681 7.82 -34.36 29.98
N ILE B 682 7.39 -33.53 30.93
CA ILE B 682 6.36 -33.96 31.88
C ILE B 682 5.09 -34.30 31.12
N TYR B 683 4.67 -35.55 31.23
CA TYR B 683 3.45 -35.99 30.55
C TYR B 683 2.26 -35.14 30.99
N GLY B 684 1.49 -34.67 30.01
CA GLY B 684 0.31 -33.89 30.29
C GLY B 684 -0.70 -34.09 29.19
N SER B 685 -1.97 -33.85 29.54
CA SER B 685 -3.04 -34.06 28.57
C SER B 685 -2.88 -33.16 27.35
N VAL B 686 -2.60 -31.87 27.59
CA VAL B 686 -2.51 -30.91 26.50
C VAL B 686 -1.19 -30.15 26.54
N THR B 687 -0.95 -29.42 27.62
CA THR B 687 0.18 -28.50 27.72
C THR B 687 1.21 -29.04 28.70
N GLU B 688 2.48 -29.07 28.28
CA GLU B 688 3.55 -29.58 29.13
C GLU B 688 4.83 -28.75 29.11
N ASP B 689 4.99 -27.79 28.22
CA ASP B 689 6.25 -27.03 28.17
C ASP B 689 6.48 -26.28 29.48
N ILE B 690 5.49 -25.50 29.92
CA ILE B 690 5.62 -24.75 31.14
C ILE B 690 5.76 -25.69 32.34
N LEU B 691 5.04 -26.81 32.30
CA LEU B 691 5.13 -27.76 33.41
C LEU B 691 6.54 -28.34 33.53
N SER B 692 7.15 -28.70 32.40
CA SER B 692 8.52 -29.21 32.44
C SER B 692 9.49 -28.14 32.91
N GLY B 693 9.33 -26.91 32.42
CA GLY B 693 10.20 -25.84 32.87
C GLY B 693 10.09 -25.60 34.37
N PHE B 694 8.86 -25.58 34.89
CA PHE B 694 8.65 -25.41 36.31
C PHE B 694 9.25 -26.57 37.11
N LYS B 695 9.05 -27.80 36.62
CA LYS B 695 9.56 -28.97 37.34
C LYS B 695 11.08 -28.94 37.42
N MET B 696 11.75 -28.59 36.32
CA MET B 696 13.21 -28.53 36.36
C MET B 696 13.73 -27.30 37.06
N HIS B 697 12.92 -26.25 37.20
CA HIS B 697 13.32 -25.11 38.02
C HIS B 697 13.19 -25.40 39.50
N CYS B 698 12.22 -26.24 39.89
CA CYS B 698 12.04 -26.58 41.29
C CYS B 698 13.24 -27.33 41.86
N ARG B 699 14.10 -27.87 41.00
CA ARG B 699 15.25 -28.66 41.43
C ARG B 699 16.49 -27.80 41.67
N GLY B 700 16.39 -26.48 41.52
CA GLY B 700 17.51 -25.60 41.75
C GLY B 700 18.21 -25.11 40.49
N TRP B 701 17.72 -25.48 39.32
CA TRP B 701 18.32 -25.01 38.08
C TRP B 701 17.99 -23.54 37.84
N ARG B 702 18.77 -22.93 36.94
CA ARG B 702 18.56 -21.54 36.53
C ARG B 702 18.57 -21.47 35.01
N SER B 703 17.74 -20.60 34.46
CA SER B 703 17.63 -20.42 33.01
C SER B 703 18.00 -19.00 32.63
N ILE B 704 18.39 -18.83 31.37
CA ILE B 704 18.84 -17.54 30.86
C ILE B 704 17.88 -17.09 29.76
N TYR B 705 17.86 -15.77 29.54
CA TYR B 705 17.06 -15.15 28.49
C TYR B 705 17.97 -14.24 27.69
N CYS B 706 18.26 -14.62 26.45
CA CYS B 706 19.16 -13.87 25.58
C CYS B 706 18.37 -13.28 24.43
N MET B 707 18.57 -11.98 24.17
CA MET B 707 17.88 -11.24 23.13
C MET B 707 18.90 -10.71 22.14
N PRO B 708 19.19 -11.43 21.06
CA PRO B 708 20.13 -10.91 20.05
C PRO B 708 19.51 -9.78 19.25
N VAL B 709 20.38 -9.00 18.60
CA VAL B 709 19.92 -7.90 17.77
C VAL B 709 18.99 -8.42 16.67
N ARG B 710 19.39 -9.50 16.01
CA ARG B 710 18.51 -10.19 15.10
C ARG B 710 17.64 -11.18 15.88
N PRO B 711 16.41 -11.45 15.41
CA PRO B 711 15.56 -12.39 16.16
C PRO B 711 16.22 -13.74 16.37
N ALA B 712 16.93 -14.25 15.36
CA ALA B 712 17.66 -15.51 15.46
C ALA B 712 16.71 -16.71 15.45
N PHE B 713 15.41 -16.47 15.52
CA PHE B 713 14.42 -17.55 15.44
C PHE B 713 13.12 -16.92 14.94
N LYS B 714 12.86 -17.06 13.64
CA LYS B 714 11.67 -16.49 13.01
C LYS B 714 10.84 -17.60 12.41
N GLY B 715 9.53 -17.52 12.60
CA GLY B 715 8.63 -18.55 12.11
C GLY B 715 7.31 -17.95 11.70
N SER B 716 6.63 -18.64 10.78
CA SER B 716 5.32 -18.19 10.34
C SER B 716 4.31 -18.28 11.47
N ALA B 717 3.39 -17.32 11.52
CA ALA B 717 2.38 -17.21 12.54
C ALA B 717 0.99 -17.41 11.94
N PRO B 718 0.03 -17.85 12.74
CA PRO B 718 -1.36 -17.92 12.23
C PRO B 718 -1.83 -16.57 11.74
N ILE B 719 -2.56 -16.58 10.62
CA ILE B 719 -3.03 -15.36 9.99
C ILE B 719 -4.53 -15.17 10.11
N ASN B 720 -5.28 -16.21 10.49
CA ASN B 720 -6.72 -16.12 10.68
C ASN B 720 -7.03 -16.05 12.18
N LEU B 721 -8.31 -15.88 12.49
CA LEU B 721 -8.74 -15.69 13.87
C LEU B 721 -9.14 -16.99 14.56
N SER B 722 -9.67 -17.95 13.83
CA SER B 722 -10.09 -19.21 14.43
C SER B 722 -8.89 -19.93 15.05
N ASP B 723 -7.77 -19.98 14.33
CA ASP B 723 -6.58 -20.64 14.86
C ASP B 723 -6.05 -19.94 16.10
N ARG B 724 -6.05 -18.61 16.10
CA ARG B 724 -5.60 -17.87 17.27
C ARG B 724 -6.49 -18.14 18.48
N LEU B 725 -7.80 -18.13 18.26
CA LEU B 725 -8.73 -18.41 19.36
C LEU B 725 -8.54 -19.82 19.89
N HIS B 726 -8.37 -20.80 18.99
CA HIS B 726 -8.15 -22.17 19.43
C HIS B 726 -6.84 -22.28 20.21
N GLN B 727 -5.79 -21.57 19.77
CA GLN B 727 -4.51 -21.63 20.45
C GLN B 727 -4.62 -21.03 21.86
N VAL B 728 -5.28 -19.89 22.01
CA VAL B 728 -5.41 -19.29 23.33
C VAL B 728 -6.29 -20.17 24.22
N LEU B 729 -7.33 -20.77 23.66
CA LEU B 729 -8.16 -21.70 24.43
C LEU B 729 -7.33 -22.90 24.90
N ARG B 730 -6.47 -23.42 24.03
CA ARG B 730 -5.61 -24.53 24.41
C ARG B 730 -4.66 -24.12 25.53
N TRP B 731 -4.09 -22.92 25.45
CA TRP B 731 -3.21 -22.45 26.51
C TRP B 731 -3.96 -22.35 27.84
N ALA B 732 -5.17 -21.78 27.81
CA ALA B 732 -5.95 -21.65 29.03
C ALA B 732 -6.31 -23.01 29.61
N LEU B 733 -6.71 -23.95 28.75
CA LEU B 733 -7.05 -25.29 29.22
C LEU B 733 -5.84 -25.97 29.85
N GLY B 734 -4.67 -25.83 29.22
CA GLY B 734 -3.47 -26.41 29.80
C GLY B 734 -3.12 -25.80 31.14
N SER B 735 -3.28 -24.48 31.27
CA SER B 735 -3.01 -23.83 32.54
C SER B 735 -3.97 -24.32 33.62
N VAL B 736 -5.25 -24.46 33.29
CA VAL B 736 -6.21 -24.95 34.27
C VAL B 736 -5.91 -26.38 34.66
N GLU B 737 -5.53 -27.21 33.69
CA GLU B 737 -5.17 -28.60 33.99
C GLU B 737 -3.96 -28.65 34.91
N ILE B 738 -2.96 -27.81 34.66
CA ILE B 738 -1.78 -27.77 35.52
C ILE B 738 -2.19 -27.34 36.93
N PHE B 739 -3.07 -26.34 37.03
CA PHE B 739 -3.53 -25.90 38.34
C PHE B 739 -4.23 -27.02 39.09
N PHE B 740 -5.10 -27.78 38.41
CA PHE B 740 -5.87 -28.81 39.06
C PHE B 740 -5.10 -30.13 39.22
N SER B 741 -3.92 -30.25 38.63
CA SER B 741 -3.15 -31.48 38.69
C SER B 741 -2.29 -31.51 39.96
N ARG B 742 -1.49 -32.57 40.08
CA ARG B 742 -0.62 -32.70 41.24
C ARG B 742 0.40 -31.58 41.30
N HIS B 743 0.96 -31.19 40.14
CA HIS B 743 1.99 -30.16 40.07
C HIS B 743 1.33 -28.78 40.17
N CYS B 744 0.83 -28.48 41.37
CA CYS B 744 0.20 -27.20 41.65
C CYS B 744 1.16 -26.34 42.47
N PRO B 745 1.57 -25.16 41.98
CA PRO B 745 2.55 -24.38 42.75
C PRO B 745 2.08 -24.02 44.15
N PHE B 746 0.76 -23.97 44.39
CA PHE B 746 0.26 -23.60 45.70
C PHE B 746 0.73 -24.58 46.78
N TRP B 747 0.92 -25.85 46.42
CA TRP B 747 1.34 -26.85 47.40
C TRP B 747 2.34 -27.84 46.81
N TYR B 748 3.15 -27.40 45.84
CA TYR B 748 4.15 -28.25 45.22
C TYR B 748 5.51 -27.56 45.28
N GLY B 749 6.56 -28.38 45.33
CA GLY B 749 7.91 -27.84 45.40
C GLY B 749 8.20 -27.09 46.67
N TYR B 750 7.73 -27.60 47.82
CA TYR B 750 7.90 -26.93 49.10
C TYR B 750 8.87 -27.66 50.01
N GLY B 751 9.64 -28.62 49.48
CA GLY B 751 10.62 -29.32 50.27
C GLY B 751 12.04 -29.07 49.78
N GLY B 752 12.90 -28.56 50.67
CA GLY B 752 14.26 -28.26 50.32
C GLY B 752 14.47 -26.91 49.68
N GLY B 753 13.43 -26.09 49.55
CA GLY B 753 13.59 -24.78 48.95
C GLY B 753 14.03 -24.90 47.50
N ARG B 754 15.13 -24.22 47.17
CA ARG B 754 15.69 -24.20 45.82
C ARG B 754 14.76 -23.51 44.82
N LEU B 755 13.81 -22.72 45.30
CA LEU B 755 12.90 -21.98 44.43
C LEU B 755 12.63 -20.63 45.05
N LYS B 756 12.97 -19.56 44.32
CA LYS B 756 12.78 -18.21 44.85
C LYS B 756 11.29 -17.94 45.10
N TRP B 757 11.01 -17.20 46.17
CA TRP B 757 9.63 -16.85 46.47
C TRP B 757 9.01 -16.01 45.37
N LEU B 758 9.76 -15.06 44.83
CA LEU B 758 9.24 -14.24 43.73
C LEU B 758 9.01 -15.08 42.49
N GLN B 759 9.90 -16.04 42.22
CA GLN B 759 9.70 -16.93 41.08
C GLN B 759 8.44 -17.79 41.27
N ARG B 760 8.22 -18.27 42.50
CA ARG B 760 7.01 -19.02 42.77
C ARG B 760 5.77 -18.15 42.58
N LEU B 761 5.85 -16.89 43.00
CA LEU B 761 4.73 -15.97 42.79
C LEU B 761 4.47 -15.78 41.28
N ALA B 762 5.53 -15.64 40.49
CA ALA B 762 5.37 -15.52 39.05
C ALA B 762 4.74 -16.78 38.47
N TYR B 763 5.15 -17.95 38.95
CA TYR B 763 4.56 -19.20 38.48
C TYR B 763 3.08 -19.26 38.82
N ILE B 764 2.72 -18.85 40.04
CA ILE B 764 1.32 -18.80 40.42
C ILE B 764 0.54 -17.88 39.49
N ASN B 765 1.12 -16.72 39.18
CA ASN B 765 0.48 -15.80 38.25
C ASN B 765 0.25 -16.45 36.90
N THR B 766 1.27 -17.15 36.39
CA THR B 766 1.18 -17.74 35.06
C THR B 766 0.25 -18.95 35.03
N ILE B 767 0.02 -19.60 36.16
CA ILE B 767 -0.88 -20.76 36.19
C ILE B 767 -2.33 -20.35 36.44
N VAL B 768 -2.58 -19.36 37.28
CA VAL B 768 -3.95 -19.04 37.68
C VAL B 768 -4.41 -17.74 37.04
N TYR B 769 -3.85 -17.39 35.89
CA TYR B 769 -4.30 -16.19 35.19
C TYR B 769 -5.69 -16.37 34.57
N PRO B 770 -6.05 -17.53 34.03
CA PRO B 770 -7.39 -17.65 33.42
C PRO B 770 -8.52 -17.46 34.42
N PHE B 771 -8.28 -17.72 35.71
CA PHE B 771 -9.35 -17.60 36.70
C PHE B 771 -9.87 -16.17 36.83
N THR B 772 -9.07 -15.17 36.42
CA THR B 772 -9.54 -13.79 36.49
C THR B 772 -10.70 -13.55 35.55
N SER B 773 -10.90 -14.42 34.55
CA SER B 773 -12.02 -14.25 33.63
C SER B 773 -13.35 -14.40 34.35
N LEU B 774 -13.42 -15.27 35.34
CA LEU B 774 -14.69 -15.47 36.07
C LEU B 774 -15.17 -14.18 36.72
N PRO B 775 -14.34 -13.43 37.43
CA PRO B 775 -14.79 -12.11 37.94
C PRO B 775 -14.83 -11.04 36.86
N LEU B 776 -14.00 -11.16 35.83
CA LEU B 776 -13.97 -10.16 34.78
C LEU B 776 -15.29 -10.11 34.01
N ILE B 777 -15.86 -11.29 33.72
CA ILE B 777 -17.12 -11.33 32.99
C ILE B 777 -18.21 -10.61 33.79
N ALA B 778 -18.28 -10.90 35.09
CA ALA B 778 -19.27 -10.25 35.94
C ALA B 778 -19.03 -8.75 36.01
N TYR B 779 -17.77 -8.33 36.17
CA TYR B 779 -17.47 -6.90 36.29
C TYR B 779 -17.87 -6.15 35.02
N CYS B 780 -17.53 -6.69 33.85
CA CYS B 780 -17.92 -6.02 32.62
C CYS B 780 -19.42 -6.10 32.38
N THR B 781 -20.11 -7.07 33.00
CA THR B 781 -21.56 -7.08 32.95
C THR B 781 -22.18 -6.03 33.89
N ILE B 782 -21.47 -5.66 34.96
CA ILE B 782 -22.04 -4.74 35.95
C ILE B 782 -22.60 -3.48 35.32
N PRO B 783 -21.85 -2.73 34.50
CA PRO B 783 -22.37 -1.43 34.03
C PRO B 783 -23.70 -1.53 33.31
N ALA B 784 -23.93 -2.59 32.55
CA ALA B 784 -25.19 -2.73 31.83
C ALA B 784 -26.37 -2.73 32.80
N VAL B 785 -26.25 -3.46 33.90
CA VAL B 785 -27.33 -3.50 34.89
C VAL B 785 -27.37 -2.21 35.69
N CYS B 786 -26.21 -1.67 36.07
CA CYS B 786 -26.19 -0.44 36.85
C CYS B 786 -26.84 0.71 36.11
N LEU B 787 -26.74 0.72 34.78
CA LEU B 787 -27.27 1.81 33.98
C LEU B 787 -28.75 1.66 33.67
N LEU B 788 -29.34 0.49 33.91
CA LEU B 788 -30.75 0.25 33.61
C LEU B 788 -31.59 0.05 34.87
N THR B 789 -31.22 -0.90 35.72
CA THR B 789 -32.03 -1.22 36.89
C THR B 789 -31.60 -0.39 38.10
N GLY B 790 -30.33 -0.52 38.52
CA GLY B 790 -29.87 0.22 39.68
C GLY B 790 -29.89 1.73 39.46
N LYS B 791 -29.31 2.19 38.36
CA LYS B 791 -29.22 3.60 38.03
C LYS B 791 -28.32 4.35 39.01
N PHE B 792 -27.32 3.66 39.58
CA PHE B 792 -26.38 4.30 40.48
C PHE B 792 -25.06 3.53 40.43
N ILE B 793 -23.98 4.20 40.85
CA ILE B 793 -22.66 3.59 40.91
C ILE B 793 -22.14 3.70 42.34
N ILE B 794 -21.95 4.93 42.82
CA ILE B 794 -21.41 5.17 44.15
C ILE B 794 -21.56 6.65 44.47
N PRO B 795 -21.93 7.02 45.70
CA PRO B 795 -21.97 8.44 46.05
C PRO B 795 -20.60 9.08 45.94
N THR B 796 -20.58 10.34 45.52
CA THR B 796 -19.34 11.08 45.29
C THR B 796 -19.16 12.11 46.39
N LEU B 797 -18.01 12.07 47.05
CA LEU B 797 -17.64 13.05 48.06
C LEU B 797 -16.43 13.83 47.57
N SER B 798 -16.54 15.16 47.61
CA SER B 798 -15.48 16.01 47.05
C SER B 798 -14.16 15.83 47.79
N ASN B 799 -14.21 15.73 49.12
CA ASN B 799 -12.98 15.79 49.90
C ASN B 799 -12.08 14.58 49.65
N LEU B 800 -12.63 13.37 49.74
CA LEU B 800 -11.81 12.16 49.77
C LEU B 800 -12.10 11.19 48.65
N ALA B 801 -13.36 10.91 48.33
CA ALA B 801 -13.67 9.89 47.33
C ALA B 801 -13.16 10.30 45.95
N SER B 802 -13.46 11.52 45.53
CA SER B 802 -13.00 11.99 44.23
C SER B 802 -11.48 12.07 44.19
N MET B 803 -10.86 12.50 45.30
CA MET B 803 -9.40 12.57 45.34
C MET B 803 -8.79 11.19 45.16
N LEU B 804 -9.34 10.18 45.82
CA LEU B 804 -8.83 8.83 45.65
C LEU B 804 -9.04 8.33 44.22
N PHE B 805 -10.21 8.62 43.64
CA PHE B 805 -10.45 8.24 42.25
C PHE B 805 -9.40 8.83 41.34
N LEU B 806 -9.15 10.14 41.48
CA LEU B 806 -8.15 10.79 40.64
C LEU B 806 -6.76 10.24 40.88
N GLY B 807 -6.42 9.96 42.15
CA GLY B 807 -5.13 9.40 42.44
C GLY B 807 -4.91 8.08 41.71
N LEU B 808 -5.90 7.19 41.80
CA LEU B 808 -5.80 5.92 41.10
C LEU B 808 -5.69 6.12 39.59
N PHE B 809 -6.54 6.99 39.04
CA PHE B 809 -6.60 7.15 37.59
C PHE B 809 -5.28 7.69 37.05
N ILE B 810 -4.69 8.67 37.73
CA ILE B 810 -3.42 9.23 37.27
C ILE B 810 -2.27 8.26 37.54
N SER B 811 -2.33 7.54 38.67
CA SER B 811 -1.25 6.62 39.02
C SER B 811 -1.14 5.50 37.98
N ILE B 812 -2.27 4.94 37.55
CA ILE B 812 -2.20 3.84 36.59
C ILE B 812 -1.54 4.30 35.29
N ILE B 813 -1.93 5.47 34.78
CA ILE B 813 -1.41 5.92 33.50
C ILE B 813 0.07 6.30 33.62
N VAL B 814 0.44 6.98 34.70
CA VAL B 814 1.85 7.35 34.87
C VAL B 814 2.71 6.10 35.03
N THR B 815 2.20 5.09 35.76
CA THR B 815 2.93 3.84 35.88
C THR B 815 3.09 3.18 34.52
N ALA B 816 2.03 3.17 33.71
CA ALA B 816 2.11 2.54 32.39
C ALA B 816 3.16 3.23 31.52
N VAL B 817 3.13 4.56 31.47
CA VAL B 817 4.09 5.28 30.62
C VAL B 817 5.51 5.05 31.12
N LEU B 818 5.71 5.08 32.44
CA LEU B 818 7.05 4.91 32.97
C LEU B 818 7.56 3.50 32.72
N GLU B 819 6.66 2.51 32.79
CA GLU B 819 7.03 1.15 32.41
C GLU B 819 7.47 1.10 30.95
N LEU B 820 6.69 1.71 30.07
CA LEU B 820 7.02 1.70 28.66
C LEU B 820 8.34 2.40 28.40
N ARG B 821 8.71 3.37 29.24
CA ARG B 821 9.92 4.14 28.98
C ARG B 821 11.15 3.24 28.86
N TRP B 822 11.29 2.28 29.76
CA TRP B 822 12.51 1.47 29.84
C TRP B 822 12.46 0.21 29.00
N SER B 823 11.34 -0.09 28.35
CA SER B 823 11.19 -1.31 27.58
C SER B 823 11.17 -1.10 26.07
N GLY B 824 11.12 0.14 25.61
CA GLY B 824 11.10 0.40 24.18
C GLY B 824 9.90 -0.18 23.47
N VAL B 825 8.75 -0.22 24.12
CA VAL B 825 7.51 -0.74 23.54
C VAL B 825 6.68 0.44 23.06
N SER B 826 6.01 0.25 21.93
CA SER B 826 5.12 1.29 21.41
C SER B 826 3.88 1.40 22.29
N ILE B 827 3.42 2.63 22.50
CA ILE B 827 2.30 2.87 23.41
C ILE B 827 1.04 2.15 22.91
N GLU B 828 0.81 2.17 21.60
CA GLU B 828 -0.36 1.50 21.06
C GLU B 828 -0.31 -0.01 21.32
N ASP B 829 0.89 -0.57 21.43
CA ASP B 829 1.02 -2.01 21.64
C ASP B 829 0.42 -2.43 22.98
N LEU B 830 0.66 -1.64 24.03
CA LEU B 830 0.12 -1.98 25.34
C LEU B 830 -1.40 -1.97 25.33
N TRP B 831 -2.00 -0.95 24.70
CA TRP B 831 -3.45 -0.87 24.62
C TRP B 831 -4.01 -2.04 23.82
N ARG B 832 -3.36 -2.37 22.69
CA ARG B 832 -3.82 -3.49 21.89
C ARG B 832 -3.76 -4.80 22.68
N ASN B 833 -2.65 -5.01 23.41
CA ASN B 833 -2.49 -6.23 24.18
C ASN B 833 -3.53 -6.32 25.29
N GLU B 834 -3.79 -5.21 25.99
CA GLU B 834 -4.75 -5.27 27.09
C GLU B 834 -6.16 -5.50 26.58
N GLN B 835 -6.53 -4.89 25.45
CA GLN B 835 -7.85 -5.17 24.90
C GLN B 835 -7.96 -6.62 24.44
N PHE B 836 -6.89 -7.16 23.85
CA PHE B 836 -6.90 -8.58 23.48
C PHE B 836 -7.04 -9.46 24.71
N TRP B 837 -6.37 -9.11 25.80
CA TRP B 837 -6.49 -9.87 27.04
C TRP B 837 -7.91 -9.80 27.58
N VAL B 838 -8.54 -8.63 27.53
CA VAL B 838 -9.93 -8.51 27.96
C VAL B 838 -10.82 -9.43 27.12
N ILE B 839 -10.61 -9.44 25.79
CA ILE B 839 -11.42 -10.30 24.94
C ILE B 839 -11.23 -11.76 25.31
N GLY B 840 -9.98 -12.18 25.47
CA GLY B 840 -9.69 -13.56 25.83
C GLY B 840 -10.32 -13.95 27.15
N GLY B 841 -10.23 -13.06 28.14
CA GLY B 841 -10.92 -13.32 29.41
C GLY B 841 -12.43 -13.41 29.23
N VAL B 842 -12.98 -12.60 28.33
CA VAL B 842 -14.42 -12.61 28.09
C VAL B 842 -14.86 -13.97 27.58
N SER B 843 -14.14 -14.51 26.58
CA SER B 843 -14.59 -15.74 25.92
C SER B 843 -13.64 -16.91 26.15
N ALA B 844 -12.38 -16.78 25.74
CA ALA B 844 -11.50 -17.95 25.71
C ALA B 844 -11.26 -18.50 27.11
N HIS B 845 -10.85 -17.63 28.04
CA HIS B 845 -10.57 -18.09 29.39
C HIS B 845 -11.84 -18.59 30.07
N LEU B 846 -12.98 -17.96 29.78
CA LEU B 846 -14.24 -18.39 30.38
C LEU B 846 -14.58 -19.83 29.99
N PHE B 847 -14.58 -20.11 28.69
CA PHE B 847 -14.86 -21.47 28.25
C PHE B 847 -13.79 -22.45 28.73
N ALA B 848 -12.53 -22.02 28.74
CA ALA B 848 -11.46 -22.90 29.20
C ALA B 848 -11.66 -23.28 30.66
N VAL B 849 -12.01 -22.30 31.50
CA VAL B 849 -12.17 -22.59 32.93
C VAL B 849 -13.40 -23.44 33.18
N PHE B 850 -14.48 -23.19 32.45
CA PHE B 850 -15.66 -24.06 32.60
C PHE B 850 -15.34 -25.49 32.19
N GLN B 851 -14.62 -25.66 31.07
CA GLN B 851 -14.21 -27.00 30.67
C GLN B 851 -13.29 -27.62 31.71
N GLY B 852 -12.46 -26.80 32.37
CA GLY B 852 -11.62 -27.31 33.44
C GLY B 852 -12.43 -27.84 34.60
N PHE B 853 -13.45 -27.08 35.03
CA PHE B 853 -14.33 -27.57 36.09
C PHE B 853 -14.98 -28.89 35.68
N LEU B 854 -15.48 -28.96 34.44
CA LEU B 854 -16.16 -30.18 34.00
C LEU B 854 -15.20 -31.37 33.99
N LYS B 855 -13.98 -31.16 33.48
CA LYS B 855 -13.00 -32.26 33.45
C LYS B 855 -12.60 -32.69 34.85
N MET B 856 -12.39 -31.73 35.75
CA MET B 856 -12.03 -32.08 37.12
C MET B 856 -13.14 -32.87 37.79
N LEU B 857 -14.40 -32.44 37.60
CA LEU B 857 -15.52 -33.17 38.17
C LEU B 857 -15.61 -34.58 37.61
N ALA B 858 -15.40 -34.73 36.30
CA ALA B 858 -15.45 -36.05 35.69
C ALA B 858 -14.35 -36.94 36.25
N GLY B 859 -13.15 -36.40 36.42
CA GLY B 859 -12.02 -37.16 36.94
C GLY B 859 -10.82 -37.12 36.03
N VAL B 882 -14.67 -27.28 20.32
CA VAL B 882 -15.66 -26.22 20.23
C VAL B 882 -15.40 -25.36 19.00
N LYS B 883 -16.46 -24.78 18.45
CA LYS B 883 -16.35 -23.96 17.25
C LYS B 883 -16.19 -22.49 17.62
N TRP B 884 -15.58 -21.74 16.70
CA TRP B 884 -15.37 -20.31 16.94
C TRP B 884 -16.69 -19.56 17.08
N THR B 885 -17.73 -20.00 16.35
CA THR B 885 -19.03 -19.36 16.49
C THR B 885 -19.56 -19.50 17.91
N THR B 886 -19.41 -20.69 18.50
CA THR B 886 -19.77 -20.86 19.90
C THR B 886 -18.87 -20.04 20.80
N LEU B 887 -17.58 -19.94 20.46
CA LEU B 887 -16.65 -19.19 21.28
C LEU B 887 -17.01 -17.71 21.32
N LEU B 888 -17.63 -17.19 20.26
CA LEU B 888 -17.96 -15.77 20.17
C LEU B 888 -19.31 -15.44 20.81
N ILE B 889 -20.02 -16.43 21.35
CA ILE B 889 -21.33 -16.16 21.94
C ILE B 889 -21.21 -15.19 23.12
N PRO B 890 -20.30 -15.34 24.06
CA PRO B 890 -20.25 -14.41 25.21
C PRO B 890 -19.89 -13.01 24.79
N PRO B 891 -18.86 -12.84 23.93
CA PRO B 891 -18.59 -11.48 23.42
C PRO B 891 -19.78 -10.84 22.71
N THR B 892 -20.46 -11.57 21.82
CA THR B 892 -21.60 -10.98 21.14
C THR B 892 -22.71 -10.63 22.12
N THR B 893 -22.99 -11.53 23.07
CA THR B 893 -24.05 -11.27 24.05
C THR B 893 -23.73 -10.03 24.88
N LEU B 894 -22.48 -9.92 25.35
CA LEU B 894 -22.10 -8.76 26.15
C LEU B 894 -22.17 -7.48 25.32
N LEU B 895 -21.72 -7.52 24.08
CA LEU B 895 -21.79 -6.32 23.25
C LEU B 895 -23.24 -5.87 23.07
N ILE B 896 -24.14 -6.80 22.74
CA ILE B 896 -25.52 -6.43 22.50
C ILE B 896 -26.18 -5.93 23.79
N ILE B 897 -25.94 -6.62 24.91
CA ILE B 897 -26.59 -6.21 26.16
C ILE B 897 -26.08 -4.84 26.58
N ASN B 898 -24.77 -4.60 26.47
CA ASN B 898 -24.23 -3.31 26.86
C ASN B 898 -24.76 -2.19 25.97
N ILE B 899 -24.81 -2.42 24.66
CA ILE B 899 -25.25 -1.35 23.76
C ILE B 899 -26.73 -1.05 23.97
N VAL B 900 -27.57 -2.08 24.06
CA VAL B 900 -29.00 -1.84 24.28
C VAL B 900 -29.22 -1.16 25.63
N GLY B 901 -28.49 -1.61 26.66
CA GLY B 901 -28.64 -0.98 27.96
C GLY B 901 -28.24 0.47 27.96
N VAL B 902 -27.09 0.79 27.34
CA VAL B 902 -26.63 2.17 27.35
C VAL B 902 -27.59 3.06 26.58
N VAL B 903 -28.09 2.60 25.42
CA VAL B 903 -29.01 3.45 24.65
C VAL B 903 -30.32 3.64 25.41
N ALA B 904 -30.86 2.56 25.99
CA ALA B 904 -32.13 2.67 26.70
C ALA B 904 -31.99 3.57 27.92
N GLY B 905 -30.90 3.42 28.69
CA GLY B 905 -30.69 4.29 29.83
C GLY B 905 -30.43 5.72 29.43
N PHE B 906 -29.77 5.95 28.29
CA PHE B 906 -29.60 7.31 27.79
C PHE B 906 -30.95 7.95 27.50
N SER B 907 -31.85 7.21 26.85
CA SER B 907 -33.19 7.73 26.60
C SER B 907 -33.93 7.99 27.91
N ASP B 908 -33.80 7.07 28.87
CA ASP B 908 -34.49 7.23 30.15
C ASP B 908 -33.96 8.42 30.94
N ALA B 909 -32.67 8.71 30.81
CA ALA B 909 -32.10 9.88 31.47
C ALA B 909 -32.51 11.17 30.75
N LEU B 910 -32.60 11.12 29.42
CA LEU B 910 -33.07 12.29 28.67
C LEU B 910 -34.50 12.64 29.06
N ASN B 911 -35.36 11.63 29.24
CA ASN B 911 -36.73 11.92 29.62
C ASN B 911 -36.80 12.66 30.95
N LYS B 912 -35.82 12.45 31.82
CA LYS B 912 -35.78 13.12 33.10
C LYS B 912 -35.43 14.60 32.92
N GLY B 913 -35.72 15.38 33.96
CA GLY B 913 -35.49 16.82 33.91
C GLY B 913 -34.09 17.24 34.29
N TYR B 914 -33.09 16.75 33.55
CA TYR B 914 -31.70 17.14 33.74
C TYR B 914 -31.22 16.86 35.16
N GLU B 915 -31.75 15.80 35.77
CA GLU B 915 -31.33 15.39 37.11
C GLU B 915 -30.22 14.36 37.10
N ALA B 916 -29.78 13.91 35.92
CA ALA B 916 -28.75 12.90 35.79
C ALA B 916 -27.43 13.49 35.29
N TRP B 917 -27.23 14.80 35.44
CA TRP B 917 -26.07 15.46 34.84
C TRP B 917 -24.76 14.83 35.29
N GLY B 918 -24.69 14.32 36.51
CA GLY B 918 -23.51 13.64 36.99
C GLY B 918 -23.57 12.13 36.84
N PRO B 919 -24.63 11.53 37.39
CA PRO B 919 -24.73 10.07 37.36
C PRO B 919 -24.78 9.47 35.98
N LEU B 920 -25.40 10.14 35.00
CA LEU B 920 -25.44 9.58 33.66
C LEU B 920 -24.04 9.45 33.06
N PHE B 921 -23.22 10.49 33.19
CA PHE B 921 -21.84 10.40 32.72
C PHE B 921 -21.08 9.32 33.49
N GLY B 922 -21.27 9.26 34.82
CA GLY B 922 -20.56 8.27 35.60
C GLY B 922 -20.91 6.85 35.19
N LYS B 923 -22.19 6.59 34.92
CA LYS B 923 -22.63 5.26 34.53
C LYS B 923 -22.24 4.95 33.08
N VAL B 924 -22.21 5.96 32.21
CA VAL B 924 -21.93 5.72 30.80
C VAL B 924 -20.44 5.57 30.52
N PHE B 925 -19.56 6.13 31.36
CA PHE B 925 -18.14 6.01 31.09
C PHE B 925 -17.68 4.56 31.12
N PHE B 926 -18.14 3.79 32.11
CA PHE B 926 -17.74 2.39 32.20
C PHE B 926 -18.25 1.59 31.00
N ALA B 927 -19.51 1.82 30.61
CA ALA B 927 -20.06 1.14 29.46
C ALA B 927 -19.29 1.49 28.19
N PHE B 928 -18.92 2.76 28.05
CA PHE B 928 -18.13 3.18 26.88
C PHE B 928 -16.77 2.51 26.89
N TRP B 929 -16.13 2.40 28.05
CA TRP B 929 -14.86 1.71 28.15
C TRP B 929 -14.98 0.26 27.69
N VAL B 930 -15.98 -0.45 28.21
CA VAL B 930 -16.16 -1.85 27.86
C VAL B 930 -16.44 -1.99 26.36
N ILE B 931 -17.31 -1.14 25.83
CA ILE B 931 -17.71 -1.25 24.43
C ILE B 931 -16.54 -0.91 23.52
N LEU B 932 -15.73 0.08 23.90
CA LEU B 932 -14.58 0.43 23.07
C LEU B 932 -13.53 -0.66 23.09
N HIS B 933 -13.36 -1.35 24.23
CA HIS B 933 -12.43 -2.47 24.26
C HIS B 933 -12.95 -3.64 23.42
N LEU B 934 -14.26 -3.87 23.43
CA LEU B 934 -14.82 -5.05 22.77
C LEU B 934 -15.15 -4.91 21.28
N TYR B 935 -15.65 -3.76 20.85
CA TYR B 935 -16.16 -3.61 19.50
C TYR B 935 -15.10 -3.81 18.42
N PRO B 936 -13.87 -3.29 18.54
CA PRO B 936 -12.92 -3.42 17.42
C PRO B 936 -12.67 -4.87 17.02
N PHE B 937 -12.63 -5.79 17.98
CA PHE B 937 -12.40 -7.19 17.67
C PHE B 937 -13.59 -7.79 16.91
N LEU B 938 -14.80 -7.54 17.40
CA LEU B 938 -15.99 -8.11 16.75
C LEU B 938 -16.15 -7.54 15.34
N LYS B 939 -15.80 -6.28 15.14
CA LYS B 939 -15.99 -5.65 13.83
C LYS B 939 -15.19 -6.38 12.77
N GLY B 940 -13.94 -6.72 13.07
CA GLY B 940 -13.09 -7.35 12.07
C GLY B 940 -13.59 -8.73 11.67
N LEU B 941 -13.95 -9.56 12.65
CA LEU B 941 -14.44 -10.90 12.31
C LEU B 941 -15.76 -10.82 11.56
N MET B 942 -16.64 -9.90 11.96
CA MET B 942 -17.91 -9.72 11.25
C MET B 942 -17.82 -8.66 10.16
N GLY B 943 -16.64 -8.06 9.95
CA GLY B 943 -16.43 -7.12 8.88
C GLY B 943 -15.44 -7.63 7.84
N ARG B 944 -15.51 -7.11 6.62
CA ARG B 944 -14.62 -7.54 5.56
C ARG B 944 -13.27 -6.81 5.58
N GLN B 945 -13.16 -5.69 6.28
CA GLN B 945 -11.90 -4.97 6.38
C GLN B 945 -11.90 -4.16 7.66
N ASN B 946 -10.70 -3.92 8.18
CA ASN B 946 -10.53 -3.10 9.38
C ASN B 946 -10.26 -1.63 9.05
N ARG B 947 -9.86 -1.32 7.82
CA ARG B 947 -9.64 0.06 7.43
C ARG B 947 -10.91 0.88 7.57
N THR B 948 -12.01 0.39 6.98
CA THR B 948 -13.32 1.02 7.09
C THR B 948 -14.31 -0.05 7.51
N PRO B 949 -14.92 0.05 8.70
CA PRO B 949 -15.84 -1.02 9.11
C PRO B 949 -16.95 -1.19 8.09
N THR B 950 -17.78 -0.16 7.95
CA THR B 950 -18.81 0.01 6.93
C THR B 950 -19.38 1.41 7.11
N ILE B 951 -20.26 1.81 6.19
CA ILE B 951 -21.11 2.96 6.40
C ILE B 951 -22.56 2.57 6.61
N VAL B 952 -22.95 1.34 6.24
CA VAL B 952 -24.34 0.91 6.42
C VAL B 952 -24.66 0.74 7.89
N VAL B 953 -23.71 0.23 8.68
CA VAL B 953 -23.97 0.01 10.10
C VAL B 953 -24.23 1.33 10.80
N LEU B 954 -23.55 2.40 10.37
CA LEU B 954 -23.84 3.72 10.95
C LEU B 954 -25.28 4.13 10.65
N TRP B 955 -25.73 3.95 9.41
CA TRP B 955 -27.10 4.28 9.07
C TRP B 955 -28.07 3.47 9.93
N SER B 956 -27.82 2.17 10.06
CA SER B 956 -28.69 1.31 10.86
C SER B 956 -28.71 1.76 12.31
N VAL B 957 -27.55 2.15 12.86
CA VAL B 957 -27.48 2.56 14.25
C VAL B 957 -28.26 3.85 14.47
N LEU B 958 -28.11 4.83 13.58
CA LEU B 958 -28.88 6.06 13.74
C LEU B 958 -30.37 5.81 13.57
N LEU B 959 -30.76 4.95 12.62
CA LEU B 959 -32.17 4.64 12.45
C LEU B 959 -32.73 3.91 13.68
N THR B 960 -31.93 3.03 14.29
CA THR B 960 -32.37 2.36 15.50
C THR B 960 -32.47 3.33 16.68
N SER B 961 -31.56 4.31 16.75
CA SER B 961 -31.68 5.35 17.76
C SER B 961 -32.96 6.15 17.57
N VAL B 962 -33.30 6.47 16.32
CA VAL B 962 -34.56 7.14 16.03
C VAL B 962 -35.73 6.26 16.46
N PHE B 963 -35.65 4.96 16.17
CA PHE B 963 -36.66 4.02 16.61
C PHE B 963 -36.87 4.08 18.12
N SER B 964 -35.77 3.97 18.88
CA SER B 964 -35.88 3.98 20.34
C SER B 964 -36.44 5.30 20.84
N LEU B 965 -35.98 6.42 20.27
CA LEU B 965 -36.48 7.71 20.69
C LEU B 965 -37.96 7.87 20.41
N VAL B 966 -38.41 7.44 19.23
CA VAL B 966 -39.83 7.55 18.88
C VAL B 966 -40.66 6.65 19.80
N TRP B 967 -40.19 5.44 20.07
CA TRP B 967 -40.92 4.55 20.95
C TRP B 967 -41.03 5.14 22.35
N VAL B 968 -39.96 5.74 22.85
CA VAL B 968 -40.00 6.35 24.18
C VAL B 968 -40.97 7.52 24.19
N LYS B 969 -40.94 8.35 23.14
CA LYS B 969 -41.85 9.50 23.07
C LYS B 969 -43.30 9.04 23.03
N ILE B 970 -43.57 7.95 22.31
CA ILE B 970 -44.94 7.49 22.11
C ILE B 970 -45.46 6.62 23.24
N ASN B 971 -44.57 6.04 24.05
CA ASN B 971 -44.99 5.17 25.14
C ASN B 971 -44.48 5.70 26.48
N GLU C 170 -27.08 -39.75 -17.79
CA GLU C 170 -26.79 -39.01 -16.57
C GLU C 170 -27.00 -37.52 -16.77
N PRO C 171 -27.33 -36.79 -15.71
CA PRO C 171 -27.53 -35.34 -15.82
C PRO C 171 -26.19 -34.61 -15.82
N LEU C 172 -25.84 -34.00 -16.95
CA LEU C 172 -24.57 -33.30 -17.03
C LEU C 172 -24.57 -32.04 -16.17
N SER C 173 -25.70 -31.36 -16.07
CA SER C 173 -25.84 -30.17 -15.23
C SER C 173 -27.09 -30.30 -14.36
N ILE C 174 -26.98 -29.83 -13.12
CA ILE C 174 -28.10 -29.84 -12.18
C ILE C 174 -28.46 -28.40 -11.86
N VAL C 175 -29.76 -28.13 -11.78
CA VAL C 175 -30.28 -26.81 -11.46
C VAL C 175 -31.12 -26.95 -10.20
N TYR C 176 -30.57 -26.49 -9.07
CA TYR C 176 -31.29 -26.55 -7.80
C TYR C 176 -31.66 -25.14 -7.34
N PRO C 177 -32.86 -24.94 -6.80
CA PRO C 177 -33.22 -23.61 -6.29
C PRO C 177 -32.54 -23.31 -4.98
N ILE C 178 -32.90 -22.18 -4.36
CA ILE C 178 -32.37 -21.80 -3.06
C ILE C 178 -32.74 -22.89 -2.07
N PRO C 179 -31.90 -23.18 -1.05
CA PRO C 179 -32.20 -24.31 -0.15
C PRO C 179 -33.50 -24.19 0.62
N ARG C 180 -34.23 -23.09 0.43
CA ARG C 180 -35.52 -22.78 1.02
C ARG C 180 -35.36 -22.28 2.46
N ASN C 181 -34.16 -22.32 3.03
CA ASN C 181 -33.92 -21.71 4.33
C ASN C 181 -33.69 -20.21 4.23
N LYS C 182 -33.43 -19.69 3.03
CA LYS C 182 -33.24 -18.27 2.81
C LYS C 182 -34.26 -17.67 1.85
N LEU C 183 -35.11 -18.49 1.23
CA LEU C 183 -36.07 -17.99 0.24
C LEU C 183 -37.42 -17.67 0.85
N THR C 184 -38.00 -18.61 1.60
CA THR C 184 -39.30 -18.34 2.22
C THR C 184 -39.23 -17.15 3.18
N PRO C 185 -38.22 -17.01 4.03
CA PRO C 185 -38.14 -15.77 4.83
C PRO C 185 -38.04 -14.53 3.96
N TYR C 186 -37.32 -14.62 2.84
CA TYR C 186 -37.26 -13.51 1.91
C TYR C 186 -38.63 -13.21 1.33
N ARG C 187 -39.38 -14.24 0.93
CA ARG C 187 -40.71 -14.03 0.37
C ARG C 187 -41.65 -13.41 1.39
N ALA C 188 -41.61 -13.90 2.64
CA ALA C 188 -42.54 -13.39 3.65
C ALA C 188 -42.28 -11.92 3.94
N VAL C 189 -41.02 -11.53 4.07
CA VAL C 189 -40.70 -10.14 4.42
C VAL C 189 -41.13 -9.20 3.31
N ILE C 190 -40.82 -9.54 2.06
CA ILE C 190 -41.14 -8.64 0.94
C ILE C 190 -42.65 -8.49 0.82
N ILE C 191 -43.40 -9.57 1.05
CA ILE C 191 -44.86 -9.46 1.08
C ILE C 191 -45.30 -8.55 2.21
N MET C 192 -44.66 -8.68 3.37
CA MET C 192 -44.96 -7.76 4.48
C MET C 192 -44.63 -6.33 4.09
N ARG C 193 -43.51 -6.12 3.42
CA ARG C 193 -43.13 -4.78 2.98
C ARG C 193 -44.18 -4.20 2.03
N LEU C 194 -44.68 -5.01 1.11
CA LEU C 194 -45.71 -4.54 0.19
C LEU C 194 -46.98 -4.16 0.94
N ILE C 195 -47.39 -4.98 1.91
CA ILE C 195 -48.59 -4.68 2.68
C ILE C 195 -48.42 -3.38 3.46
N ILE C 196 -47.25 -3.20 4.08
CA ILE C 196 -47.00 -1.98 4.84
C ILE C 196 -47.05 -0.76 3.92
N LEU C 197 -46.45 -0.88 2.73
CA LEU C 197 -46.48 0.23 1.78
C LEU C 197 -47.90 0.56 1.37
N GLY C 198 -48.73 -0.46 1.13
CA GLY C 198 -50.11 -0.20 0.76
C GLY C 198 -50.88 0.52 1.85
N LEU C 199 -50.71 0.08 3.10
CA LEU C 199 -51.35 0.77 4.22
C LEU C 199 -50.80 2.18 4.37
N PHE C 200 -49.49 2.35 4.16
CA PHE C 200 -48.89 3.68 4.28
C PHE C 200 -49.50 4.65 3.28
N PHE C 201 -49.67 4.21 2.03
CA PHE C 201 -50.18 5.12 1.01
C PHE C 201 -51.66 5.41 1.20
N HIS C 202 -52.45 4.39 1.55
CA HIS C 202 -53.87 4.61 1.78
C HIS C 202 -54.10 5.61 2.92
N TYR C 203 -53.37 5.45 4.02
CA TYR C 203 -53.47 6.41 5.11
C TYR C 203 -52.98 7.78 4.70
N ARG C 204 -51.87 7.83 3.95
CA ARG C 204 -51.35 9.12 3.48
C ARG C 204 -52.35 9.82 2.57
N ILE C 205 -52.95 9.09 1.64
CA ILE C 205 -53.86 9.71 0.68
C ILE C 205 -55.07 10.31 1.38
N THR C 206 -55.58 9.64 2.42
CA THR C 206 -56.86 10.04 3.01
C THR C 206 -56.69 11.04 4.16
N ASN C 207 -55.94 10.68 5.20
CA ASN C 207 -55.99 11.46 6.43
C ASN C 207 -55.20 12.77 6.34
N PRO C 208 -53.87 12.76 6.16
CA PRO C 208 -53.15 14.03 6.16
C PRO C 208 -53.54 14.94 5.01
N VAL C 209 -53.53 16.25 5.29
CA VAL C 209 -53.51 17.27 4.26
C VAL C 209 -52.22 18.07 4.27
N ASP C 210 -51.64 18.32 5.45
CA ASP C 210 -50.35 18.97 5.64
C ASP C 210 -50.40 20.49 5.45
N SER C 211 -51.60 21.07 5.34
CA SER C 211 -51.82 22.51 5.23
C SER C 211 -51.32 23.10 3.91
N ALA C 212 -50.72 22.29 3.05
CA ALA C 212 -50.24 22.75 1.75
C ALA C 212 -50.59 21.70 0.70
N PHE C 213 -51.13 22.16 -0.43
CA PHE C 213 -51.58 21.25 -1.47
C PHE C 213 -50.47 20.95 -2.48
N GLY C 214 -49.85 21.99 -3.05
CA GLY C 214 -48.83 21.77 -4.05
C GLY C 214 -47.63 21.02 -3.51
N LEU C 215 -47.13 21.42 -2.34
CA LEU C 215 -45.97 20.77 -1.76
C LEU C 215 -46.29 19.32 -1.41
N TRP C 216 -47.41 19.09 -0.73
CA TRP C 216 -47.79 17.73 -0.37
C TRP C 216 -48.11 16.89 -1.60
N LEU C 217 -48.77 17.49 -2.59
CA LEU C 217 -49.13 16.75 -3.79
C LEU C 217 -47.89 16.24 -4.53
N THR C 218 -46.86 17.08 -4.62
CA THR C 218 -45.62 16.66 -5.26
C THR C 218 -44.96 15.53 -4.49
N SER C 219 -44.96 15.61 -3.16
CA SER C 219 -44.34 14.57 -2.35
C SER C 219 -45.06 13.24 -2.50
N VAL C 220 -46.40 13.25 -2.46
CA VAL C 220 -47.15 12.00 -2.51
C VAL C 220 -47.06 11.37 -3.89
N ILE C 221 -47.18 12.18 -4.95
CA ILE C 221 -47.15 11.63 -6.30
C ILE C 221 -45.77 11.03 -6.60
N CYS C 222 -44.71 11.72 -6.22
CA CYS C 222 -43.36 11.18 -6.45
C CYS C 222 -43.13 9.92 -5.63
N GLU C 223 -43.60 9.90 -4.38
CA GLU C 223 -43.49 8.70 -3.57
C GLU C 223 -44.28 7.56 -4.17
N ILE C 224 -45.48 7.85 -4.70
CA ILE C 224 -46.28 6.82 -5.36
C ILE C 224 -45.56 6.30 -6.58
N TRP C 225 -44.93 7.19 -7.35
CA TRP C 225 -44.15 6.74 -8.50
C TRP C 225 -43.04 5.80 -8.07
N PHE C 226 -42.35 6.12 -6.98
CA PHE C 226 -41.28 5.26 -6.50
C PHE C 226 -41.81 3.87 -6.15
N ALA C 227 -43.01 3.80 -5.56
CA ALA C 227 -43.55 2.51 -5.15
C ALA C 227 -43.79 1.59 -6.35
N PHE C 228 -44.36 2.12 -7.43
CA PHE C 228 -44.52 1.30 -8.63
C PHE C 228 -43.18 0.86 -9.18
N SER C 229 -42.18 1.76 -9.18
CA SER C 229 -40.87 1.38 -9.68
C SER C 229 -40.25 0.27 -8.84
N TRP C 230 -40.36 0.38 -7.52
CA TRP C 230 -39.77 -0.64 -6.64
C TRP C 230 -40.52 -1.96 -6.74
N VAL C 231 -41.86 -1.91 -6.63
CA VAL C 231 -42.64 -3.13 -6.67
C VAL C 231 -42.47 -3.85 -8.00
N LEU C 232 -42.39 -3.08 -9.09
CA LEU C 232 -42.14 -3.65 -10.41
C LEU C 232 -40.70 -4.07 -10.59
N ASP C 233 -39.79 -3.62 -9.72
CA ASP C 233 -38.38 -3.97 -9.82
C ASP C 233 -37.98 -5.13 -8.90
N GLN C 234 -38.73 -5.38 -7.83
CA GLN C 234 -38.36 -6.39 -6.84
C GLN C 234 -38.91 -7.77 -7.18
N PHE C 235 -40.03 -7.85 -7.89
CA PHE C 235 -40.66 -9.12 -8.21
C PHE C 235 -39.75 -9.99 -9.07
N PRO C 236 -39.04 -9.44 -10.06
CA PRO C 236 -38.17 -10.29 -10.88
C PRO C 236 -37.16 -11.07 -10.06
N LYS C 237 -36.74 -10.55 -8.91
CA LYS C 237 -35.84 -11.28 -8.02
C LYS C 237 -36.50 -12.50 -7.40
N TRP C 238 -37.82 -12.65 -7.52
CA TRP C 238 -38.50 -13.79 -6.94
C TRP C 238 -38.00 -15.09 -7.55
N LYS C 239 -37.90 -16.11 -6.71
CA LYS C 239 -37.50 -17.45 -7.14
C LYS C 239 -36.09 -17.44 -7.73
N PRO C 240 -35.06 -17.14 -6.94
CA PRO C 240 -33.68 -17.28 -7.44
C PRO C 240 -33.33 -18.75 -7.64
N VAL C 241 -32.42 -18.99 -8.59
CA VAL C 241 -32.02 -20.33 -8.96
C VAL C 241 -30.51 -20.36 -9.15
N ASN C 242 -29.89 -21.45 -8.69
CA ASN C 242 -28.47 -21.68 -8.84
C ASN C 242 -28.23 -22.83 -9.83
N ARG C 243 -26.99 -22.94 -10.29
CA ARG C 243 -26.63 -23.94 -11.27
C ARG C 243 -25.16 -24.33 -11.08
N GLU C 244 -24.85 -25.57 -11.48
CA GLU C 244 -23.47 -26.04 -11.51
C GLU C 244 -23.27 -26.83 -12.80
N THR C 245 -22.02 -26.86 -13.26
CA THR C 245 -21.66 -27.60 -14.45
C THR C 245 -20.59 -28.63 -14.10
N PHE C 246 -20.63 -29.76 -14.80
CA PHE C 246 -19.80 -30.94 -14.48
C PHE C 246 -19.09 -31.38 -15.75
N ILE C 247 -17.86 -30.88 -15.94
CA ILE C 247 -17.11 -31.16 -17.15
C ILE C 247 -16.71 -32.63 -17.21
N GLU C 248 -16.52 -33.27 -16.06
CA GLU C 248 -15.95 -34.63 -16.05
C GLU C 248 -16.83 -35.60 -16.83
N ARG C 249 -18.14 -35.61 -16.54
CA ARG C 249 -19.02 -36.55 -17.24
C ARG C 249 -19.25 -36.12 -18.68
N LEU C 250 -19.15 -34.82 -18.98
CA LEU C 250 -19.16 -34.39 -20.37
C LEU C 250 -18.02 -35.03 -21.14
N SER C 251 -16.82 -35.02 -20.56
CA SER C 251 -15.68 -35.68 -21.20
C SER C 251 -15.86 -37.19 -21.21
N ALA C 252 -16.46 -37.75 -20.15
CA ALA C 252 -16.61 -39.20 -20.08
C ALA C 252 -17.50 -39.72 -21.20
N ARG C 253 -18.59 -39.01 -21.50
CA ARG C 253 -19.57 -39.49 -22.47
C ARG C 253 -19.26 -39.02 -23.89
N TYR C 254 -19.22 -37.71 -24.09
CA TYR C 254 -19.13 -37.17 -25.45
C TYR C 254 -17.74 -37.31 -26.04
N GLU C 255 -16.69 -37.26 -25.23
CA GLU C 255 -15.34 -37.42 -25.78
C GLU C 255 -15.16 -38.77 -26.44
N ARG C 256 -15.64 -39.83 -25.79
CA ARG C 256 -15.62 -41.18 -26.35
C ARG C 256 -14.19 -41.57 -26.75
N GLU C 257 -13.34 -41.68 -25.72
CA GLU C 257 -11.93 -42.00 -25.93
C GLU C 257 -11.80 -43.26 -26.75
N GLY C 258 -10.88 -43.24 -27.72
CA GLY C 258 -10.73 -44.31 -28.67
C GLY C 258 -11.60 -44.20 -29.89
N GLU C 259 -12.45 -43.19 -29.96
CA GLU C 259 -13.37 -42.95 -31.06
C GLU C 259 -13.29 -41.48 -31.42
N PRO C 260 -13.48 -41.11 -32.69
CA PRO C 260 -13.38 -39.68 -33.03
C PRO C 260 -14.36 -38.85 -32.23
N SER C 261 -13.91 -37.64 -31.86
CA SER C 261 -14.69 -36.80 -30.96
C SER C 261 -16.03 -36.43 -31.59
N GLN C 262 -17.03 -36.25 -30.73
CA GLN C 262 -18.39 -35.89 -31.13
C GLN C 262 -18.81 -34.58 -30.49
N LEU C 263 -17.91 -33.59 -30.48
CA LEU C 263 -18.16 -32.29 -29.90
C LEU C 263 -18.47 -31.28 -31.00
N ALA C 264 -19.45 -30.42 -30.74
CA ALA C 264 -19.88 -29.45 -31.73
C ALA C 264 -18.84 -28.35 -31.92
N ALA C 265 -18.85 -27.75 -33.10
CA ALA C 265 -17.91 -26.69 -33.42
C ALA C 265 -18.31 -25.39 -32.73
N VAL C 266 -17.32 -24.50 -32.56
CA VAL C 266 -17.52 -23.20 -31.94
C VAL C 266 -16.78 -22.16 -32.76
N ASP C 267 -17.42 -21.00 -32.95
CA ASP C 267 -16.85 -19.89 -33.71
C ASP C 267 -16.73 -18.69 -32.79
N PHE C 268 -15.50 -18.27 -32.53
CA PHE C 268 -15.23 -17.09 -31.71
C PHE C 268 -15.22 -15.84 -32.58
N PHE C 269 -15.87 -14.78 -32.09
CA PHE C 269 -15.97 -13.52 -32.81
C PHE C 269 -15.27 -12.43 -32.02
N VAL C 270 -14.44 -11.64 -32.71
CA VAL C 270 -13.79 -10.48 -32.12
C VAL C 270 -13.89 -9.34 -33.12
N SER C 271 -14.38 -8.18 -32.67
CA SER C 271 -14.61 -7.04 -33.54
C SER C 271 -13.77 -5.86 -33.04
N THR C 272 -13.09 -5.19 -33.96
CA THR C 272 -12.28 -4.02 -33.65
C THR C 272 -12.74 -2.84 -34.49
N VAL C 273 -12.64 -1.64 -33.92
CA VAL C 273 -13.09 -0.42 -34.57
C VAL C 273 -11.92 0.36 -35.17
N ASP C 274 -10.85 0.54 -34.39
CA ASP C 274 -9.71 1.32 -34.85
C ASP C 274 -8.52 1.03 -33.95
N PRO C 275 -7.31 0.87 -34.51
CA PRO C 275 -6.17 0.53 -33.65
C PRO C 275 -5.59 1.71 -32.88
N LEU C 276 -5.89 2.94 -33.27
CA LEU C 276 -5.34 4.10 -32.55
C LEU C 276 -6.03 4.30 -31.21
N LYS C 277 -7.36 4.16 -31.18
CA LYS C 277 -8.09 4.38 -29.94
C LYS C 277 -7.68 3.37 -28.87
N GLU C 278 -7.54 2.10 -29.25
CA GLU C 278 -7.10 1.05 -28.34
C GLU C 278 -5.90 0.36 -28.97
N PRO C 279 -4.83 0.12 -28.21
CA PRO C 279 -3.63 -0.44 -28.82
C PRO C 279 -3.90 -1.82 -29.38
N PRO C 280 -3.24 -2.20 -30.48
CA PRO C 280 -3.45 -3.54 -31.02
C PRO C 280 -2.93 -4.65 -30.11
N LEU C 281 -2.09 -4.31 -29.12
CA LEU C 281 -1.56 -5.35 -28.23
C LEU C 281 -2.69 -6.06 -27.49
N ILE C 282 -3.65 -5.31 -26.97
CA ILE C 282 -4.77 -5.93 -26.27
C ILE C 282 -5.55 -6.83 -27.21
N THR C 283 -5.76 -6.39 -28.45
CA THR C 283 -6.43 -7.24 -29.43
C THR C 283 -5.63 -8.52 -29.67
N ALA C 284 -4.30 -8.42 -29.72
CA ALA C 284 -3.48 -9.61 -29.87
C ALA C 284 -3.60 -10.53 -28.68
N ASN C 285 -3.64 -9.96 -27.46
CA ASN C 285 -3.70 -10.79 -26.26
C ASN C 285 -4.98 -11.60 -26.23
N THR C 286 -6.12 -10.97 -26.53
CA THR C 286 -7.40 -11.70 -26.54
C THR C 286 -7.45 -12.71 -27.68
N VAL C 287 -6.84 -12.39 -28.82
CA VAL C 287 -6.79 -13.35 -29.92
C VAL C 287 -5.99 -14.58 -29.51
N LEU C 288 -4.85 -14.37 -28.83
CA LEU C 288 -4.07 -15.51 -28.36
C LEU C 288 -4.86 -16.33 -27.34
N SER C 289 -5.58 -15.66 -26.43
CA SER C 289 -6.37 -16.38 -25.45
C SER C 289 -7.44 -17.23 -26.12
N ILE C 290 -8.09 -16.69 -27.15
CA ILE C 290 -9.11 -17.44 -27.87
C ILE C 290 -8.48 -18.64 -28.56
N LEU C 291 -7.30 -18.46 -29.16
CA LEU C 291 -6.65 -19.52 -29.91
C LEU C 291 -6.09 -20.62 -29.01
N ALA C 292 -6.01 -20.40 -27.71
CA ALA C 292 -5.40 -21.35 -26.78
C ALA C 292 -6.42 -21.89 -25.78
N VAL C 293 -7.62 -22.20 -26.24
CA VAL C 293 -8.64 -22.79 -25.39
C VAL C 293 -8.46 -24.29 -25.35
N ASP C 294 -9.07 -24.93 -24.34
CA ASP C 294 -8.98 -26.37 -24.17
C ASP C 294 -10.15 -27.01 -24.91
N TYR C 295 -10.01 -27.08 -26.23
CA TYR C 295 -11.02 -27.66 -27.10
C TYR C 295 -10.31 -28.27 -28.30
N PRO C 296 -10.88 -29.30 -28.93
CA PRO C 296 -10.21 -29.90 -30.09
C PRO C 296 -9.95 -28.85 -31.16
N VAL C 297 -8.76 -28.92 -31.75
CA VAL C 297 -8.34 -27.91 -32.72
C VAL C 297 -9.25 -27.91 -33.93
N ASP C 298 -9.81 -29.06 -34.29
CA ASP C 298 -10.67 -29.14 -35.47
C ASP C 298 -12.01 -28.46 -35.26
N LYS C 299 -12.41 -28.21 -34.01
CA LYS C 299 -13.71 -27.62 -33.72
C LYS C 299 -13.61 -26.11 -33.57
N VAL C 300 -12.79 -25.63 -32.63
CA VAL C 300 -12.71 -24.20 -32.34
C VAL C 300 -12.15 -23.46 -33.55
N SER C 301 -12.76 -22.31 -33.85
CA SER C 301 -12.31 -21.44 -34.93
C SER C 301 -12.50 -20.00 -34.51
N CYS C 302 -11.52 -19.15 -34.81
CA CYS C 302 -11.53 -17.76 -34.40
C CYS C 302 -11.74 -16.86 -35.61
N TYR C 303 -12.57 -15.84 -35.44
CA TYR C 303 -12.84 -14.85 -36.48
C TYR C 303 -12.61 -13.46 -35.92
N VAL C 304 -11.83 -12.65 -36.65
CA VAL C 304 -11.50 -11.29 -36.26
C VAL C 304 -11.99 -10.35 -37.35
N SER C 305 -12.75 -9.33 -36.96
CA SER C 305 -13.31 -8.36 -37.89
C SER C 305 -12.87 -6.96 -37.48
N ASP C 306 -12.62 -6.13 -38.47
CA ASP C 306 -12.24 -4.74 -38.24
C ASP C 306 -13.08 -3.82 -39.11
N ASP C 307 -13.47 -2.67 -38.57
CA ASP C 307 -14.23 -1.68 -39.31
C ASP C 307 -13.35 -0.59 -39.92
N GLY C 308 -12.21 -0.30 -39.30
CA GLY C 308 -11.31 0.71 -39.82
C GLY C 308 -10.49 0.25 -41.01
N ALA C 309 -10.37 -1.06 -41.22
CA ALA C 309 -9.59 -1.60 -42.33
C ALA C 309 -8.16 -1.06 -42.31
N ALA C 310 -7.57 -0.99 -41.12
CA ALA C 310 -6.24 -0.45 -40.94
C ALA C 310 -5.19 -1.54 -41.13
N MET C 311 -4.06 -1.16 -41.73
CA MET C 311 -2.98 -2.12 -41.94
C MET C 311 -2.29 -2.51 -40.64
N LEU C 312 -2.31 -1.62 -39.64
CA LEU C 312 -1.64 -1.94 -38.39
C LEU C 312 -2.24 -3.18 -37.74
N THR C 313 -3.57 -3.29 -37.74
CA THR C 313 -4.20 -4.49 -37.21
C THR C 313 -3.80 -5.72 -37.99
N PHE C 314 -3.78 -5.62 -39.33
CA PHE C 314 -3.43 -6.78 -40.14
C PHE C 314 -2.01 -7.24 -39.86
N GLU C 315 -1.07 -6.31 -39.78
CA GLU C 315 0.31 -6.68 -39.48
C GLU C 315 0.44 -7.24 -38.08
N SER C 316 -0.30 -6.68 -37.12
CA SER C 316 -0.27 -7.20 -35.76
C SER C 316 -0.76 -8.65 -35.72
N LEU C 317 -1.83 -8.95 -36.45
CA LEU C 317 -2.33 -10.32 -36.50
C LEU C 317 -1.31 -11.26 -37.14
N VAL C 318 -0.63 -10.80 -38.19
CA VAL C 318 0.37 -11.63 -38.85
C VAL C 318 1.48 -11.98 -37.87
N GLU C 319 1.96 -10.99 -37.11
CA GLU C 319 2.95 -11.27 -36.07
C GLU C 319 2.37 -12.15 -34.97
N THR C 320 1.11 -11.90 -34.60
CA THR C 320 0.48 -12.71 -33.56
C THR C 320 0.40 -14.17 -33.98
N ALA C 321 0.24 -14.44 -35.28
CA ALA C 321 0.20 -15.82 -35.75
C ALA C 321 1.52 -16.52 -35.45
N GLU C 322 2.64 -15.85 -35.68
CA GLU C 322 3.94 -16.46 -35.39
C GLU C 322 4.11 -16.69 -33.89
N PHE C 323 3.73 -15.71 -33.07
CA PHE C 323 3.84 -15.89 -31.62
C PHE C 323 2.91 -17.00 -31.12
N ALA C 324 1.70 -17.07 -31.66
CA ALA C 324 0.78 -18.13 -31.27
C ALA C 324 1.36 -19.50 -31.59
N ARG C 325 1.98 -19.63 -32.76
CA ARG C 325 2.65 -20.88 -33.11
C ARG C 325 3.68 -21.27 -32.05
N LYS C 326 4.40 -20.28 -31.51
CA LYS C 326 5.38 -20.55 -30.47
C LYS C 326 4.71 -20.78 -29.12
N TRP C 327 3.63 -20.05 -28.83
CA TRP C 327 3.06 -20.02 -27.49
C TRP C 327 2.03 -21.12 -27.25
N VAL C 328 1.33 -21.57 -28.29
CA VAL C 328 0.26 -22.54 -28.10
C VAL C 328 0.76 -23.84 -27.47
N PRO C 329 1.77 -24.52 -28.01
CA PRO C 329 2.19 -25.80 -27.40
C PRO C 329 2.62 -25.66 -25.96
N PHE C 330 3.31 -24.58 -25.61
CA PHE C 330 3.74 -24.37 -24.22
C PHE C 330 2.54 -24.22 -23.31
N CYS C 331 1.57 -23.40 -23.71
CA CYS C 331 0.41 -23.14 -22.86
C CYS C 331 -0.43 -24.40 -22.69
N LYS C 332 -0.64 -25.16 -23.77
CA LYS C 332 -1.47 -26.35 -23.68
C LYS C 332 -0.76 -27.48 -22.96
N LYS C 333 0.56 -27.52 -23.03
CA LYS C 333 1.31 -28.63 -22.43
C LYS C 333 1.38 -28.51 -20.91
N PHE C 334 1.52 -27.28 -20.40
CA PHE C 334 1.68 -27.05 -18.97
C PHE C 334 0.39 -26.60 -18.30
N SER C 335 -0.71 -26.45 -19.04
CA SER C 335 -2.01 -26.10 -18.47
C SER C 335 -1.92 -24.84 -17.62
N ILE C 336 -1.23 -23.83 -18.13
CA ILE C 336 -1.10 -22.55 -17.43
C ILE C 336 -2.36 -21.72 -17.67
N GLU C 337 -2.63 -20.82 -16.73
CA GLU C 337 -3.77 -19.92 -16.82
C GLU C 337 -3.45 -18.65 -16.04
N PRO C 338 -3.94 -17.48 -16.50
CA PRO C 338 -4.76 -17.26 -17.69
C PRO C 338 -3.95 -17.39 -18.98
N ARG C 339 -4.64 -17.65 -20.10
CA ARG C 339 -3.96 -17.90 -21.36
C ARG C 339 -3.42 -16.62 -22.00
N ALA C 340 -3.91 -15.45 -21.60
CA ALA C 340 -3.41 -14.21 -22.17
C ALA C 340 -1.99 -13.96 -21.67
N PRO C 341 -1.01 -13.77 -22.58
CA PRO C 341 0.38 -13.61 -22.10
C PRO C 341 0.61 -12.33 -21.33
N GLU C 342 0.09 -11.20 -21.83
CA GLU C 342 0.30 -9.93 -21.14
C GLU C 342 -0.34 -9.95 -19.75
N PHE C 343 -1.54 -10.52 -19.64
CA PHE C 343 -2.24 -10.58 -18.37
C PHE C 343 -1.79 -11.75 -17.51
N TYR C 344 -0.94 -12.64 -18.02
CA TYR C 344 -0.42 -13.76 -17.25
C TYR C 344 0.97 -13.49 -16.70
N PHE C 345 1.90 -13.03 -17.55
CA PHE C 345 3.25 -12.74 -17.08
C PHE C 345 3.26 -11.63 -16.05
N SER C 346 2.29 -10.70 -16.13
CA SER C 346 2.21 -9.59 -15.18
C SER C 346 1.32 -9.95 -14.00
N GLN C 347 1.67 -11.06 -13.35
CA GLN C 347 0.98 -11.55 -12.17
C GLN C 347 1.98 -11.74 -11.05
N LYS C 348 1.66 -11.19 -9.87
CA LYS C 348 2.53 -11.33 -8.71
C LYS C 348 2.21 -12.56 -7.87
N ILE C 349 1.14 -13.29 -8.21
CA ILE C 349 0.88 -14.55 -7.53
C ILE C 349 2.02 -15.52 -7.84
N ASP C 350 2.32 -16.38 -6.87
CA ASP C 350 3.41 -17.33 -7.03
C ASP C 350 3.17 -18.21 -8.26
N TYR C 351 4.00 -18.05 -9.29
CA TYR C 351 3.82 -18.79 -10.52
C TYR C 351 4.17 -20.27 -10.34
N LEU C 352 5.11 -20.57 -9.44
CA LEU C 352 5.47 -21.96 -9.12
C LEU C 352 4.71 -22.37 -7.86
N LYS C 353 3.44 -22.73 -8.06
CA LYS C 353 2.55 -23.11 -6.96
C LYS C 353 2.22 -24.59 -6.98
N ASP C 354 1.68 -25.11 -8.08
CA ASP C 354 1.28 -26.51 -8.18
C ASP C 354 1.67 -27.08 -9.53
N LYS C 355 2.88 -26.78 -9.98
CA LYS C 355 3.40 -27.28 -11.25
C LYS C 355 4.39 -28.40 -10.97
N VAL C 356 4.17 -29.55 -11.62
CA VAL C 356 4.97 -30.75 -11.38
C VAL C 356 5.84 -31.11 -12.56
N GLN C 357 5.77 -30.36 -13.66
CA GLN C 357 6.58 -30.68 -14.83
C GLN C 357 8.05 -30.44 -14.51
N PRO C 358 8.93 -31.42 -14.73
CA PRO C 358 10.33 -31.26 -14.31
C PRO C 358 11.03 -30.08 -14.95
N SER C 359 10.74 -29.79 -16.22
CA SER C 359 11.43 -28.76 -16.97
C SER C 359 10.59 -27.51 -17.16
N PHE C 360 9.70 -27.22 -16.21
CA PHE C 360 8.84 -26.05 -16.33
C PHE C 360 9.64 -24.76 -16.26
N VAL C 361 10.66 -24.72 -15.40
CA VAL C 361 11.39 -23.46 -15.17
C VAL C 361 12.10 -23.01 -16.44
N LYS C 362 12.82 -23.92 -17.09
CA LYS C 362 13.59 -23.55 -18.27
C LYS C 362 12.68 -23.09 -19.41
N GLU C 363 11.59 -23.83 -19.64
CA GLU C 363 10.67 -23.45 -20.71
C GLU C 363 10.02 -22.09 -20.42
N ARG C 364 9.64 -21.86 -19.16
CA ARG C 364 9.02 -20.58 -18.83
C ARG C 364 9.98 -19.41 -19.07
N ARG C 365 11.24 -19.57 -18.66
CA ARG C 365 12.21 -18.51 -18.85
C ARG C 365 12.43 -18.22 -20.34
N ALA C 366 12.57 -19.28 -21.14
CA ALA C 366 12.75 -19.09 -22.58
C ALA C 366 11.53 -18.44 -23.21
N MET C 367 10.33 -18.88 -22.82
CA MET C 367 9.12 -18.31 -23.42
C MET C 367 8.93 -16.86 -23.01
N LYS C 368 9.25 -16.52 -21.76
CA LYS C 368 9.13 -15.12 -21.33
C LYS C 368 10.02 -14.22 -22.17
N ARG C 369 11.24 -14.67 -22.45
CA ARG C 369 12.12 -13.90 -23.34
C ARG C 369 11.52 -13.78 -24.73
N ASP C 370 10.96 -14.87 -25.25
CA ASP C 370 10.35 -14.82 -26.57
C ASP C 370 9.16 -13.87 -26.59
N TYR C 371 8.34 -13.89 -25.55
CA TYR C 371 7.20 -12.98 -25.49
C TYR C 371 7.66 -11.53 -25.46
N GLU C 372 8.71 -11.23 -24.72
CA GLU C 372 9.20 -9.86 -24.66
C GLU C 372 9.68 -9.39 -26.03
N GLU C 373 10.36 -10.27 -26.77
CA GLU C 373 10.78 -9.92 -28.12
C GLU C 373 9.58 -9.66 -29.01
N TYR C 374 8.53 -10.48 -28.88
CA TYR C 374 7.31 -10.24 -29.66
C TYR C 374 6.69 -8.90 -29.30
N LYS C 375 6.74 -8.52 -28.03
CA LYS C 375 6.23 -7.21 -27.62
C LYS C 375 6.99 -6.09 -28.33
N VAL C 376 8.32 -6.24 -28.44
CA VAL C 376 9.12 -5.22 -29.10
C VAL C 376 8.71 -5.10 -30.57
N ARG C 377 8.56 -6.23 -31.25
CA ARG C 377 8.21 -6.20 -32.67
C ARG C 377 6.85 -5.55 -32.89
N VAL C 378 5.87 -5.88 -32.06
CA VAL C 378 4.55 -5.26 -32.20
C VAL C 378 4.64 -3.77 -31.96
N ASN C 379 5.41 -3.35 -30.95
CA ASN C 379 5.57 -1.93 -30.68
C ASN C 379 6.18 -1.21 -31.88
N ALA C 380 7.11 -1.86 -32.58
CA ALA C 380 7.69 -1.26 -33.78
C ALA C 380 6.63 -0.99 -34.84
N LEU C 381 5.73 -1.95 -35.05
CA LEU C 381 4.66 -1.76 -36.02
C LEU C 381 3.74 -0.61 -35.61
N VAL C 382 3.41 -0.53 -34.31
CA VAL C 382 2.52 0.52 -33.83
C VAL C 382 3.14 1.90 -34.07
N ALA C 383 4.42 2.04 -33.73
CA ALA C 383 5.10 3.31 -33.96
C ALA C 383 5.19 3.64 -35.44
N LYS C 384 5.48 2.63 -36.27
CA LYS C 384 5.60 2.87 -37.71
C LYS C 384 4.27 3.31 -38.30
N ALA C 385 3.17 2.71 -37.85
CA ALA C 385 1.86 3.02 -38.42
C ALA C 385 1.47 4.48 -38.22
N GLN C 386 2.06 5.16 -37.24
CA GLN C 386 1.70 6.55 -36.97
C GLN C 386 2.11 7.48 -38.11
N LYS C 387 3.02 7.04 -38.98
CA LYS C 387 3.47 7.84 -40.12
C LYS C 387 2.77 7.33 -41.38
N THR C 388 2.08 8.23 -42.07
CA THR C 388 1.30 7.87 -43.24
C THR C 388 2.00 8.35 -44.50
N PRO C 389 2.51 7.47 -45.36
CA PRO C 389 3.13 7.94 -46.61
C PRO C 389 2.09 8.52 -47.56
N ASP C 390 2.53 9.44 -48.41
CA ASP C 390 1.63 10.07 -49.36
C ASP C 390 1.08 9.06 -50.36
N GLU C 391 1.93 8.14 -50.84
CA GLU C 391 1.50 7.17 -51.82
C GLU C 391 0.59 6.09 -51.25
N GLY C 392 0.44 6.03 -49.93
CA GLY C 392 -0.41 5.05 -49.29
C GLY C 392 0.37 3.84 -48.81
N TRP C 393 -0.32 2.99 -48.05
CA TRP C 393 0.29 1.80 -47.48
C TRP C 393 0.66 0.80 -48.56
N THR C 394 1.76 0.08 -48.33
CA THR C 394 2.24 -0.95 -49.24
C THR C 394 2.57 -2.21 -48.46
N MET C 395 2.17 -3.36 -48.99
CA MET C 395 2.43 -4.63 -48.35
C MET C 395 3.86 -5.10 -48.62
N GLN C 396 4.29 -6.09 -47.84
CA GLN C 396 5.64 -6.63 -48.01
C GLN C 396 5.80 -7.24 -49.39
N ASP C 397 4.75 -7.88 -49.91
CA ASP C 397 4.81 -8.46 -51.24
C ASP C 397 4.96 -7.42 -52.34
N GLY C 398 4.63 -6.16 -52.04
CA GLY C 398 4.75 -5.09 -53.01
C GLY C 398 3.45 -4.81 -53.74
N THR C 399 2.35 -4.73 -52.98
CA THR C 399 1.04 -4.45 -53.54
C THR C 399 0.35 -3.38 -52.72
N PRO C 400 -0.32 -2.42 -53.35
CA PRO C 400 -1.01 -1.38 -52.57
C PRO C 400 -2.07 -1.99 -51.66
N TRP C 401 -2.21 -1.40 -50.49
CA TRP C 401 -3.19 -1.89 -49.52
C TRP C 401 -4.60 -1.61 -50.03
N PRO C 402 -5.47 -2.62 -50.18
CA PRO C 402 -6.84 -2.34 -50.64
C PRO C 402 -7.59 -1.38 -49.74
N GLY C 403 -7.34 -1.42 -48.44
CA GLY C 403 -8.04 -0.55 -47.50
C GLY C 403 -7.34 0.77 -47.28
N ASN C 404 -7.08 1.51 -48.36
CA ASN C 404 -6.44 2.82 -48.24
C ASN C 404 -7.43 3.86 -47.72
N ASN C 405 -8.53 4.06 -48.45
CA ASN C 405 -9.57 4.98 -48.04
C ASN C 405 -10.58 4.24 -47.17
N THR C 406 -10.78 4.73 -45.95
CA THR C 406 -11.70 4.04 -45.03
C THR C 406 -13.12 4.02 -45.58
N ARG C 407 -13.58 5.14 -46.14
CA ARG C 407 -14.94 5.21 -46.65
C ARG C 407 -15.15 4.25 -47.81
N ASP C 408 -14.18 4.17 -48.72
CA ASP C 408 -14.29 3.36 -49.93
C ASP C 408 -13.14 2.35 -49.95
N HIS C 409 -13.48 1.06 -49.90
CA HIS C 409 -12.48 0.00 -50.03
C HIS C 409 -13.19 -1.35 -50.17
N PRO C 410 -12.65 -2.25 -51.00
CA PRO C 410 -13.28 -3.57 -51.14
C PRO C 410 -13.09 -4.43 -49.90
N GLY C 411 -13.97 -5.41 -49.75
CA GLY C 411 -13.86 -6.36 -48.65
C GLY C 411 -12.81 -7.42 -48.94
N MET C 412 -12.03 -7.74 -47.91
CA MET C 412 -10.95 -8.71 -48.02
C MET C 412 -11.08 -9.75 -46.91
N ILE C 413 -10.82 -11.01 -47.25
CA ILE C 413 -10.86 -12.12 -46.32
C ILE C 413 -9.52 -12.84 -46.38
N GLN C 414 -8.95 -13.13 -45.21
CA GLN C 414 -7.67 -13.80 -45.11
C GLN C 414 -7.75 -14.92 -44.08
N VAL C 415 -6.89 -15.92 -44.24
CA VAL C 415 -6.87 -17.11 -43.39
C VAL C 415 -5.48 -17.26 -42.81
N PHE C 416 -5.40 -17.49 -41.51
CA PHE C 416 -4.13 -17.68 -40.82
C PHE C 416 -4.25 -18.84 -39.85
N LEU C 417 -3.12 -19.54 -39.66
CA LEU C 417 -3.03 -20.63 -38.68
C LEU C 417 -4.09 -21.69 -38.91
N GLY C 418 -4.49 -21.88 -40.18
CA GLY C 418 -5.44 -22.90 -40.53
C GLY C 418 -4.77 -24.16 -41.03
N ASN C 419 -5.60 -25.15 -41.40
CA ASN C 419 -5.07 -26.37 -41.98
C ASN C 419 -4.28 -26.08 -43.26
N THR C 420 -4.69 -25.07 -44.01
CA THR C 420 -3.96 -24.69 -45.22
C THR C 420 -2.68 -23.92 -44.89
N GLY C 421 -2.65 -23.22 -43.76
CA GLY C 421 -1.53 -22.37 -43.44
C GLY C 421 -0.45 -23.04 -42.60
N ALA C 422 0.08 -22.31 -41.63
CA ALA C 422 1.20 -22.80 -40.84
C ALA C 422 0.72 -23.86 -39.84
N ARG C 423 1.70 -24.53 -39.22
CA ARG C 423 1.45 -25.57 -38.24
C ARG C 423 2.36 -25.35 -37.04
N ASP C 424 2.05 -26.05 -35.95
CA ASP C 424 2.80 -25.89 -34.72
C ASP C 424 4.20 -26.48 -34.86
N ILE C 425 5.08 -26.11 -33.92
CA ILE C 425 6.45 -26.62 -33.94
C ILE C 425 6.45 -28.14 -33.83
N GLU C 426 5.65 -28.68 -32.91
CA GLU C 426 5.56 -30.12 -32.75
C GLU C 426 4.91 -30.81 -33.94
N GLY C 427 4.31 -30.06 -34.86
CA GLY C 427 3.64 -30.61 -36.02
C GLY C 427 2.13 -30.63 -35.92
N ASN C 428 1.56 -30.41 -34.74
CA ASN C 428 0.11 -30.37 -34.60
C ASN C 428 -0.45 -29.09 -35.22
N GLU C 429 -1.66 -29.19 -35.73
CA GLU C 429 -2.33 -28.04 -36.33
C GLU C 429 -2.88 -27.12 -35.25
N LEU C 430 -3.18 -25.89 -35.65
CA LEU C 430 -3.73 -24.86 -34.79
C LEU C 430 -5.08 -24.40 -35.30
N PRO C 431 -5.92 -23.85 -34.44
CA PRO C 431 -7.24 -23.38 -34.91
C PRO C 431 -7.09 -22.32 -36.00
N ARG C 432 -7.97 -22.40 -37.00
CA ARG C 432 -7.94 -21.43 -38.09
C ARG C 432 -8.39 -20.07 -37.60
N LEU C 433 -7.70 -19.03 -38.08
CA LEU C 433 -8.06 -17.64 -37.78
C LEU C 433 -8.39 -16.95 -39.09
N VAL C 434 -9.59 -16.35 -39.17
CA VAL C 434 -10.08 -15.71 -40.38
C VAL C 434 -10.18 -14.22 -40.10
N TYR C 435 -9.54 -13.41 -40.95
CA TYR C 435 -9.53 -11.96 -40.84
C TYR C 435 -10.44 -11.41 -41.94
N VAL C 436 -11.54 -10.79 -41.54
CA VAL C 436 -12.56 -10.29 -42.46
C VAL C 436 -12.70 -8.79 -42.28
N SER C 437 -12.64 -8.05 -43.39
CA SER C 437 -12.94 -6.63 -43.42
C SER C 437 -14.06 -6.40 -44.43
N ARG C 438 -15.10 -5.71 -44.00
CA ARG C 438 -16.26 -5.52 -44.85
C ARG C 438 -15.97 -4.54 -45.97
N GLU C 439 -16.87 -4.51 -46.95
CA GLU C 439 -16.80 -3.59 -48.08
C GLU C 439 -17.71 -2.40 -47.79
N LYS C 440 -17.13 -1.20 -47.77
CA LYS C 440 -17.87 0.02 -47.49
C LYS C 440 -17.69 0.99 -48.65
N ARG C 441 -18.76 1.68 -49.00
CA ARG C 441 -18.75 2.65 -50.09
C ARG C 441 -19.44 3.93 -49.64
N PRO C 442 -19.08 5.08 -50.22
CA PRO C 442 -19.76 6.32 -49.86
C PRO C 442 -21.23 6.27 -50.26
N GLY C 443 -22.08 6.89 -49.44
CA GLY C 443 -23.50 6.87 -49.67
C GLY C 443 -24.21 5.62 -49.23
N TYR C 444 -23.49 4.66 -48.65
CA TYR C 444 -24.07 3.41 -48.16
C TYR C 444 -24.12 3.46 -46.65
N GLN C 445 -25.29 3.16 -46.09
CA GLN C 445 -25.48 3.19 -44.64
C GLN C 445 -24.92 1.92 -44.03
N HIS C 446 -23.95 2.07 -43.12
CA HIS C 446 -23.35 0.96 -42.40
C HIS C 446 -23.54 1.17 -40.91
N HIS C 447 -23.93 0.11 -40.21
CA HIS C 447 -24.14 0.18 -38.78
C HIS C 447 -22.81 -0.02 -38.04
N LYS C 448 -22.75 0.54 -36.83
CA LYS C 448 -21.50 0.53 -36.08
C LYS C 448 -21.02 -0.90 -35.83
N LYS C 449 -21.81 -1.68 -35.09
CA LYS C 449 -21.45 -3.04 -34.73
C LYS C 449 -22.46 -4.08 -35.18
N ALA C 450 -23.72 -3.69 -35.41
CA ALA C 450 -24.71 -4.65 -35.87
C ALA C 450 -24.33 -5.22 -37.23
N GLY C 451 -23.87 -4.37 -38.14
CA GLY C 451 -23.50 -4.82 -39.47
C GLY C 451 -22.17 -5.54 -39.55
N ALA C 452 -21.38 -5.49 -38.49
CA ALA C 452 -20.12 -6.22 -38.46
C ALA C 452 -20.31 -7.62 -37.90
N GLU C 453 -20.99 -7.73 -36.76
CA GLU C 453 -21.29 -9.05 -36.20
C GLU C 453 -22.23 -9.83 -37.12
N ASN C 454 -23.23 -9.16 -37.69
CA ASN C 454 -24.10 -9.83 -38.66
C ASN C 454 -23.32 -10.31 -39.86
N ALA C 455 -22.41 -9.48 -40.37
CA ALA C 455 -21.56 -9.91 -41.48
C ALA C 455 -20.70 -11.09 -41.08
N LEU C 456 -20.19 -11.09 -39.85
CA LEU C 456 -19.41 -12.23 -39.37
C LEU C 456 -20.25 -13.50 -39.36
N VAL C 457 -21.52 -13.39 -38.97
CA VAL C 457 -22.40 -14.56 -38.98
C VAL C 457 -22.57 -15.09 -40.40
N ARG C 458 -22.79 -14.18 -41.36
CA ARG C 458 -22.99 -14.60 -42.74
C ARG C 458 -21.74 -15.26 -43.31
N VAL C 459 -20.58 -14.65 -43.10
CA VAL C 459 -19.35 -15.17 -43.68
C VAL C 459 -18.96 -16.48 -43.02
N SER C 460 -19.17 -16.61 -41.71
CA SER C 460 -18.80 -17.83 -41.01
C SER C 460 -19.58 -19.02 -41.53
N ALA C 461 -20.85 -18.81 -41.91
CA ALA C 461 -21.66 -19.90 -42.42
C ALA C 461 -21.08 -20.50 -43.69
N VAL C 462 -20.32 -19.71 -44.45
CA VAL C 462 -19.77 -20.20 -45.71
C VAL C 462 -18.46 -20.95 -45.46
N LEU C 463 -17.56 -20.37 -44.66
CA LEU C 463 -16.26 -20.98 -44.43
C LEU C 463 -16.37 -22.20 -43.52
N THR C 464 -16.83 -21.99 -42.29
CA THR C 464 -16.97 -23.07 -41.31
C THR C 464 -18.31 -22.86 -40.60
N ASN C 465 -19.32 -23.62 -41.02
CA ASN C 465 -20.65 -23.51 -40.44
C ASN C 465 -20.65 -24.16 -39.06
N ALA C 466 -20.56 -23.33 -38.01
CA ALA C 466 -20.57 -23.82 -36.64
C ALA C 466 -21.94 -23.60 -36.02
N PRO C 467 -22.57 -24.61 -35.42
CA PRO C 467 -23.90 -24.39 -34.83
C PRO C 467 -23.90 -23.37 -33.71
N TYR C 468 -22.76 -23.13 -33.06
CA TYR C 468 -22.69 -22.24 -31.91
C TYR C 468 -21.68 -21.13 -32.19
N ILE C 469 -22.07 -19.90 -31.84
CA ILE C 469 -21.25 -18.72 -32.06
C ILE C 469 -20.99 -18.05 -30.72
N LEU C 470 -19.73 -17.82 -30.41
CA LEU C 470 -19.31 -17.18 -29.16
C LEU C 470 -18.83 -15.77 -29.48
N ASN C 471 -19.57 -14.77 -28.99
CA ASN C 471 -19.23 -13.38 -29.24
C ASN C 471 -18.38 -12.83 -28.10
N LEU C 472 -17.46 -11.93 -28.46
CA LEU C 472 -16.55 -11.34 -27.49
C LEU C 472 -16.16 -9.93 -27.94
N ASP C 473 -15.46 -9.24 -27.06
CA ASP C 473 -14.95 -7.89 -27.32
C ASP C 473 -13.45 -7.89 -27.19
N CYS C 474 -12.83 -6.80 -27.68
CA CYS C 474 -11.37 -6.70 -27.65
C CYS C 474 -10.84 -6.71 -26.22
N ASP C 475 -11.48 -5.95 -25.33
CA ASP C 475 -10.97 -5.83 -23.96
C ASP C 475 -11.05 -7.16 -23.23
N HIS C 476 -12.16 -7.88 -23.38
CA HIS C 476 -12.38 -9.11 -22.63
C HIS C 476 -11.64 -10.27 -23.28
N TYR C 477 -11.03 -11.11 -22.45
CA TYR C 477 -10.32 -12.30 -22.88
C TYR C 477 -10.81 -13.49 -22.08
N VAL C 478 -10.41 -14.68 -22.52
CA VAL C 478 -10.80 -15.92 -21.84
C VAL C 478 -9.86 -16.13 -20.65
N ASN C 479 -10.44 -16.18 -19.45
CA ASN C 479 -9.64 -16.36 -18.25
C ASN C 479 -9.17 -17.81 -18.11
N ASN C 480 -10.11 -18.74 -18.01
CA ASN C 480 -9.80 -20.16 -17.90
C ASN C 480 -10.20 -20.88 -19.18
N SER C 481 -9.43 -21.92 -19.51
CA SER C 481 -9.70 -22.68 -20.73
C SER C 481 -10.74 -23.76 -20.47
N LYS C 482 -11.87 -23.36 -19.90
CA LYS C 482 -12.99 -24.29 -19.68
C LYS C 482 -14.34 -23.68 -20.02
N ALA C 483 -14.40 -22.41 -20.43
CA ALA C 483 -15.69 -21.80 -20.75
C ALA C 483 -16.34 -22.50 -21.94
N VAL C 484 -15.56 -22.82 -22.97
CA VAL C 484 -16.13 -23.49 -24.13
C VAL C 484 -16.65 -24.87 -23.73
N ARG C 485 -15.86 -25.62 -22.97
CA ARG C 485 -16.32 -26.93 -22.48
C ARG C 485 -17.54 -26.76 -21.59
N GLU C 486 -17.51 -25.78 -20.70
CA GLU C 486 -18.65 -25.57 -19.80
C GLU C 486 -19.89 -25.17 -20.57
N ALA C 487 -19.71 -24.38 -21.65
CA ALA C 487 -20.85 -24.02 -22.49
C ALA C 487 -21.42 -25.26 -23.18
N MET C 488 -20.55 -26.15 -23.67
CA MET C 488 -21.04 -27.37 -24.31
C MET C 488 -21.91 -28.18 -23.38
N CYS C 489 -21.51 -28.28 -22.10
CA CYS C 489 -22.27 -29.08 -21.15
C CYS C 489 -23.70 -28.58 -21.02
N ILE C 490 -23.87 -27.26 -20.96
CA ILE C 490 -25.22 -26.69 -20.84
C ILE C 490 -26.03 -26.97 -22.10
N LEU C 491 -25.40 -26.82 -23.27
CA LEU C 491 -26.11 -26.87 -24.55
C LEU C 491 -26.17 -28.27 -25.15
N MET C 492 -25.53 -29.27 -24.54
CA MET C 492 -25.46 -30.60 -25.12
C MET C 492 -26.51 -31.57 -24.57
N ASP C 493 -27.07 -31.28 -23.40
CA ASP C 493 -28.05 -32.19 -22.81
C ASP C 493 -29.32 -32.21 -23.66
N PRO C 494 -29.81 -33.38 -24.06
CA PRO C 494 -31.09 -33.40 -24.79
C PRO C 494 -32.22 -32.72 -24.04
N GLN C 495 -32.20 -32.75 -22.70
CA GLN C 495 -33.28 -32.18 -21.90
C GLN C 495 -33.10 -30.69 -21.69
N VAL C 496 -31.96 -30.29 -21.13
CA VAL C 496 -31.71 -28.88 -20.80
C VAL C 496 -30.81 -28.22 -21.85
N GLY C 497 -30.71 -28.80 -23.05
CA GLY C 497 -29.92 -28.21 -24.11
C GLY C 497 -30.71 -28.02 -25.40
N ARG C 498 -31.99 -28.37 -25.37
CA ARG C 498 -32.82 -28.25 -26.56
C ARG C 498 -33.35 -26.84 -26.74
N ASP C 499 -33.97 -26.29 -25.70
CA ASP C 499 -34.62 -24.98 -25.78
C ASP C 499 -33.63 -23.84 -25.55
N VAL C 500 -32.41 -24.12 -25.10
CA VAL C 500 -31.46 -23.06 -24.79
C VAL C 500 -31.06 -22.34 -26.07
N CYS C 501 -30.95 -21.01 -25.98
CA CYS C 501 -30.53 -20.18 -27.10
C CYS C 501 -29.14 -19.57 -26.91
N TYR C 502 -28.84 -19.08 -25.71
CA TYR C 502 -27.50 -18.58 -25.42
C TYR C 502 -27.23 -18.74 -23.93
N VAL C 503 -25.95 -18.95 -23.59
CA VAL C 503 -25.54 -19.12 -22.21
C VAL C 503 -24.75 -17.89 -21.77
N GLN C 504 -25.45 -16.94 -21.15
CA GLN C 504 -24.81 -15.71 -20.70
C GLN C 504 -23.80 -16.01 -19.60
N PHE C 505 -22.66 -15.34 -19.65
CA PHE C 505 -21.61 -15.49 -18.65
C PHE C 505 -21.42 -14.18 -17.90
N PRO C 506 -20.97 -14.23 -16.65
CA PRO C 506 -20.73 -12.99 -15.89
C PRO C 506 -19.43 -12.34 -16.33
N GLN C 507 -19.52 -11.10 -16.80
CA GLN C 507 -18.35 -10.34 -17.24
C GLN C 507 -17.73 -9.67 -16.02
N ARG C 508 -16.62 -10.21 -15.54
CA ARG C 508 -15.90 -9.68 -14.40
C ARG C 508 -14.73 -8.84 -14.87
N PHE C 509 -14.37 -7.85 -14.06
CA PHE C 509 -13.31 -6.90 -14.39
C PHE C 509 -12.15 -7.06 -13.42
N ASP C 510 -11.02 -6.45 -13.79
CA ASP C 510 -9.78 -6.54 -13.03
C ASP C 510 -9.22 -5.13 -12.82
N GLY C 511 -8.07 -5.07 -12.14
CA GLY C 511 -7.40 -3.81 -11.89
C GLY C 511 -8.24 -2.85 -11.06
N ILE C 512 -8.80 -3.36 -9.96
CA ILE C 512 -9.69 -2.59 -9.10
C ILE C 512 -8.96 -2.31 -7.78
N ASP C 513 -9.00 -1.05 -7.36
CA ASP C 513 -8.35 -0.64 -6.13
C ASP C 513 -9.23 -0.97 -4.93
N ARG C 514 -8.66 -0.85 -3.73
CA ARG C 514 -9.42 -1.10 -2.51
C ARG C 514 -10.62 -0.16 -2.40
N SER C 515 -10.42 1.12 -2.71
CA SER C 515 -11.50 2.11 -2.69
C SER C 515 -12.12 2.15 -4.09
N ASP C 516 -13.17 1.34 -4.27
CA ASP C 516 -13.87 1.26 -5.56
C ASP C 516 -15.00 2.28 -5.61
N ARG C 517 -14.63 3.54 -5.39
CA ARG C 517 -15.62 4.61 -5.33
C ARG C 517 -16.45 4.69 -6.60
N TYR C 518 -15.85 4.40 -7.76
CA TYR C 518 -16.58 4.47 -9.01
C TYR C 518 -17.66 3.39 -9.11
N ALA C 519 -17.57 2.33 -8.29
CA ALA C 519 -18.55 1.25 -8.33
C ALA C 519 -18.65 0.63 -9.72
N ASN C 520 -17.53 0.56 -10.43
CA ASN C 520 -17.51 0.02 -11.78
C ASN C 520 -17.78 -1.48 -11.81
N ARG C 521 -17.69 -2.16 -10.66
CA ARG C 521 -17.95 -3.60 -10.63
C ARG C 521 -19.38 -3.91 -11.04
N ASN C 522 -20.35 -3.27 -10.40
CA ASN C 522 -21.77 -3.51 -10.66
C ASN C 522 -22.07 -5.00 -10.65
N ILE C 523 -21.61 -5.67 -9.60
CA ILE C 523 -21.80 -7.12 -9.48
C ILE C 523 -23.10 -7.49 -8.77
N VAL C 524 -23.70 -6.58 -8.01
CA VAL C 524 -24.99 -6.86 -7.40
C VAL C 524 -26.03 -7.13 -8.48
N PHE C 525 -26.02 -6.34 -9.55
CA PHE C 525 -26.89 -6.62 -10.69
C PHE C 525 -26.53 -7.95 -11.33
N PHE C 526 -25.23 -8.24 -11.45
CA PHE C 526 -24.80 -9.48 -12.09
C PHE C 526 -25.03 -10.70 -11.21
N ASP C 527 -25.19 -10.51 -9.90
CA ASP C 527 -25.35 -11.63 -8.97
C ASP C 527 -26.73 -11.65 -8.33
N VAL C 528 -27.14 -10.58 -7.66
CA VAL C 528 -28.43 -10.59 -6.97
C VAL C 528 -29.58 -10.60 -7.97
N ASN C 529 -29.51 -9.73 -8.98
CA ASN C 529 -30.59 -9.59 -9.94
C ASN C 529 -30.49 -10.60 -11.08
N MET C 530 -29.29 -10.79 -11.63
CA MET C 530 -29.15 -11.66 -12.80
C MET C 530 -29.55 -13.09 -12.47
N LYS C 531 -29.11 -13.60 -11.31
CA LYS C 531 -29.48 -14.95 -10.91
C LYS C 531 -30.98 -15.07 -10.66
N GLY C 532 -31.57 -14.04 -10.04
CA GLY C 532 -33.00 -14.09 -9.76
C GLY C 532 -33.82 -14.24 -11.02
N LEU C 533 -33.44 -13.54 -12.09
CA LEU C 533 -34.14 -13.65 -13.36
C LEU C 533 -33.87 -14.99 -14.03
N ASP C 534 -32.81 -15.69 -13.65
CA ASP C 534 -32.47 -16.96 -14.28
C ASP C 534 -33.59 -17.97 -14.13
N GLY C 535 -34.31 -17.93 -13.01
CA GLY C 535 -35.32 -18.96 -12.75
C GLY C 535 -36.44 -18.97 -13.76
N ILE C 536 -36.87 -17.78 -14.21
CA ILE C 536 -38.07 -17.69 -15.02
C ILE C 536 -37.77 -17.95 -16.48
N GLN C 537 -36.93 -17.10 -17.09
CA GLN C 537 -36.67 -17.19 -18.52
C GLN C 537 -35.20 -16.98 -18.88
N GLY C 538 -34.32 -16.80 -17.90
CA GLY C 538 -32.91 -16.59 -18.19
C GLY C 538 -32.56 -15.12 -18.29
N PRO C 539 -31.27 -14.82 -18.36
CA PRO C 539 -30.81 -13.44 -18.35
C PRO C 539 -31.02 -12.77 -19.70
N MET C 540 -30.54 -11.53 -19.80
CA MET C 540 -30.63 -10.73 -21.02
C MET C 540 -29.25 -10.57 -21.62
N TYR C 541 -29.18 -10.58 -22.96
CA TYR C 541 -27.91 -10.39 -23.64
C TYR C 541 -27.32 -9.03 -23.27
N VAL C 542 -26.04 -9.02 -22.92
CA VAL C 542 -25.37 -7.80 -22.50
C VAL C 542 -24.33 -7.33 -23.51
N GLY C 543 -23.73 -8.23 -24.29
CA GLY C 543 -22.81 -7.83 -25.33
C GLY C 543 -21.46 -8.52 -25.26
N THR C 544 -21.29 -9.46 -24.34
CA THR C 544 -20.02 -10.15 -24.19
C THR C 544 -20.26 -11.50 -23.50
N GLY C 545 -19.47 -12.49 -23.90
CA GLY C 545 -19.54 -13.80 -23.28
C GLY C 545 -20.88 -14.48 -23.41
N CYS C 546 -21.26 -14.82 -24.64
CA CYS C 546 -22.52 -15.53 -24.89
C CYS C 546 -22.33 -16.47 -26.06
N VAL C 547 -22.74 -17.73 -25.88
CA VAL C 547 -22.64 -18.75 -26.92
C VAL C 547 -24.00 -18.84 -27.57
N PHE C 548 -24.23 -18.03 -28.60
CA PHE C 548 -25.50 -18.04 -29.29
C PHE C 548 -25.66 -19.29 -30.15
N ASN C 549 -26.90 -19.75 -30.28
CA ASN C 549 -27.22 -20.84 -31.18
C ASN C 549 -27.39 -20.30 -32.59
N ARG C 550 -26.72 -20.94 -33.56
CA ARG C 550 -26.73 -20.42 -34.92
C ARG C 550 -28.14 -20.35 -35.49
N GLN C 551 -28.93 -21.41 -35.28
CA GLN C 551 -30.31 -21.39 -35.76
C GLN C 551 -31.12 -20.32 -35.06
N ALA C 552 -30.90 -20.12 -33.77
CA ALA C 552 -31.63 -19.08 -33.04
C ALA C 552 -31.33 -17.70 -33.60
N LEU C 553 -30.06 -17.43 -33.94
CA LEU C 553 -29.71 -16.13 -34.50
C LEU C 553 -30.42 -15.90 -35.82
N TYR C 554 -30.46 -16.91 -36.69
CA TYR C 554 -31.18 -16.77 -37.94
C TYR C 554 -32.67 -16.58 -37.70
N GLY C 555 -33.22 -17.30 -36.73
CA GLY C 555 -34.62 -17.15 -36.36
C GLY C 555 -35.48 -18.29 -36.90
N TYR C 556 -35.75 -19.27 -36.05
CA TYR C 556 -36.61 -20.38 -36.41
C TYR C 556 -37.59 -20.78 -35.31
N GLY C 557 -37.43 -20.30 -34.09
CA GLY C 557 -38.23 -20.74 -32.98
C GLY C 557 -37.65 -21.99 -32.36
N PRO C 558 -38.02 -22.28 -31.11
CA PRO C 558 -37.47 -23.47 -30.44
C PRO C 558 -37.84 -24.74 -31.19
N PRO C 559 -36.91 -25.69 -31.30
CA PRO C 559 -37.26 -26.96 -31.95
C PRO C 559 -38.36 -27.68 -31.17
N SER C 560 -39.25 -28.33 -31.89
CA SER C 560 -40.42 -28.98 -31.30
C SER C 560 -41.20 -27.98 -30.45
N MET C 561 -41.64 -26.90 -31.10
CA MET C 561 -42.30 -25.82 -30.41
C MET C 561 -43.65 -26.28 -29.87
N PRO C 562 -44.15 -25.61 -28.82
CA PRO C 562 -43.47 -24.48 -28.20
C PRO C 562 -42.44 -24.90 -27.16
N SER C 623 -40.82 -21.61 -48.83
CA SER C 623 -40.52 -21.76 -50.24
C SER C 623 -39.12 -21.24 -50.56
N GLN C 624 -38.60 -21.60 -51.73
CA GLN C 624 -37.26 -21.15 -52.11
C GLN C 624 -37.21 -19.63 -52.23
N LEU C 625 -38.23 -19.04 -52.85
CA LEU C 625 -38.26 -17.58 -52.98
C LEU C 625 -38.36 -16.92 -51.61
N SER C 626 -39.15 -17.51 -50.70
CA SER C 626 -39.25 -16.96 -49.35
C SER C 626 -37.89 -16.97 -48.66
N PHE C 627 -37.12 -18.05 -48.84
CA PHE C 627 -35.77 -18.09 -48.28
C PHE C 627 -34.91 -16.99 -48.86
N GLU C 628 -35.02 -16.74 -50.17
CA GLU C 628 -34.25 -15.67 -50.80
C GLU C 628 -34.58 -14.32 -50.19
N LYS C 629 -35.88 -14.05 -49.98
CA LYS C 629 -36.29 -12.77 -49.42
C LYS C 629 -35.76 -12.58 -48.01
N THR C 630 -35.84 -13.63 -47.18
CA THR C 630 -35.53 -13.50 -45.76
C THR C 630 -34.05 -13.65 -45.46
N PHE C 631 -33.36 -14.58 -46.13
CA PHE C 631 -31.96 -14.84 -45.83
C PHE C 631 -31.02 -14.03 -46.71
N GLY C 632 -31.33 -13.90 -47.99
CA GLY C 632 -30.49 -13.13 -48.90
C GLY C 632 -30.52 -13.72 -50.30
N LEU C 633 -29.91 -12.99 -51.22
CA LEU C 633 -29.86 -13.42 -52.62
C LEU C 633 -28.89 -14.56 -52.84
N SER C 634 -27.83 -14.64 -52.03
CA SER C 634 -26.83 -15.67 -52.24
C SER C 634 -27.45 -17.06 -52.02
N PRO C 635 -27.31 -17.99 -52.97
CA PRO C 635 -27.89 -19.32 -52.77
C PRO C 635 -27.01 -20.23 -51.92
N VAL C 636 -25.70 -19.99 -51.95
CA VAL C 636 -24.78 -20.82 -51.18
C VAL C 636 -25.06 -20.69 -49.69
N PHE C 637 -25.28 -19.47 -49.22
CA PHE C 637 -25.60 -19.28 -47.80
C PHE C 637 -26.90 -19.96 -47.43
N ILE C 638 -27.92 -19.86 -48.30
CA ILE C 638 -29.20 -20.50 -48.03
C ILE C 638 -29.02 -22.01 -47.91
N GLU C 639 -28.24 -22.60 -48.82
CA GLU C 639 -27.98 -24.03 -48.75
C GLU C 639 -27.21 -24.38 -47.47
N SER C 640 -26.23 -23.57 -47.12
CA SER C 640 -25.42 -23.85 -45.94
C SER C 640 -26.25 -23.78 -44.66
N THR C 641 -27.10 -22.75 -44.54
CA THR C 641 -27.89 -22.60 -43.32
C THR C 641 -29.01 -23.63 -43.21
N LEU C 642 -29.35 -24.30 -44.30
CA LEU C 642 -30.41 -25.31 -44.26
C LEU C 642 -29.99 -26.55 -43.49
N MET C 643 -28.71 -26.71 -43.19
CA MET C 643 -28.20 -27.88 -42.48
C MET C 643 -28.29 -27.64 -40.98
N GLU C 644 -29.00 -28.52 -40.27
CA GLU C 644 -29.12 -28.37 -38.82
C GLU C 644 -27.81 -28.75 -38.13
N ASN C 645 -27.18 -29.85 -38.55
CA ASN C 645 -25.97 -30.31 -37.90
C ASN C 645 -24.83 -29.29 -38.06
N GLY C 646 -24.69 -28.73 -39.24
CA GLY C 646 -23.65 -27.76 -39.53
C GLY C 646 -22.60 -28.32 -40.47
N GLY C 647 -21.48 -27.60 -40.55
CA GLY C 647 -20.39 -27.99 -41.42
C GLY C 647 -20.58 -27.51 -42.84
N VAL C 648 -19.64 -27.89 -43.69
CA VAL C 648 -19.64 -27.52 -45.11
C VAL C 648 -20.06 -28.75 -45.90
N PRO C 649 -21.17 -28.69 -46.66
CA PRO C 649 -21.60 -29.89 -47.38
C PRO C 649 -20.72 -30.23 -48.56
N GLU C 650 -20.32 -29.23 -49.36
CA GLU C 650 -19.50 -29.51 -50.53
C GLU C 650 -18.16 -30.11 -50.13
N SER C 651 -17.52 -29.53 -49.12
CA SER C 651 -16.23 -30.02 -48.63
C SER C 651 -15.22 -30.14 -49.77
N ALA C 652 -15.25 -29.18 -50.68
CA ALA C 652 -14.34 -29.17 -51.81
C ALA C 652 -14.25 -27.76 -52.37
N ASN C 653 -13.21 -27.52 -53.16
CA ASN C 653 -12.97 -26.22 -53.78
C ASN C 653 -12.84 -25.13 -52.70
N SER C 654 -11.81 -25.28 -51.87
CA SER C 654 -11.59 -24.33 -50.79
C SER C 654 -11.36 -22.92 -51.33
N SER C 655 -10.60 -22.79 -52.42
CA SER C 655 -10.36 -21.48 -52.99
C SER C 655 -11.65 -20.83 -53.47
N THR C 656 -12.54 -21.62 -54.09
CA THR C 656 -13.80 -21.07 -54.56
C THR C 656 -14.66 -20.57 -53.40
N LEU C 657 -14.63 -21.29 -52.27
CA LEU C 657 -15.43 -20.89 -51.12
C LEU C 657 -15.02 -19.51 -50.61
N ILE C 658 -13.72 -19.20 -50.69
CA ILE C 658 -13.25 -17.89 -50.25
C ILE C 658 -13.89 -16.79 -51.09
N LYS C 659 -13.97 -16.99 -52.40
CA LYS C 659 -14.64 -16.02 -53.26
C LYS C 659 -16.10 -15.86 -52.85
N GLU C 660 -16.80 -16.99 -52.65
CA GLU C 660 -18.20 -16.91 -52.25
C GLU C 660 -18.35 -16.16 -50.94
N ALA C 661 -17.39 -16.31 -50.03
CA ALA C 661 -17.43 -15.54 -48.78
C ALA C 661 -17.34 -14.05 -49.06
N ILE C 662 -16.47 -13.65 -49.98
CA ILE C 662 -16.33 -12.24 -50.32
C ILE C 662 -17.65 -11.70 -50.88
N HIS C 663 -18.29 -12.45 -51.77
CA HIS C 663 -19.56 -12.01 -52.33
C HIS C 663 -20.63 -11.88 -51.26
N VAL C 664 -20.55 -12.68 -50.21
CA VAL C 664 -21.56 -12.63 -49.14
C VAL C 664 -21.40 -11.42 -48.25
N ILE C 665 -20.20 -10.84 -48.17
CA ILE C 665 -19.95 -9.68 -47.33
C ILE C 665 -20.07 -8.38 -48.14
N GLY C 666 -20.73 -8.42 -49.30
CA GLY C 666 -20.86 -7.23 -50.10
C GLY C 666 -21.67 -6.16 -49.40
N CYS C 667 -21.44 -4.91 -49.78
CA CYS C 667 -22.13 -3.79 -49.17
C CYS C 667 -23.64 -3.87 -49.41
N GLY C 668 -24.04 -4.25 -50.61
CA GLY C 668 -25.43 -4.29 -51.00
C GLY C 668 -26.16 -5.57 -50.67
N PHE C 669 -25.55 -6.47 -49.90
CA PHE C 669 -26.21 -7.73 -49.57
C PHE C 669 -27.49 -7.49 -48.77
N GLU C 670 -27.43 -6.57 -47.80
CA GLU C 670 -28.58 -6.27 -46.95
C GLU C 670 -29.23 -4.99 -47.48
N GLU C 671 -30.11 -5.15 -48.46
CA GLU C 671 -30.84 -4.04 -49.05
C GLU C 671 -32.34 -4.13 -48.77
N LYS C 672 -32.97 -5.24 -49.12
CA LYS C 672 -34.39 -5.45 -48.86
C LYS C 672 -34.65 -6.74 -48.09
N THR C 673 -33.60 -7.43 -47.65
CA THR C 673 -33.77 -8.64 -46.88
C THR C 673 -34.20 -8.32 -45.45
N GLU C 674 -34.49 -9.38 -44.69
CA GLU C 674 -34.86 -9.25 -43.28
C GLU C 674 -33.65 -9.33 -42.36
N TRP C 675 -32.46 -9.02 -42.86
CA TRP C 675 -31.25 -9.06 -42.05
C TRP C 675 -31.26 -7.90 -41.06
N GLY C 676 -31.16 -8.23 -39.76
CA GLY C 676 -31.14 -7.21 -38.74
C GLY C 676 -32.54 -6.75 -38.35
N LYS C 677 -33.40 -6.52 -39.34
CA LYS C 677 -34.75 -6.05 -39.05
C LYS C 677 -35.48 -7.04 -38.16
N GLU C 678 -35.46 -8.33 -38.52
CA GLU C 678 -36.14 -9.35 -37.72
C GLU C 678 -35.36 -10.65 -37.62
N ILE C 679 -34.09 -10.68 -38.03
CA ILE C 679 -33.34 -11.93 -38.05
C ILE C 679 -32.13 -11.84 -37.14
N GLY C 680 -31.19 -10.97 -37.47
CA GLY C 680 -29.91 -10.89 -36.77
C GLY C 680 -29.91 -9.85 -35.68
N TRP C 681 -28.73 -9.31 -35.41
CA TRP C 681 -28.60 -8.22 -34.44
C TRP C 681 -29.56 -7.10 -34.80
N ILE C 682 -30.54 -6.86 -33.93
CA ILE C 682 -31.60 -5.92 -34.25
C ILE C 682 -30.98 -4.55 -34.45
N TYR C 683 -31.16 -3.99 -35.65
CA TYR C 683 -30.61 -2.68 -35.95
C TYR C 683 -31.15 -1.64 -34.99
N GLY C 684 -30.25 -0.84 -34.44
CA GLY C 684 -30.64 0.22 -33.53
C GLY C 684 -29.66 1.36 -33.61
N SER C 685 -30.12 2.55 -33.24
CA SER C 685 -29.29 3.74 -33.35
C SER C 685 -28.04 3.61 -32.48
N VAL C 686 -28.20 3.22 -31.22
CA VAL C 686 -27.09 3.15 -30.28
C VAL C 686 -26.98 1.76 -29.66
N THR C 687 -28.01 1.34 -28.94
CA THR C 687 -27.97 0.12 -28.14
C THR C 687 -28.82 -0.96 -28.81
N GLU C 688 -28.25 -2.15 -28.98
CA GLU C 688 -28.97 -3.27 -29.56
C GLU C 688 -28.71 -4.60 -28.87
N ASP C 689 -27.84 -4.65 -27.86
CA ASP C 689 -27.54 -5.93 -27.21
C ASP C 689 -28.77 -6.46 -26.49
N ILE C 690 -29.45 -5.61 -25.71
CA ILE C 690 -30.65 -6.04 -25.00
C ILE C 690 -31.78 -6.32 -25.97
N LEU C 691 -31.92 -5.49 -27.00
CA LEU C 691 -33.06 -5.61 -27.91
C LEU C 691 -33.03 -6.94 -28.64
N SER C 692 -31.85 -7.38 -29.07
CA SER C 692 -31.76 -8.66 -29.77
C SER C 692 -32.19 -9.82 -28.88
N GLY C 693 -31.74 -9.82 -27.61
CA GLY C 693 -32.15 -10.87 -26.70
C GLY C 693 -33.65 -10.87 -26.45
N PHE C 694 -34.22 -9.68 -26.29
CA PHE C 694 -35.66 -9.58 -26.08
C PHE C 694 -36.43 -10.13 -27.27
N LYS C 695 -35.98 -9.81 -28.49
CA LYS C 695 -36.70 -10.25 -29.68
C LYS C 695 -36.75 -11.77 -29.78
N MET C 696 -35.62 -12.44 -29.54
CA MET C 696 -35.58 -13.89 -29.64
C MET C 696 -36.21 -14.59 -28.45
N HIS C 697 -36.27 -13.92 -27.30
CA HIS C 697 -36.98 -14.50 -26.16
C HIS C 697 -38.48 -14.52 -26.39
N CYS C 698 -39.02 -13.52 -27.11
CA CYS C 698 -40.44 -13.49 -27.42
C CYS C 698 -40.85 -14.64 -28.33
N ARG C 699 -39.90 -15.29 -28.99
CA ARG C 699 -40.19 -16.39 -29.90
C ARG C 699 -40.27 -17.74 -29.19
N GLY C 700 -40.10 -17.77 -27.88
CA GLY C 700 -40.16 -19.00 -27.12
C GLY C 700 -38.82 -19.57 -26.70
N TRP C 701 -37.72 -18.89 -27.02
CA TRP C 701 -36.41 -19.37 -26.63
C TRP C 701 -36.18 -19.18 -25.13
N ARG C 702 -35.19 -19.89 -24.61
CA ARG C 702 -34.79 -19.80 -23.21
C ARG C 702 -33.28 -19.66 -23.14
N SER C 703 -32.82 -18.89 -22.15
CA SER C 703 -31.39 -18.63 -21.95
C SER C 703 -30.97 -19.11 -20.57
N ILE C 704 -29.67 -19.38 -20.44
CA ILE C 704 -29.10 -19.90 -19.21
C ILE C 704 -28.07 -18.92 -18.69
N TYR C 705 -27.91 -18.90 -17.36
CA TYR C 705 -26.91 -18.08 -16.69
C TYR C 705 -26.02 -18.99 -15.87
N CYS C 706 -24.76 -19.14 -16.30
CA CYS C 706 -23.81 -20.04 -15.68
C CYS C 706 -22.69 -19.22 -15.06
N MET C 707 -22.37 -19.50 -13.80
CA MET C 707 -21.35 -18.78 -13.05
C MET C 707 -20.24 -19.74 -12.65
N PRO C 708 -19.12 -19.79 -13.38
CA PRO C 708 -18.03 -20.69 -12.99
C PRO C 708 -17.33 -20.17 -11.74
N VAL C 709 -16.58 -21.07 -11.09
CA VAL C 709 -15.81 -20.68 -9.92
C VAL C 709 -14.81 -19.58 -10.30
N ARG C 710 -14.11 -19.77 -11.41
CA ARG C 710 -13.31 -18.71 -11.99
C ARG C 710 -14.20 -17.81 -12.85
N PRO C 711 -13.84 -16.53 -13.01
CA PRO C 711 -14.66 -15.66 -13.85
C PRO C 711 -14.85 -16.21 -15.26
N ALA C 712 -13.80 -16.79 -15.83
CA ALA C 712 -13.84 -17.41 -17.15
C ALA C 712 -13.92 -16.37 -18.27
N PHE C 713 -14.11 -15.10 -17.91
CA PHE C 713 -14.09 -14.03 -18.90
C PHE C 713 -13.76 -12.73 -18.15
N LYS C 714 -12.50 -12.30 -18.24
CA LYS C 714 -12.02 -11.12 -17.55
C LYS C 714 -11.56 -10.10 -18.59
N GLY C 715 -11.90 -8.84 -18.35
CA GLY C 715 -11.55 -7.78 -19.27
C GLY C 715 -11.23 -6.49 -18.54
N SER C 716 -10.42 -5.67 -19.17
CA SER C 716 -10.06 -4.37 -18.59
C SER C 716 -11.28 -3.47 -18.55
N ALA C 717 -11.41 -2.71 -17.47
CA ALA C 717 -12.53 -1.81 -17.26
C ALA C 717 -12.07 -0.36 -17.30
N PRO C 718 -12.98 0.57 -17.62
CA PRO C 718 -12.61 1.99 -17.54
C PRO C 718 -12.14 2.36 -16.15
N ILE C 719 -11.11 3.20 -16.10
CA ILE C 719 -10.50 3.60 -14.83
C ILE C 719 -10.76 5.06 -14.49
N ASN C 720 -11.21 5.87 -15.44
CA ASN C 720 -11.52 7.27 -15.19
C ASN C 720 -13.04 7.44 -15.06
N LEU C 721 -13.47 8.67 -14.77
CA LEU C 721 -14.88 8.96 -14.57
C LEU C 721 -15.58 9.42 -15.82
N SER C 722 -14.87 10.12 -16.72
CA SER C 722 -15.53 10.64 -17.91
C SER C 722 -16.10 9.52 -18.77
N ASP C 723 -15.33 8.45 -18.97
CA ASP C 723 -15.83 7.33 -19.77
C ASP C 723 -17.00 6.65 -19.08
N ARG C 724 -16.92 6.46 -17.76
CA ARG C 724 -18.00 5.81 -17.03
C ARG C 724 -19.30 6.57 -17.15
N LEU C 725 -19.24 7.90 -17.00
CA LEU C 725 -20.45 8.71 -17.15
C LEU C 725 -20.99 8.63 -18.57
N HIS C 726 -20.10 8.65 -19.56
CA HIS C 726 -20.55 8.49 -20.94
C HIS C 726 -21.16 7.11 -21.16
N GLN C 727 -20.55 6.07 -20.58
CA GLN C 727 -21.04 4.71 -20.78
C GLN C 727 -22.45 4.55 -20.22
N VAL C 728 -22.69 5.06 -19.01
CA VAL C 728 -24.02 4.95 -18.42
C VAL C 728 -25.02 5.79 -19.19
N LEU C 729 -24.59 6.96 -19.67
CA LEU C 729 -25.47 7.78 -20.50
C LEU C 729 -25.85 7.05 -21.78
N ARG C 730 -24.88 6.36 -22.39
CA ARG C 730 -25.18 5.60 -23.60
C ARG C 730 -26.21 4.51 -23.32
N TRP C 731 -26.08 3.83 -22.18
CA TRP C 731 -27.08 2.82 -21.81
C TRP C 731 -28.45 3.45 -21.63
N ALA C 732 -28.52 4.59 -20.94
CA ALA C 732 -29.80 5.24 -20.72
C ALA C 732 -30.43 5.69 -22.03
N LEU C 733 -29.63 6.27 -22.92
CA LEU C 733 -30.15 6.71 -24.21
C LEU C 733 -30.71 5.54 -25.00
N GLY C 734 -30.00 4.42 -25.02
CA GLY C 734 -30.48 3.25 -25.74
C GLY C 734 -31.78 2.71 -25.17
N SER C 735 -31.89 2.66 -23.85
CA SER C 735 -33.11 2.18 -23.22
C SER C 735 -34.30 3.07 -23.56
N VAL C 736 -34.11 4.38 -23.53
CA VAL C 736 -35.18 5.30 -23.89
C VAL C 736 -35.57 5.12 -25.35
N GLU C 737 -34.57 4.96 -26.23
CA GLU C 737 -34.86 4.74 -27.64
C GLU C 737 -35.67 3.46 -27.85
N ILE C 738 -35.32 2.40 -27.11
CA ILE C 738 -36.06 1.15 -27.22
C ILE C 738 -37.51 1.37 -26.77
N PHE C 739 -37.69 2.13 -25.69
CA PHE C 739 -39.05 2.39 -25.19
C PHE C 739 -39.89 3.11 -26.23
N PHE C 740 -39.33 4.11 -26.90
CA PHE C 740 -40.07 4.90 -27.86
C PHE C 740 -40.13 4.25 -29.25
N SER C 741 -39.42 3.15 -29.46
CA SER C 741 -39.39 2.50 -30.77
C SER C 741 -40.55 1.52 -30.89
N ARG C 742 -40.60 0.81 -32.03
CA ARG C 742 -41.65 -0.16 -32.25
C ARG C 742 -41.58 -1.30 -31.23
N HIS C 743 -40.37 -1.74 -30.90
CA HIS C 743 -40.18 -2.86 -29.98
C HIS C 743 -40.31 -2.36 -28.53
N CYS C 744 -41.55 -2.03 -28.18
CA CYS C 744 -41.86 -1.57 -26.82
C CYS C 744 -42.54 -2.70 -26.07
N PRO C 745 -41.98 -3.18 -24.95
CA PRO C 745 -42.61 -4.32 -24.26
C PRO C 745 -44.05 -4.04 -23.84
N PHE C 746 -44.41 -2.78 -23.64
CA PHE C 746 -45.78 -2.46 -23.20
C PHE C 746 -46.81 -2.93 -24.20
N TRP C 747 -46.48 -2.90 -25.50
CA TRP C 747 -47.44 -3.31 -26.53
C TRP C 747 -46.76 -4.13 -27.63
N TYR C 748 -45.72 -4.89 -27.30
CA TYR C 748 -45.01 -5.72 -28.26
C TYR C 748 -44.92 -7.15 -27.73
N GLY C 749 -44.88 -8.09 -28.65
CA GLY C 749 -44.81 -9.50 -28.29
C GLY C 749 -46.04 -9.99 -27.55
N TYR C 750 -47.22 -9.56 -27.98
CA TYR C 750 -48.47 -9.93 -27.33
C TYR C 750 -49.30 -10.93 -28.15
N GLY C 751 -48.70 -11.52 -29.19
CA GLY C 751 -49.39 -12.50 -30.00
C GLY C 751 -48.76 -13.87 -29.89
N GLY C 752 -49.55 -14.87 -29.50
CA GLY C 752 -49.06 -16.22 -29.34
C GLY C 752 -48.38 -16.51 -28.03
N GLY C 753 -48.34 -15.54 -27.10
CA GLY C 753 -47.70 -15.79 -25.82
C GLY C 753 -46.21 -16.06 -26.00
N ARG C 754 -45.77 -17.19 -25.45
CA ARG C 754 -44.36 -17.60 -25.48
C ARG C 754 -43.45 -16.65 -24.72
N LEU C 755 -44.01 -15.84 -23.82
CA LEU C 755 -43.23 -14.94 -22.99
C LEU C 755 -43.86 -14.89 -21.60
N LYS C 756 -43.08 -15.27 -20.59
CA LYS C 756 -43.60 -15.30 -19.24
C LYS C 756 -44.01 -13.90 -18.78
N TRP C 757 -45.13 -13.83 -18.06
CA TRP C 757 -45.61 -12.54 -17.57
C TRP C 757 -44.57 -11.89 -16.65
N LEU C 758 -43.97 -12.67 -15.76
CA LEU C 758 -42.93 -12.12 -14.89
C LEU C 758 -41.72 -11.67 -15.69
N GLN C 759 -41.34 -12.44 -16.70
CA GLN C 759 -40.20 -12.05 -17.54
C GLN C 759 -40.50 -10.74 -18.27
N ARG C 760 -41.71 -10.59 -18.79
CA ARG C 760 -42.09 -9.34 -19.42
C ARG C 760 -42.03 -8.19 -18.42
N LEU C 761 -42.46 -8.44 -17.18
CA LEU C 761 -42.35 -7.43 -16.14
C LEU C 761 -40.89 -7.05 -15.90
N ALA C 762 -40.00 -8.04 -15.92
CA ALA C 762 -38.57 -7.75 -15.77
C ALA C 762 -38.06 -6.89 -16.92
N TYR C 763 -38.48 -7.20 -18.16
CA TYR C 763 -38.08 -6.38 -19.29
C TYR C 763 -38.57 -4.95 -19.14
N ILE C 764 -39.83 -4.77 -18.72
CA ILE C 764 -40.36 -3.43 -18.54
C ILE C 764 -39.50 -2.66 -17.54
N ASN C 765 -39.05 -3.32 -16.48
CA ASN C 765 -38.18 -2.68 -15.51
C ASN C 765 -36.88 -2.21 -16.17
N THR C 766 -36.29 -3.05 -17.02
CA THR C 766 -35.02 -2.73 -17.63
C THR C 766 -35.13 -1.68 -18.74
N ILE C 767 -36.34 -1.45 -19.27
CA ILE C 767 -36.51 -0.49 -20.36
C ILE C 767 -36.86 0.90 -19.82
N VAL C 768 -37.72 0.98 -18.82
CA VAL C 768 -38.20 2.27 -18.33
C VAL C 768 -37.60 2.61 -16.97
N TYR C 769 -36.40 2.08 -16.69
CA TYR C 769 -35.72 2.44 -15.46
C TYR C 769 -35.21 3.89 -15.50
N PRO C 770 -34.73 4.42 -16.63
CA PRO C 770 -34.29 5.83 -16.61
C PRO C 770 -35.41 6.81 -16.30
N PHE C 771 -36.66 6.45 -16.61
CA PHE C 771 -37.77 7.35 -16.33
C PHE C 771 -37.93 7.63 -14.85
N THR C 772 -37.44 6.73 -13.98
CA THR C 772 -37.51 6.97 -12.54
C THR C 772 -36.71 8.19 -12.12
N SER C 773 -35.77 8.65 -12.97
CA SER C 773 -34.99 9.83 -12.64
C SER C 773 -35.86 11.07 -12.58
N LEU C 774 -36.82 11.19 -13.51
CA LEU C 774 -37.63 12.40 -13.57
C LEU C 774 -38.34 12.71 -12.25
N PRO C 775 -38.94 11.74 -11.55
CA PRO C 775 -39.45 12.04 -10.20
C PRO C 775 -38.35 12.10 -9.16
N LEU C 776 -37.25 11.38 -9.39
CA LEU C 776 -36.15 11.36 -8.41
C LEU C 776 -35.51 12.74 -8.28
N ILE C 777 -35.31 13.43 -9.41
CA ILE C 777 -34.70 14.75 -9.35
C ILE C 777 -35.56 15.69 -8.52
N ALA C 778 -36.88 15.65 -8.72
CA ALA C 778 -37.77 16.50 -7.95
C ALA C 778 -37.77 16.12 -6.47
N TYR C 779 -37.82 14.82 -6.16
CA TYR C 779 -37.96 14.39 -4.77
C TYR C 779 -36.77 14.86 -3.93
N CYS C 780 -35.56 14.69 -4.44
CA CYS C 780 -34.38 15.13 -3.69
C CYS C 780 -34.32 16.64 -3.54
N THR C 781 -35.02 17.38 -4.40
CA THR C 781 -35.13 18.83 -4.25
C THR C 781 -36.17 19.22 -3.19
N ILE C 782 -37.07 18.31 -2.84
CA ILE C 782 -38.12 18.65 -1.87
C ILE C 782 -37.55 19.08 -0.54
N PRO C 783 -36.63 18.34 0.09
CA PRO C 783 -36.15 18.77 1.41
C PRO C 783 -35.51 20.14 1.40
N ALA C 784 -34.87 20.55 0.30
CA ALA C 784 -34.27 21.88 0.24
C ALA C 784 -35.34 22.96 0.36
N VAL C 785 -36.46 22.80 -0.36
CA VAL C 785 -37.53 23.79 -0.30
C VAL C 785 -38.30 23.68 1.01
N CYS C 786 -38.62 22.45 1.43
CA CYS C 786 -39.39 22.25 2.65
C CYS C 786 -38.65 22.82 3.87
N LEU C 787 -37.32 22.83 3.84
CA LEU C 787 -36.55 23.31 4.97
C LEU C 787 -36.39 24.82 4.98
N LEU C 788 -36.69 25.50 3.88
CA LEU C 788 -36.56 26.96 3.78
C LEU C 788 -37.89 27.67 3.67
N THR C 789 -38.71 27.29 2.69
CA THR C 789 -39.98 27.97 2.44
C THR C 789 -41.12 27.32 3.23
N GLY C 790 -41.39 26.04 2.99
CA GLY C 790 -42.49 25.37 3.67
C GLY C 790 -42.26 25.28 5.17
N LYS C 791 -41.09 24.79 5.57
CA LYS C 791 -40.75 24.58 6.98
C LYS C 791 -41.63 23.51 7.62
N PHE C 792 -42.10 22.55 6.84
CA PHE C 792 -42.89 21.45 7.36
C PHE C 792 -42.72 20.24 6.45
N ILE C 793 -43.01 19.06 7.01
CA ILE C 793 -42.94 17.82 6.26
C ILE C 793 -44.30 17.12 6.31
N ILE C 794 -44.74 16.76 7.51
CA ILE C 794 -46.00 16.05 7.69
C ILE C 794 -46.32 16.00 9.18
N PRO C 795 -47.57 16.20 9.60
CA PRO C 795 -47.90 16.06 11.02
C PRO C 795 -47.64 14.65 11.51
N THR C 796 -47.22 14.55 12.77
CA THR C 796 -46.86 13.27 13.37
C THR C 796 -47.92 12.89 14.40
N LEU C 797 -48.47 11.69 14.24
CA LEU C 797 -49.44 11.13 15.18
C LEU C 797 -48.82 9.90 15.84
N SER C 798 -48.85 9.86 17.17
CA SER C 798 -48.17 8.79 17.90
C SER C 798 -48.81 7.44 17.60
N ASN C 799 -50.14 7.37 17.55
CA ASN C 799 -50.81 6.07 17.51
C ASN C 799 -50.52 5.33 16.21
N LEU C 800 -50.69 5.99 15.06
CA LEU C 800 -50.66 5.30 13.79
C LEU C 800 -49.59 5.81 12.84
N ALA C 801 -49.36 7.12 12.78
CA ALA C 801 -48.43 7.65 11.78
C ALA C 801 -47.02 7.15 12.02
N SER C 802 -46.50 7.33 13.22
CA SER C 802 -45.10 6.97 13.49
C SER C 802 -44.89 5.47 13.33
N MET C 803 -45.85 4.64 13.74
CA MET C 803 -45.72 3.21 13.56
C MET C 803 -45.59 2.85 12.08
N LEU C 804 -46.37 3.50 11.22
CA LEU C 804 -46.23 3.24 9.79
C LEU C 804 -44.86 3.68 9.27
N PHE C 805 -44.35 4.82 9.74
CA PHE C 805 -42.97 5.17 9.44
C PHE C 805 -42.02 4.12 9.99
N LEU C 806 -42.29 3.64 11.21
CA LEU C 806 -41.45 2.60 11.80
C LEU C 806 -41.48 1.33 10.96
N GLY C 807 -42.67 0.87 10.60
CA GLY C 807 -42.77 -0.38 9.86
C GLY C 807 -41.98 -0.35 8.57
N LEU C 808 -42.06 0.76 7.83
CA LEU C 808 -41.32 0.87 6.58
C LEU C 808 -39.81 0.91 6.84
N PHE C 809 -39.39 1.73 7.81
CA PHE C 809 -37.96 1.92 8.02
C PHE C 809 -37.26 0.63 8.42
N ILE C 810 -37.88 -0.15 9.31
CA ILE C 810 -37.26 -1.40 9.73
C ILE C 810 -37.46 -2.50 8.69
N SER C 811 -38.56 -2.44 7.92
CA SER C 811 -38.81 -3.46 6.92
C SER C 811 -37.78 -3.40 5.79
N ILE C 812 -37.40 -2.21 5.37
CA ILE C 812 -36.47 -2.08 4.24
C ILE C 812 -35.09 -2.60 4.63
N ILE C 813 -34.61 -2.28 5.84
CA ILE C 813 -33.27 -2.70 6.22
C ILE C 813 -33.21 -4.20 6.44
N VAL C 814 -34.23 -4.77 7.09
CA VAL C 814 -34.23 -6.21 7.31
C VAL C 814 -34.37 -6.95 5.97
N THR C 815 -35.15 -6.39 5.05
CA THR C 815 -35.26 -7.00 3.73
C THR C 815 -33.90 -7.03 3.02
N ALA C 816 -33.16 -5.93 3.08
CA ALA C 816 -31.85 -5.88 2.45
C ALA C 816 -30.90 -6.88 3.08
N VAL C 817 -30.89 -6.96 4.41
CA VAL C 817 -30.01 -7.90 5.10
C VAL C 817 -30.38 -9.33 4.72
N LEU C 818 -31.67 -9.64 4.73
CA LEU C 818 -32.12 -10.99 4.36
C LEU C 818 -31.77 -11.30 2.92
N GLU C 819 -32.00 -10.35 2.01
CA GLU C 819 -31.68 -10.57 0.60
C GLU C 819 -30.18 -10.79 0.41
N LEU C 820 -29.36 -10.01 1.10
CA LEU C 820 -27.91 -10.16 1.00
C LEU C 820 -27.43 -11.50 1.55
N ARG C 821 -28.21 -12.13 2.42
CA ARG C 821 -27.75 -13.36 3.07
C ARG C 821 -27.52 -14.48 2.05
N TRP C 822 -28.43 -14.62 1.09
CA TRP C 822 -28.37 -15.73 0.14
C TRP C 822 -27.57 -15.42 -1.11
N SER C 823 -27.05 -14.20 -1.25
CA SER C 823 -26.31 -13.80 -2.44
C SER C 823 -24.80 -13.65 -2.19
N GLY C 824 -24.36 -13.68 -0.94
CA GLY C 824 -22.94 -13.55 -0.66
C GLY C 824 -22.36 -12.22 -1.11
N VAL C 825 -23.12 -11.14 -0.99
CA VAL C 825 -22.69 -9.81 -1.37
C VAL C 825 -22.28 -9.06 -0.11
N SER C 826 -21.19 -8.31 -0.20
CA SER C 826 -20.76 -7.48 0.91
C SER C 826 -21.76 -6.35 1.14
N ILE C 827 -22.01 -6.04 2.42
CA ILE C 827 -23.02 -5.05 2.76
C ILE C 827 -22.65 -3.69 2.17
N GLU C 828 -21.36 -3.35 2.17
CA GLU C 828 -20.95 -2.05 1.65
C GLU C 828 -21.23 -1.94 0.16
N ASP C 829 -21.20 -3.06 -0.58
CA ASP C 829 -21.45 -3.00 -2.01
C ASP C 829 -22.86 -2.51 -2.31
N LEU C 830 -23.85 -3.01 -1.56
CA LEU C 830 -25.23 -2.59 -1.80
C LEU C 830 -25.39 -1.10 -1.58
N TRP C 831 -24.82 -0.58 -0.49
CA TRP C 831 -24.87 0.85 -0.24
C TRP C 831 -24.09 1.62 -1.30
N ARG C 832 -22.93 1.09 -1.70
CA ARG C 832 -22.14 1.74 -2.74
C ARG C 832 -22.91 1.78 -4.06
N ASN C 833 -23.63 0.70 -4.38
CA ASN C 833 -24.36 0.66 -5.65
C ASN C 833 -25.53 1.64 -5.66
N GLU C 834 -26.32 1.66 -4.58
CA GLU C 834 -27.52 2.51 -4.58
C GLU C 834 -27.15 3.98 -4.66
N GLN C 835 -26.10 4.40 -3.96
CA GLN C 835 -25.66 5.79 -4.07
C GLN C 835 -25.21 6.11 -5.48
N PHE C 836 -24.54 5.16 -6.14
CA PHE C 836 -24.21 5.34 -7.55
C PHE C 836 -25.47 5.43 -8.40
N TRP C 837 -26.47 4.60 -8.09
CA TRP C 837 -27.73 4.65 -8.84
C TRP C 837 -28.41 6.01 -8.67
N VAL C 838 -28.42 6.54 -7.45
CA VAL C 838 -28.98 7.87 -7.24
C VAL C 838 -28.19 8.89 -8.05
N ILE C 839 -26.87 8.76 -8.09
CA ILE C 839 -26.05 9.66 -8.89
C ILE C 839 -26.43 9.55 -10.36
N GLY C 840 -26.59 8.32 -10.86
CA GLY C 840 -26.96 8.13 -12.25
C GLY C 840 -28.29 8.77 -12.58
N GLY C 841 -29.27 8.63 -11.68
CA GLY C 841 -30.57 9.26 -11.91
C GLY C 841 -30.49 10.77 -11.92
N VAL C 842 -29.66 11.35 -11.05
CA VAL C 842 -29.59 12.80 -10.92
C VAL C 842 -29.12 13.43 -12.24
N SER C 843 -28.06 12.87 -12.83
CA SER C 843 -27.44 13.49 -14.00
C SER C 843 -27.55 12.61 -15.25
N ALA C 844 -27.08 11.38 -15.21
CA ALA C 844 -26.99 10.58 -16.42
C ALA C 844 -28.37 10.33 -17.02
N HIS C 845 -29.30 9.83 -16.20
CA HIS C 845 -30.63 9.52 -16.71
C HIS C 845 -31.40 10.79 -17.06
N LEU C 846 -31.25 11.85 -16.27
CA LEU C 846 -31.99 13.08 -16.52
C LEU C 846 -31.65 13.66 -17.88
N PHE C 847 -30.36 13.72 -18.21
CA PHE C 847 -29.96 14.22 -19.52
C PHE C 847 -30.32 13.23 -20.62
N ALA C 848 -30.18 11.93 -20.34
CA ALA C 848 -30.52 10.92 -21.34
C ALA C 848 -32.01 10.95 -21.68
N VAL C 849 -32.87 11.07 -20.65
CA VAL C 849 -34.30 11.05 -20.91
C VAL C 849 -34.74 12.32 -21.65
N PHE C 850 -34.17 13.47 -21.28
CA PHE C 850 -34.50 14.71 -22.00
C PHE C 850 -34.07 14.60 -23.46
N GLN C 851 -32.89 14.05 -23.71
CA GLN C 851 -32.47 13.82 -25.09
C GLN C 851 -33.43 12.89 -25.81
N GLY C 852 -34.02 11.94 -25.08
CA GLY C 852 -35.00 11.05 -25.70
C GLY C 852 -36.23 11.79 -26.18
N PHE C 853 -36.74 12.72 -25.38
CA PHE C 853 -37.90 13.50 -25.82
C PHE C 853 -37.59 14.30 -27.06
N LEU C 854 -36.43 14.95 -27.11
CA LEU C 854 -36.08 15.76 -28.26
C LEU C 854 -35.96 14.90 -29.51
N LYS C 855 -35.29 13.75 -29.40
CA LYS C 855 -35.15 12.87 -30.56
C LYS C 855 -36.52 12.36 -31.02
N MET C 856 -37.37 11.96 -30.07
CA MET C 856 -38.70 11.48 -30.44
C MET C 856 -39.51 12.60 -31.10
N LEU C 857 -39.44 13.81 -30.54
CA LEU C 857 -40.16 14.93 -31.14
C LEU C 857 -39.64 15.23 -32.54
N ALA C 858 -38.31 15.19 -32.72
CA ALA C 858 -37.75 15.46 -34.04
C ALA C 858 -38.19 14.39 -35.04
N GLY C 859 -38.20 13.12 -34.63
CA GLY C 859 -38.59 12.04 -35.49
C GLY C 859 -37.56 10.94 -35.57
N VAL C 882 -22.22 15.29 -25.38
CA VAL C 882 -22.19 16.17 -24.22
C VAL C 882 -20.91 15.95 -23.43
N LYS C 883 -20.43 17.00 -22.80
CA LYS C 883 -19.20 16.94 -22.01
C LYS C 883 -19.51 16.55 -20.57
N TRP C 884 -18.51 15.97 -19.91
CA TRP C 884 -18.68 15.56 -18.52
C TRP C 884 -18.95 16.76 -17.62
N THR C 885 -18.37 17.92 -17.93
CA THR C 885 -18.62 19.11 -17.12
C THR C 885 -20.09 19.51 -17.20
N THR C 886 -20.68 19.46 -18.40
CA THR C 886 -22.10 19.73 -18.52
C THR C 886 -22.92 18.67 -17.81
N LEU C 887 -22.49 17.41 -17.89
CA LEU C 887 -23.23 16.33 -17.22
C LEU C 887 -23.23 16.52 -15.71
N LEU C 888 -22.25 17.22 -15.16
CA LEU C 888 -22.14 17.42 -13.72
C LEU C 888 -22.84 18.68 -13.24
N ILE C 889 -23.51 19.41 -14.12
CA ILE C 889 -24.24 20.61 -13.69
C ILE C 889 -25.34 20.27 -12.70
N PRO C 890 -26.21 19.28 -12.94
CA PRO C 890 -27.31 19.02 -12.00
C PRO C 890 -26.81 18.58 -10.64
N PRO C 891 -25.90 17.59 -10.57
CA PRO C 891 -25.39 17.20 -9.24
C PRO C 891 -24.80 18.36 -8.46
N THR C 892 -24.01 19.21 -9.12
CA THR C 892 -23.44 20.36 -8.43
C THR C 892 -24.53 21.33 -7.99
N THR C 893 -25.51 21.57 -8.85
CA THR C 893 -26.60 22.47 -8.50
C THR C 893 -27.38 21.95 -7.31
N LEU C 894 -27.66 20.64 -7.29
CA LEU C 894 -28.40 20.07 -6.17
C LEU C 894 -27.58 20.07 -4.88
N LEU C 895 -26.26 19.85 -5.00
CA LEU C 895 -25.43 19.87 -3.81
C LEU C 895 -25.39 21.26 -3.18
N ILE C 896 -25.27 22.31 -4.00
CA ILE C 896 -25.20 23.66 -3.46
C ILE C 896 -26.55 24.10 -2.91
N ILE C 897 -27.65 23.78 -3.61
CA ILE C 897 -28.96 24.23 -3.16
C ILE C 897 -29.33 23.57 -1.84
N ASN C 898 -28.98 22.29 -1.67
CA ASN C 898 -29.31 21.59 -0.43
C ASN C 898 -28.41 22.06 0.72
N ILE C 899 -27.11 22.24 0.46
CA ILE C 899 -26.19 22.59 1.53
C ILE C 899 -26.44 24.03 2.01
N VAL C 900 -26.73 24.94 1.08
CA VAL C 900 -27.06 26.31 1.48
C VAL C 900 -28.40 26.35 2.19
N GLY C 901 -29.36 25.55 1.73
CA GLY C 901 -30.67 25.53 2.37
C GLY C 901 -30.61 25.00 3.79
N VAL C 902 -29.90 23.88 4.00
CA VAL C 902 -29.85 23.29 5.33
C VAL C 902 -29.17 24.22 6.32
N VAL C 903 -28.05 24.84 5.91
CA VAL C 903 -27.35 25.75 6.81
C VAL C 903 -28.18 27.01 7.05
N ALA C 904 -28.79 27.55 5.99
CA ALA C 904 -29.60 28.75 6.15
C ALA C 904 -30.81 28.48 7.05
N GLY C 905 -31.54 27.40 6.77
CA GLY C 905 -32.65 27.04 7.64
C GLY C 905 -32.21 26.63 9.02
N PHE C 906 -31.04 25.98 9.12
CA PHE C 906 -30.50 25.62 10.43
C PHE C 906 -30.38 26.84 11.32
N SER C 907 -29.77 27.91 10.80
CA SER C 907 -29.66 29.14 11.58
C SER C 907 -31.04 29.74 11.86
N ASP C 908 -31.94 29.71 10.87
CA ASP C 908 -33.28 30.23 11.08
C ASP C 908 -34.00 29.50 12.19
N ALA C 909 -33.67 28.22 12.42
CA ALA C 909 -34.28 27.49 13.53
C ALA C 909 -33.69 27.91 14.87
N LEU C 910 -32.40 28.28 14.89
CA LEU C 910 -31.79 28.69 16.15
C LEU C 910 -32.44 29.95 16.70
N ASN C 911 -32.76 30.92 15.83
CA ASN C 911 -33.36 32.16 16.31
C ASN C 911 -34.68 31.91 17.01
N LYS C 912 -35.40 30.85 16.63
CA LYS C 912 -36.65 30.51 17.28
C LYS C 912 -36.40 30.00 18.69
N GLY C 913 -37.42 30.11 19.54
CA GLY C 913 -37.29 29.72 20.93
C GLY C 913 -37.45 28.23 21.15
N TYR C 914 -36.57 27.44 20.54
CA TYR C 914 -36.56 25.98 20.71
C TYR C 914 -37.90 25.37 20.33
N GLU C 915 -38.60 25.97 19.38
CA GLU C 915 -39.87 25.45 18.90
C GLU C 915 -39.71 24.46 17.75
N ALA C 916 -38.48 24.28 17.25
CA ALA C 916 -38.20 23.36 16.16
C ALA C 916 -37.51 22.09 16.63
N TRP C 917 -37.63 21.77 17.92
CA TRP C 917 -36.97 20.58 18.45
C TRP C 917 -37.42 19.32 17.72
N GLY C 918 -38.67 19.28 17.28
CA GLY C 918 -39.17 18.14 16.54
C GLY C 918 -39.07 18.32 15.04
N PRO C 919 -39.64 19.42 14.52
CA PRO C 919 -39.65 19.60 13.06
C PRO C 919 -38.27 19.67 12.43
N LEU C 920 -37.30 20.29 13.11
CA LEU C 920 -36.00 20.53 12.47
C LEU C 920 -35.30 19.22 12.12
N PHE C 921 -35.31 18.25 13.05
CA PHE C 921 -34.61 16.99 12.80
C PHE C 921 -35.21 16.25 11.60
N GLY C 922 -36.54 16.23 11.50
CA GLY C 922 -37.15 15.56 10.36
C GLY C 922 -36.76 16.19 9.04
N LYS C 923 -36.79 17.51 8.97
CA LYS C 923 -36.42 18.19 7.73
C LYS C 923 -34.93 18.03 7.44
N VAL C 924 -34.09 18.12 8.48
CA VAL C 924 -32.64 18.01 8.28
C VAL C 924 -32.26 16.60 7.86
N PHE C 925 -32.95 15.59 8.41
CA PHE C 925 -32.57 14.21 8.13
C PHE C 925 -32.68 13.89 6.64
N PHE C 926 -33.76 14.34 5.99
CA PHE C 926 -33.91 14.10 4.56
C PHE C 926 -32.81 14.78 3.77
N ALA C 927 -32.48 16.02 4.14
CA ALA C 927 -31.38 16.72 3.47
C ALA C 927 -30.06 15.98 3.70
N PHE C 928 -29.82 15.49 4.91
CA PHE C 928 -28.59 14.76 5.20
C PHE C 928 -28.52 13.50 4.36
N TRP C 929 -29.64 12.80 4.20
CA TRP C 929 -29.65 11.59 3.39
C TRP C 929 -29.25 11.87 1.96
N VAL C 930 -29.80 12.95 1.38
CA VAL C 930 -29.47 13.30 0.00
C VAL C 930 -28.00 13.72 -0.11
N ILE C 931 -27.55 14.58 0.81
CA ILE C 931 -26.18 15.08 0.74
C ILE C 931 -25.17 13.96 0.93
N LEU C 932 -25.42 13.08 1.91
CA LEU C 932 -24.45 12.03 2.20
C LEU C 932 -24.30 11.09 1.02
N HIS C 933 -25.38 10.83 0.29
CA HIS C 933 -25.27 10.02 -0.93
C HIS C 933 -24.52 10.77 -2.02
N LEU C 934 -24.86 12.05 -2.21
CA LEU C 934 -24.28 12.83 -3.31
C LEU C 934 -22.86 13.31 -3.06
N TYR C 935 -22.53 13.71 -1.84
CA TYR C 935 -21.24 14.35 -1.58
C TYR C 935 -20.05 13.46 -1.91
N PRO C 936 -20.02 12.18 -1.52
CA PRO C 936 -18.79 11.40 -1.76
C PRO C 936 -18.37 11.36 -3.22
N PHE C 937 -19.33 11.29 -4.14
CA PHE C 937 -18.99 11.26 -5.56
C PHE C 937 -18.36 12.58 -6.00
N LEU C 938 -19.02 13.70 -5.68
CA LEU C 938 -18.53 15.00 -6.12
C LEU C 938 -17.17 15.33 -5.52
N LYS C 939 -16.84 14.77 -4.37
CA LYS C 939 -15.54 15.03 -3.75
C LYS C 939 -14.41 14.47 -4.61
N GLY C 940 -14.56 13.25 -5.10
CA GLY C 940 -13.46 12.59 -5.79
C GLY C 940 -13.10 13.26 -7.10
N LEU C 941 -14.10 13.60 -7.91
CA LEU C 941 -13.81 14.19 -9.22
C LEU C 941 -13.16 15.56 -9.07
N MET C 942 -13.61 16.36 -8.10
CA MET C 942 -12.99 17.64 -7.80
C MET C 942 -11.89 17.55 -6.77
N GLY C 943 -11.63 16.35 -6.24
CA GLY C 943 -10.56 16.15 -5.29
C GLY C 943 -9.44 15.30 -5.86
N ARG C 944 -8.24 15.42 -5.32
CA ARG C 944 -7.09 14.68 -5.85
C ARG C 944 -6.98 13.27 -5.28
N GLN C 945 -7.66 12.98 -4.18
CA GLN C 945 -7.62 11.65 -3.60
C GLN C 945 -8.89 11.42 -2.79
N ASN C 946 -9.30 10.16 -2.71
CA ASN C 946 -10.46 9.78 -1.89
C ASN C 946 -10.07 9.41 -0.46
N ARG C 947 -8.80 9.12 -0.20
CA ARG C 947 -8.38 8.80 1.15
C ARG C 947 -8.63 9.97 2.10
N THR C 948 -8.16 11.15 1.73
CA THR C 948 -8.37 12.37 2.50
C THR C 948 -8.91 13.43 1.55
N PRO C 949 -10.17 13.89 1.71
CA PRO C 949 -10.68 14.89 0.76
C PRO C 949 -9.83 16.14 0.76
N THR C 950 -9.75 16.81 1.92
CA THR C 950 -8.90 17.97 2.17
C THR C 950 -9.12 18.38 3.62
N ILE C 951 -8.30 19.32 4.08
CA ILE C 951 -8.53 20.00 5.34
C ILE C 951 -8.89 21.47 5.14
N VAL C 952 -8.58 22.03 3.97
CA VAL C 952 -8.89 23.45 3.72
C VAL C 952 -10.40 23.65 3.62
N VAL C 953 -11.10 22.73 2.92
CA VAL C 953 -12.54 22.89 2.75
C VAL C 953 -13.23 22.89 4.11
N LEU C 954 -12.74 22.06 5.04
CA LEU C 954 -13.26 22.12 6.41
C LEU C 954 -13.07 23.50 6.99
N TRP C 955 -11.90 24.09 6.81
CA TRP C 955 -11.68 25.46 7.29
C TRP C 955 -12.65 26.43 6.63
N SER C 956 -12.82 26.32 5.31
CA SER C 956 -13.74 27.21 4.61
C SER C 956 -15.17 27.00 5.08
N VAL C 957 -15.57 25.75 5.30
CA VAL C 957 -16.95 25.46 5.70
C VAL C 957 -17.25 26.08 7.06
N LEU C 958 -16.37 25.86 8.04
CA LEU C 958 -16.58 26.45 9.36
C LEU C 958 -16.53 27.97 9.31
N LEU C 959 -15.59 28.53 8.53
CA LEU C 959 -15.58 29.97 8.34
C LEU C 959 -16.85 30.43 7.63
N THR C 960 -17.31 29.67 6.65
CA THR C 960 -18.58 29.99 6.00
C THR C 960 -19.75 29.84 6.96
N SER C 961 -19.66 28.89 7.90
CA SER C 961 -20.67 28.78 8.93
C SER C 961 -20.69 30.04 9.80
N VAL C 962 -19.51 30.56 10.13
CA VAL C 962 -19.44 31.82 10.87
C VAL C 962 -19.99 32.95 10.02
N PHE C 963 -19.77 32.90 8.70
CA PHE C 963 -20.27 33.93 7.81
C PHE C 963 -21.79 34.06 7.92
N SER C 964 -22.50 32.95 7.75
CA SER C 964 -23.95 33.00 7.84
C SER C 964 -24.41 33.35 9.25
N LEU C 965 -23.75 32.78 10.27
CA LEU C 965 -24.15 33.04 11.63
C LEU C 965 -23.99 34.52 11.99
N VAL C 966 -22.85 35.11 11.61
CA VAL C 966 -22.61 36.52 11.90
C VAL C 966 -23.64 37.39 11.17
N TRP C 967 -23.91 37.08 9.90
CA TRP C 967 -24.86 37.86 9.13
C TRP C 967 -26.26 37.78 9.76
N VAL C 968 -26.66 36.59 10.20
CA VAL C 968 -27.98 36.44 10.82
C VAL C 968 -28.05 37.26 12.10
N LYS C 969 -27.01 37.21 12.93
CA LYS C 969 -27.00 38.00 14.15
C LYS C 969 -27.07 39.50 13.84
N ILE C 970 -26.43 39.91 12.73
CA ILE C 970 -26.39 41.33 12.38
C ILE C 970 -27.61 41.77 11.58
N ASN C 971 -28.28 40.86 10.89
CA ASN C 971 -29.46 41.20 10.10
C ASN C 971 -30.67 40.42 10.56
C2 BGC D . -1.83 36.87 7.03
C3 BGC D . -1.01 36.34 5.91
C4 BGC D . -0.98 34.85 5.87
C5 BGC D . -2.38 34.24 5.90
C6 BGC D . -2.26 32.75 6.03
C1 BGC D . -3.22 36.26 7.04
O1 BGC D . -3.87 36.66 8.16
O2 BGC D . -1.94 38.30 6.90
O3 BGC D . 0.35 36.84 6.06
O4 BGC D . -0.32 34.42 4.68
O5 BGC D . -3.18 34.76 7.02
O6 BGC D . -3.54 32.17 6.02
C2 BGC D . 1.61 33.08 4.12
C3 BGC D . 3.05 32.83 4.37
C4 BGC D . 3.88 34.06 4.22
C5 BGC D . 3.32 35.24 5.03
C6 BGC D . 4.08 36.48 4.66
C1 BGC D . 1.08 34.22 4.98
O2 BGC D . 0.87 31.88 4.43
O3 BGC D . 3.50 31.83 3.40
O4 BGC D . 5.20 33.79 4.69
O5 BGC D . 1.89 35.47 4.77
O6 BGC D . 3.57 37.57 5.41
C2 BGC D . 7.46 33.42 3.92
C3 BGC D . 8.33 32.80 2.91
C4 BGC D . 7.98 31.36 2.66
C5 BGC D . 6.50 31.17 2.37
C6 BGC D . 6.19 29.70 2.30
C1 BGC D . 5.98 33.23 3.62
O2 BGC D . 7.74 34.84 3.96
O3 BGC D . 9.71 32.90 3.37
O4 BGC D . 8.71 30.87 1.53
O5 BGC D . 5.64 31.78 3.41
O6 BGC D . 4.85 29.52 1.93
C2 BGC D . 10.57 29.37 1.15
C3 BGC D . 12.01 29.09 1.41
C4 BGC D . 12.86 30.30 1.14
C5 BGC D . 12.37 31.52 1.92
C6 BGC D . 13.16 32.72 1.49
C1 BGC D . 10.07 30.60 1.90
O2 BGC D . 9.81 28.22 1.58
O3 BGC D . 12.45 28.01 0.54
O4 BGC D . 14.20 30.02 1.53
O5 BGC D . 10.94 31.79 1.66
O6 BGC D . 12.32 33.84 1.43
C2 BGC D . 16.43 29.70 0.66
C3 BGC D . 17.25 29.17 -0.46
C4 BGC D . 16.86 27.78 -0.84
C5 BGC D . 15.37 27.68 -1.15
C6 BGC D . 15.02 26.25 -1.39
C1 BGC D . 14.94 29.59 0.37
O2 BGC D . 16.76 31.08 0.86
O3 BGC D . 18.66 29.17 -0.04
O4 BGC D . 17.60 27.40 -2.00
O5 BGC D . 14.55 28.19 -0.04
O6 BGC D . 13.64 26.14 -1.65
C2 BGC E . -6.78 -2.36 36.92
C3 BGC E . -5.59 -3.00 36.32
C4 BGC E . -5.57 -2.89 34.82
C5 BGC E . -5.75 -1.45 34.35
C6 BGC E . -5.88 -1.45 32.86
C1 BGC E . -6.95 -0.91 36.44
O1 BGC E . -8.13 -0.43 36.90
O2 BGC E . -6.66 -2.36 38.35
O3 BGC E . -5.58 -4.41 36.69
O4 BGC E . -4.31 -3.38 34.35
O5 BGC E . -6.94 -0.82 34.95
O6 BGC E . -6.01 -0.12 32.40
C2 BGC E . -3.56 -5.10 32.83
C3 BGC E . -3.66 -6.53 32.45
C4 BGC E . -3.42 -7.46 33.61
C5 BGC E . -4.26 -7.09 34.83
C6 BGC E . -3.81 -7.91 35.99
C1 BGC E . -4.46 -4.77 34.01
O2 BGC E . -3.96 -4.29 31.71
O3 BGC E . -2.67 -6.79 31.42
O4 BGC E . -3.75 -8.79 33.22
O5 BGC E . -4.16 -5.66 35.18
O6 BGC E . -4.63 -7.65 37.11
C2 BGC E . -2.76 -10.91 32.65
C3 BGC E . -1.65 -11.62 31.95
C4 BGC E . -1.44 -11.12 30.55
C5 BGC E . -1.31 -9.60 30.51
C6 BGC E . -1.26 -9.16 29.08
C1 BGC E . -2.61 -9.40 32.59
O2 BGC E . -2.77 -11.32 34.03
O3 BGC E . -2.00 -13.03 31.93
O4 BGC E . -0.24 -11.69 30.02
O5 BGC E . -2.42 -8.92 31.18
O6 BGC E . -1.04 -7.77 29.02
C2 BGC E . 0.28 -13.34 28.34
C3 BGC E . 0.17 -14.76 27.93
C4 BGC E . 0.58 -15.69 29.03
C5 BGC E . -0.20 -15.40 30.32
C6 BGC E . 0.36 -16.26 31.42
C1 BGC E . -0.47 -13.05 29.63
O2 BGC E . -0.26 -12.51 27.29
O3 BGC E . 1.03 -14.99 26.78
O4 BGC E . 0.32 -17.04 28.63
O5 BGC E . -0.10 -14.00 30.73
O6 BGC E . 0.12 -15.63 32.66
C2 BGC E . 1.39 -19.12 28.07
C3 BGC E . 2.58 -19.77 27.46
C4 BGC E . 2.89 -19.20 26.11
C5 BGC E . 3.03 -17.68 26.15
C6 BGC E . 3.21 -17.17 24.75
C1 BGC E . 1.52 -17.60 28.10
O2 BGC E . 1.24 -19.60 29.41
O3 BGC E . 2.31 -21.19 27.32
O4 BGC E . 4.12 -19.77 25.64
O5 BGC E . 1.86 -17.03 26.75
O6 BGC E . 3.35 -15.77 24.78
C2 BGC F . -37.21 3.32 -1.69
C3 BGC F . -36.51 2.26 -2.46
C4 BGC F . -35.02 2.39 -2.34
C5 BGC F . -34.56 2.46 -0.89
C6 BGC F . -33.09 2.74 -0.85
C1 BGC F . -36.75 3.38 -0.24
O1 BGC F . -37.33 4.45 0.36
O2 BGC F . -38.63 3.03 -1.71
O3 BGC F . -36.88 2.37 -3.86
O4 BGC F . -34.41 1.25 -2.96
O5 BGC F . -35.26 3.51 -0.13
O6 BGC F . -32.64 2.79 0.48
C2 BGC F . -32.86 0.85 -4.77
C3 BGC F . -32.52 1.13 -6.18
C4 BGC F . -33.66 0.87 -7.12
C5 BGC F . -34.97 1.54 -6.65
C6 BGC F . -36.10 1.05 -7.50
C1 BGC F . -34.12 1.58 -4.33
O2 BGC F . -31.76 1.27 -3.94
O3 BGC F . -31.39 0.29 -6.56
O4 BGC F . -33.34 1.36 -8.41
O5 BGC F . -35.28 1.25 -5.24
O6 BGC F . -37.27 1.72 -7.14
C2 BGC F . -32.69 0.66 -10.63
C3 BGC F . -31.91 -0.30 -11.44
C4 BGC F . -30.48 -0.42 -10.97
C5 BGC F . -30.41 -0.68 -9.47
C6 BGC F . -28.97 -0.58 -9.04
C1 BGC F . -32.61 0.37 -9.14
O2 BGC F . -34.07 0.58 -11.03
O3 BGC F . -31.92 0.18 -12.82
O4 BGC F . -29.85 -1.51 -11.64
O5 BGC F . -31.19 0.28 -8.67
O6 BGC F . -28.86 -1.00 -7.70
C2 BGC F . -28.11 -1.71 -13.31
C3 BGC F . -27.70 -1.42 -14.71
C4 BGC F . -28.76 -1.85 -15.68
C5 BGC F . -30.11 -1.24 -15.35
C6 BGC F . -31.14 -1.82 -16.28
C1 BGC F . -29.47 -1.12 -12.97
O2 BGC F . -27.13 -1.14 -12.41
O3 BGC F . -26.47 -2.13 -14.99
O4 BGC F . -28.36 -1.42 -16.99
O5 BGC F . -30.52 -1.52 -13.97
O6 BGC F . -32.39 -1.85 -15.63
C2 BGC F . -27.71 -2.24 -19.15
C3 BGC F . -26.98 -3.28 -19.92
C4 BGC F . -25.61 -3.51 -19.37
C5 BGC F . -25.63 -3.82 -17.88
C6 BGC F . -24.22 -3.90 -17.37
C1 BGC F . -27.72 -2.52 -17.66
O2 BGC F . -29.06 -2.17 -19.64
O3 BGC F . -26.86 -2.86 -21.30
O4 BGC F . -25.02 -4.62 -20.06
O5 BGC F . -26.35 -2.77 -17.12
O6 BGC F . -24.25 -4.17 -15.98
#